data_8TZD
#
_entry.id   8TZD
#
_cell.length_a   1.00
_cell.length_b   1.00
_cell.length_c   1.00
_cell.angle_alpha   90.00
_cell.angle_beta   90.00
_cell.angle_gamma   90.00
#
_symmetry.space_group_name_H-M   'P 1'
#
loop_
_entity.id
_entity.type
_entity.pdbx_description
1 polymer 'Sodium/nucleoside cotransporter'
2 non-polymer "N-hydroxy-5'-O-(2-methylpropanoyl)cytidine"
3 non-polymer 1-palmitoyl-2-oleoyl-sn-glycero-3-phosphocholine
#
_entity_poly.entity_id   1
_entity_poly.type   'polypeptide(L)'
_entity_poly.pdbx_seq_one_letter_code
;MDYKDDDDKLEATMAMSSKISVELQRVAALPAQGCSNTGFQNDEDGFENQNPSGNDHSLRNRVVQNREHENGKQVEEHIT
IGQDSLRKDEEEEDDQETHRKGCLERMCGRMSDFCREHKTTLRYIIWGILIAGYLALVIAACVMNFHRALPLFVITVVAI
FFVVWDHLMAKYESQIARFLSPGQRLLDSHWFWLKWVIWGCLILGVILWLVFDTAKLGQQQLVSFGGLIIYTSLTFLFSK
HPTKVYWRPVFWGIGLQFLLGLLILRTEPGFMAFDWLGKQVQTFLGYSDAGASFVFGEKYTDHFFAFKVLPIVIFFSTVM
SMLYYLGLMQWIIRKVGWVMLVTMGTSPVESVVASGNIFIGQTESPLLVRPYLPYVTKSELHAIMTAGFSTIAGSVLGAY
ISFGVSSSHLLTASVMSAPAALAISKLFWPETETPKINLKNAMKMESGDSRNLLEAATQGASSSISLVANIAVNLIAFLA
LLSFMNSALSWLGNMFDYPQLSFEVICSYVFMPFAFMMGVDWQDSFMVAKLIGYKTFFNEFVAYQQLSKLISLRQVGGPK
FVDGVQQYMSMRSEAISTYALCGFANFGSLGIVIGGLTSMAPSRKRDITAGAMRALIAGTIACFLTACIAGMLTNTP
;
_entity_poly.pdbx_strand_id   A,B,C
#
loop_
_chem_comp.id
_chem_comp.type
_chem_comp.name
_chem_comp.formula
LBN non-polymer 1-palmitoyl-2-oleoyl-sn-glycero-3-phosphocholine 'C42 H82 N O8 P'
XMO non-polymer N-hydroxy-5'-O-(2-methylpropanoyl)cytidine 'C13 H19 N3 O7'
#
# COMPACT_ATOMS: atom_id res chain seq x y z
N GLU A 105 34.97 -0.66 -38.44
CA GLU A 105 34.77 -1.89 -37.68
C GLU A 105 34.63 -3.09 -38.60
N ARG A 106 35.41 -3.10 -39.69
CA ARG A 106 35.44 -4.27 -40.56
C ARG A 106 35.95 -5.50 -39.80
N MET A 107 36.99 -5.32 -38.98
CA MET A 107 37.49 -6.42 -38.18
C MET A 107 36.44 -6.92 -37.20
N CYS A 108 35.69 -6.01 -36.59
CA CYS A 108 34.64 -6.41 -35.67
C CYS A 108 33.57 -7.24 -36.38
N GLY A 109 33.16 -6.80 -37.56
CA GLY A 109 32.18 -7.57 -38.32
C GLY A 109 32.70 -8.93 -38.73
N ARG A 110 33.96 -9.00 -39.15
CA ARG A 110 34.55 -10.28 -39.52
C ARG A 110 34.60 -11.21 -38.32
N MET A 111 34.99 -10.70 -37.15
CA MET A 111 35.04 -11.52 -35.95
C MET A 111 33.64 -12.01 -35.56
N SER A 112 32.64 -11.13 -35.66
CA SER A 112 31.28 -11.53 -35.36
C SER A 112 30.81 -12.64 -36.29
N ASP A 113 31.11 -12.51 -37.59
CA ASP A 113 30.74 -13.54 -38.54
C ASP A 113 31.44 -14.86 -38.21
N PHE A 114 32.73 -14.80 -37.87
CA PHE A 114 33.46 -16.01 -37.53
C PHE A 114 32.86 -16.68 -36.31
N CYS A 115 32.51 -15.90 -35.29
CA CYS A 115 31.88 -16.47 -34.10
C CYS A 115 30.53 -17.09 -34.45
N ARG A 116 29.74 -16.42 -35.29
CA ARG A 116 28.47 -16.98 -35.71
C ARG A 116 28.65 -18.28 -36.47
N GLU A 117 29.76 -18.42 -37.20
CA GLU A 117 30.03 -19.65 -37.93
C GLU A 117 30.13 -20.84 -37.00
N HIS A 118 30.79 -20.66 -35.85
CA HIS A 118 30.98 -21.70 -34.86
C HIS A 118 30.27 -21.33 -33.55
N LYS A 119 29.08 -20.70 -33.68
CA LYS A 119 28.36 -20.27 -32.49
C LYS A 119 27.96 -21.44 -31.61
N THR A 120 27.43 -22.51 -32.20
CA THR A 120 27.03 -23.67 -31.42
C THR A 120 28.24 -24.33 -30.76
N THR A 121 29.34 -24.49 -31.50
CA THR A 121 30.52 -25.10 -30.92
C THR A 121 31.14 -24.21 -29.86
N LEU A 122 31.12 -22.89 -30.05
CA LEU A 122 31.62 -21.99 -29.02
C LEU A 122 30.78 -22.09 -27.76
N ARG A 123 29.45 -22.15 -27.89
CA ARG A 123 28.58 -22.28 -26.74
C ARG A 123 28.83 -23.60 -26.02
N TYR A 124 28.98 -24.69 -26.80
CA TYR A 124 29.27 -25.98 -26.19
C TYR A 124 30.61 -25.94 -25.45
N ILE A 125 31.61 -25.29 -26.05
CA ILE A 125 32.93 -25.21 -25.42
C ILE A 125 32.84 -24.45 -24.10
N ILE A 126 32.12 -23.32 -24.08
CA ILE A 126 32.08 -22.51 -22.87
C ILE A 126 31.29 -23.23 -21.77
N TRP A 127 30.18 -23.86 -22.14
CA TRP A 127 29.43 -24.63 -21.14
C TRP A 127 30.25 -25.79 -20.60
N GLY A 128 31.00 -26.46 -21.48
CA GLY A 128 31.88 -27.52 -21.02
C GLY A 128 32.98 -27.01 -20.12
N ILE A 129 33.50 -25.82 -20.40
CA ILE A 129 34.52 -25.23 -19.55
C ILE A 129 33.97 -24.94 -18.17
N LEU A 130 32.76 -24.38 -18.11
CA LEU A 130 32.13 -24.12 -16.82
C LEU A 130 31.89 -25.41 -16.05
N ILE A 131 31.42 -26.45 -16.75
CA ILE A 131 31.18 -27.74 -16.10
C ILE A 131 32.48 -28.33 -15.59
N ALA A 132 33.55 -28.23 -16.37
CA ALA A 132 34.85 -28.72 -15.93
C ALA A 132 35.33 -27.96 -14.71
N GLY A 133 35.11 -26.65 -14.68
CA GLY A 133 35.48 -25.88 -13.50
C GLY A 133 34.71 -26.32 -12.27
N TYR A 134 33.40 -26.56 -12.41
CA TYR A 134 32.62 -27.04 -11.27
C TYR A 134 33.11 -28.40 -10.80
N LEU A 135 33.40 -29.30 -11.74
CA LEU A 135 33.91 -30.61 -11.36
C LEU A 135 35.27 -30.52 -10.68
N ALA A 136 36.13 -29.61 -11.16
CA ALA A 136 37.42 -29.41 -10.51
C ALA A 136 37.24 -28.88 -9.09
N LEU A 137 36.29 -27.97 -8.90
CA LEU A 137 36.00 -27.49 -7.55
C LEU A 137 35.57 -28.64 -6.66
N VAL A 138 34.69 -29.50 -7.15
CA VAL A 138 34.21 -30.63 -6.35
C VAL A 138 35.36 -31.55 -6.00
N ILE A 139 36.21 -31.87 -7.00
CA ILE A 139 37.27 -32.83 -6.78
C ILE A 139 38.33 -32.26 -5.83
N ALA A 140 38.63 -30.97 -5.94
CA ALA A 140 39.58 -30.36 -5.03
C ALA A 140 39.03 -30.34 -3.61
N ALA A 141 37.74 -30.02 -3.45
CA ALA A 141 37.15 -30.04 -2.13
C ALA A 141 37.22 -31.44 -1.53
N CYS A 142 36.95 -32.46 -2.33
CA CYS A 142 37.07 -33.83 -1.83
C CYS A 142 38.51 -34.16 -1.47
N VAL A 143 39.47 -33.72 -2.29
CA VAL A 143 40.87 -34.04 -2.03
C VAL A 143 41.33 -33.44 -0.71
N MET A 144 41.01 -32.16 -0.49
CA MET A 144 41.48 -31.50 0.73
C MET A 144 40.88 -32.17 1.97
N ASN A 145 39.56 -32.39 1.96
CA ASN A 145 38.90 -33.10 3.07
C ASN A 145 37.59 -33.66 2.53
N PHE A 146 37.50 -34.99 2.43
CA PHE A 146 36.31 -35.59 1.83
C PHE A 146 35.11 -35.45 2.75
N HIS A 147 35.27 -35.76 4.02
CA HIS A 147 34.17 -35.59 4.96
C HIS A 147 33.68 -34.15 4.99
N ARG A 148 34.61 -33.21 4.91
CA ARG A 148 34.23 -31.79 4.88
C ARG A 148 33.49 -31.46 3.60
N ALA A 149 33.86 -32.10 2.49
CA ALA A 149 33.28 -31.82 1.19
C ALA A 149 32.18 -32.79 0.80
N LEU A 150 31.76 -33.65 1.73
CA LEU A 150 30.80 -34.69 1.37
C LEU A 150 29.49 -34.14 0.83
N PRO A 151 28.86 -33.12 1.43
CA PRO A 151 27.57 -32.67 0.90
C PRO A 151 27.64 -32.18 -0.54
N LEU A 152 28.73 -31.53 -0.94
CA LEU A 152 28.84 -31.07 -2.32
C LEU A 152 29.02 -32.24 -3.27
N PHE A 153 29.79 -33.25 -2.87
CA PHE A 153 29.90 -34.46 -3.67
C PHE A 153 28.57 -35.16 -3.84
N VAL A 154 27.80 -35.28 -2.75
CA VAL A 154 26.50 -35.94 -2.83
C VAL A 154 25.55 -35.16 -3.74
N ILE A 155 25.54 -33.83 -3.60
CA ILE A 155 24.69 -33.01 -4.45
C ILE A 155 25.07 -33.18 -5.91
N THR A 156 26.37 -33.14 -6.21
CA THR A 156 26.82 -33.29 -7.58
C THR A 156 26.45 -34.65 -8.14
N VAL A 157 26.64 -35.71 -7.35
CA VAL A 157 26.32 -37.06 -7.81
C VAL A 157 24.83 -37.17 -8.12
N VAL A 158 23.99 -36.65 -7.22
CA VAL A 158 22.55 -36.73 -7.46
C VAL A 158 22.17 -35.98 -8.72
N ALA A 159 22.71 -34.77 -8.90
CA ALA A 159 22.36 -33.96 -10.05
C ALA A 159 22.78 -34.65 -11.35
N ILE A 160 24.00 -35.18 -11.39
CA ILE A 160 24.49 -35.80 -12.62
C ILE A 160 23.71 -37.08 -12.90
N PHE A 161 23.36 -37.84 -11.85
CA PHE A 161 22.55 -39.04 -12.06
C PHE A 161 21.20 -38.68 -12.64
N PHE A 162 20.57 -37.62 -12.13
CA PHE A 162 19.27 -37.24 -12.65
C PHE A 162 19.37 -36.79 -14.11
N VAL A 163 20.40 -36.02 -14.44
CA VAL A 163 20.55 -35.58 -15.84
C VAL A 163 20.74 -36.79 -16.75
N VAL A 164 21.60 -37.72 -16.35
CA VAL A 164 21.86 -38.89 -17.19
C VAL A 164 20.60 -39.73 -17.33
N TRP A 165 19.87 -39.93 -16.23
CA TRP A 165 18.66 -40.73 -16.28
C TRP A 165 17.61 -40.09 -17.19
N ASP A 166 17.45 -38.77 -17.08
CA ASP A 166 16.47 -38.09 -17.93
C ASP A 166 16.85 -38.22 -19.41
N HIS A 167 18.12 -38.01 -19.74
CA HIS A 167 18.54 -38.13 -21.13
C HIS A 167 18.34 -39.55 -21.64
N LEU A 168 18.71 -40.55 -20.82
CA LEU A 168 18.56 -41.94 -21.25
C LEU A 168 17.11 -42.30 -21.46
N MET A 169 16.23 -41.86 -20.55
CA MET A 169 14.81 -42.17 -20.69
C MET A 169 14.23 -41.50 -21.93
N ALA A 170 14.66 -40.27 -22.23
CA ALA A 170 14.17 -39.60 -23.43
C ALA A 170 14.65 -40.34 -24.68
N LYS A 171 15.92 -40.77 -24.71
CA LYS A 171 16.46 -41.40 -25.91
C LYS A 171 15.89 -42.80 -26.12
N TYR A 172 15.88 -43.62 -25.06
CA TYR A 172 15.49 -45.03 -25.15
C TYR A 172 14.04 -45.25 -24.73
N GLU A 173 13.18 -44.25 -24.93
CA GLU A 173 11.80 -44.39 -24.47
C GLU A 173 11.07 -45.50 -25.21
N SER A 174 11.30 -45.61 -26.53
CA SER A 174 10.57 -46.58 -27.34
C SER A 174 10.80 -48.01 -26.85
N GLN A 175 12.05 -48.39 -26.66
CA GLN A 175 12.35 -49.76 -26.23
C GLN A 175 11.76 -50.04 -24.86
N ILE A 176 11.87 -49.08 -23.95
CA ILE A 176 11.33 -49.27 -22.60
C ILE A 176 9.83 -49.47 -22.65
N ALA A 177 9.13 -48.63 -23.42
CA ALA A 177 7.68 -48.74 -23.52
C ALA A 177 7.28 -50.07 -24.14
N ARG A 178 7.98 -50.49 -25.20
CA ARG A 178 7.67 -51.76 -25.83
C ARG A 178 7.89 -52.92 -24.87
N PHE A 179 8.96 -52.87 -24.09
CA PHE A 179 9.23 -53.94 -23.13
C PHE A 179 8.18 -53.97 -22.04
N LEU A 180 7.70 -52.80 -21.61
CA LEU A 180 6.76 -52.75 -20.49
C LEU A 180 5.32 -53.02 -20.90
N SER A 181 4.96 -52.83 -22.17
CA SER A 181 3.57 -52.98 -22.57
C SER A 181 3.01 -54.38 -22.26
N PRO A 182 3.71 -55.47 -22.57
CA PRO A 182 3.13 -56.80 -22.27
C PRO A 182 2.79 -56.99 -20.80
N GLY A 183 3.62 -56.47 -19.89
CA GLY A 183 3.31 -56.59 -18.48
C GLY A 183 2.03 -55.86 -18.11
N GLN A 184 1.84 -54.66 -18.64
CA GLN A 184 0.61 -53.92 -18.39
C GLN A 184 -0.60 -54.67 -18.96
N ARG A 185 -0.46 -55.25 -20.14
CA ARG A 185 -1.56 -56.02 -20.72
C ARG A 185 -1.90 -57.21 -19.83
N LEU A 186 -0.88 -57.93 -19.36
CA LEU A 186 -1.14 -59.08 -18.48
C LEU A 186 -1.82 -58.63 -17.19
N LEU A 187 -1.37 -57.53 -16.60
CA LEU A 187 -2.00 -57.02 -15.40
C LEU A 187 -3.45 -56.67 -15.65
N ASP A 188 -3.74 -56.02 -16.77
CA ASP A 188 -5.13 -55.68 -17.09
C ASP A 188 -5.97 -56.94 -17.23
N SER A 189 -5.40 -57.99 -17.83
CA SER A 189 -6.17 -59.22 -18.03
C SER A 189 -6.55 -59.87 -16.70
N HIS A 190 -5.65 -59.85 -15.72
CA HIS A 190 -5.81 -60.58 -14.48
C HIS A 190 -6.25 -59.72 -13.31
N TRP A 191 -6.63 -58.46 -13.56
CA TRP A 191 -7.02 -57.57 -12.46
C TRP A 191 -8.31 -58.03 -11.79
N PHE A 192 -9.23 -58.62 -12.56
CA PHE A 192 -10.58 -58.87 -12.06
C PHE A 192 -10.55 -59.67 -10.77
N TRP A 193 -9.77 -60.75 -10.72
CA TRP A 193 -9.67 -61.56 -9.52
C TRP A 193 -8.55 -61.11 -8.59
N LEU A 194 -7.58 -60.36 -9.09
CA LEU A 194 -6.46 -59.92 -8.26
C LEU A 194 -6.86 -58.81 -7.30
N LYS A 195 -7.86 -58.00 -7.68
CA LYS A 195 -8.29 -56.93 -6.77
C LYS A 195 -8.83 -57.51 -5.47
N TRP A 196 -9.61 -58.59 -5.57
CA TRP A 196 -10.13 -59.23 -4.36
C TRP A 196 -8.99 -59.74 -3.49
N VAL A 197 -7.97 -60.34 -4.10
CA VAL A 197 -6.85 -60.85 -3.33
C VAL A 197 -6.15 -59.72 -2.59
N ILE A 198 -5.92 -58.60 -3.28
CA ILE A 198 -5.23 -57.48 -2.65
C ILE A 198 -6.06 -56.94 -1.48
N TRP A 199 -7.37 -56.76 -1.69
CA TRP A 199 -8.20 -56.23 -0.62
C TRP A 199 -8.23 -57.18 0.57
N GLY A 200 -8.33 -58.49 0.31
CA GLY A 200 -8.32 -59.44 1.40
C GLY A 200 -7.02 -59.43 2.17
N CYS A 201 -5.90 -59.33 1.47
CA CYS A 201 -4.61 -59.27 2.14
C CYS A 201 -4.51 -58.02 3.01
N LEU A 202 -5.00 -56.89 2.51
CA LEU A 202 -4.93 -55.66 3.30
C LEU A 202 -5.80 -55.76 4.56
N ILE A 203 -7.02 -56.30 4.41
CA ILE A 203 -7.90 -56.46 5.58
C ILE A 203 -7.25 -57.40 6.59
N LEU A 204 -6.65 -58.49 6.10
CA LEU A 204 -5.96 -59.43 6.98
C LEU A 204 -4.82 -58.76 7.72
N GLY A 205 -4.03 -57.94 7.03
CA GLY A 205 -2.94 -57.24 7.68
C GLY A 205 -3.44 -56.28 8.75
N VAL A 206 -4.51 -55.56 8.46
CA VAL A 206 -5.07 -54.64 9.46
C VAL A 206 -5.55 -55.42 10.68
N ILE A 207 -6.22 -56.57 10.47
CA ILE A 207 -6.68 -57.37 11.58
C ILE A 207 -5.50 -57.86 12.42
N LEU A 208 -4.44 -58.33 11.76
CA LEU A 208 -3.27 -58.78 12.50
C LEU A 208 -2.66 -57.64 13.31
N TRP A 209 -2.59 -56.45 12.71
CA TRP A 209 -2.03 -55.30 13.43
C TRP A 209 -2.85 -54.98 14.66
N LEU A 210 -4.18 -54.99 14.54
CA LEU A 210 -5.01 -54.73 15.70
C LEU A 210 -4.81 -55.80 16.76
N VAL A 211 -4.70 -57.07 16.34
CA VAL A 211 -4.59 -58.16 17.30
C VAL A 211 -3.29 -58.08 18.08
N PHE A 212 -2.17 -57.88 17.39
CA PHE A 212 -0.88 -58.05 18.03
C PHE A 212 -0.30 -56.76 18.59
N ASP A 213 -0.49 -55.62 17.92
CA ASP A 213 0.13 -54.38 18.36
C ASP A 213 -0.78 -53.58 19.29
N THR A 214 -1.94 -53.15 18.80
CA THR A 214 -2.78 -52.25 19.58
C THR A 214 -3.34 -52.93 20.82
N ALA A 215 -3.75 -54.19 20.69
CA ALA A 215 -4.36 -54.88 21.83
C ALA A 215 -3.39 -54.98 23.00
N LYS A 216 -2.09 -55.08 22.72
CA LYS A 216 -1.11 -55.17 23.81
C LYS A 216 -0.92 -53.82 24.49
N LEU A 217 -0.98 -52.72 23.74
CA LEU A 217 -0.76 -51.41 24.35
C LEU A 217 -1.81 -51.10 25.40
N GLY A 218 -3.07 -51.36 25.10
CA GLY A 218 -4.13 -51.07 26.04
C GLY A 218 -5.45 -50.87 25.32
N GLN A 219 -6.49 -50.61 26.12
CA GLN A 219 -7.82 -50.45 25.59
C GLN A 219 -8.00 -49.10 24.91
N GLN A 220 -7.25 -48.08 25.35
CA GLN A 220 -7.45 -46.73 24.84
C GLN A 220 -7.10 -46.59 23.36
N GLN A 221 -6.30 -47.49 22.80
CA GLN A 221 -5.97 -47.40 21.37
C GLN A 221 -7.12 -47.90 20.49
N LEU A 222 -7.89 -48.87 20.97
CA LEU A 222 -9.04 -49.33 20.20
C LEU A 222 -10.05 -48.20 20.05
N VAL A 223 -10.20 -47.38 21.09
CA VAL A 223 -11.05 -46.20 21.00
C VAL A 223 -10.51 -45.24 19.94
N SER A 224 -9.18 -45.06 19.88
CA SER A 224 -8.61 -44.23 18.83
C SER A 224 -8.97 -44.75 17.45
N PHE A 225 -8.83 -46.07 17.25
CA PHE A 225 -9.18 -46.67 15.97
C PHE A 225 -10.65 -46.43 15.63
N GLY A 226 -11.52 -46.67 16.61
CA GLY A 226 -12.93 -46.38 16.42
C GLY A 226 -13.17 -44.94 16.03
N GLY A 227 -12.48 -44.02 16.70
CA GLY A 227 -12.61 -42.62 16.34
C GLY A 227 -12.22 -42.39 14.90
N LEU A 228 -11.12 -43.00 14.47
CA LEU A 228 -10.68 -42.86 13.08
C LEU A 228 -11.80 -43.26 12.14
N ILE A 229 -12.39 -44.42 12.38
CA ILE A 229 -13.46 -44.91 11.52
C ILE A 229 -14.62 -43.94 11.54
N ILE A 230 -14.98 -43.45 12.74
CA ILE A 230 -16.11 -42.53 12.86
C ILE A 230 -15.86 -41.27 12.04
N TYR A 231 -14.64 -40.72 12.15
CA TYR A 231 -14.31 -39.50 11.43
C TYR A 231 -14.43 -39.71 9.93
N THR A 232 -13.86 -40.82 9.44
CA THR A 232 -13.95 -41.10 8.01
C THR A 232 -15.41 -41.18 7.57
N SER A 233 -16.23 -41.91 8.33
CA SER A 233 -17.65 -42.03 8.00
C SER A 233 -18.33 -40.68 7.95
N LEU A 234 -18.11 -39.85 8.98
CA LEU A 234 -18.75 -38.54 9.02
C LEU A 234 -18.32 -37.68 7.84
N THR A 235 -17.03 -37.71 7.50
CA THR A 235 -16.57 -36.94 6.35
C THR A 235 -17.25 -37.40 5.08
N PHE A 236 -17.41 -38.72 4.90
CA PHE A 236 -18.09 -39.21 3.71
C PHE A 236 -19.56 -38.82 3.71
N LEU A 237 -20.19 -38.78 4.88
CA LEU A 237 -21.62 -38.50 4.94
C LEU A 237 -21.95 -37.10 4.44
N PHE A 238 -21.13 -36.11 4.80
CA PHE A 238 -21.36 -34.72 4.46
C PHE A 238 -20.57 -34.27 3.24
N SER A 239 -20.05 -35.20 2.46
CA SER A 239 -19.25 -34.85 1.30
C SER A 239 -20.10 -34.12 0.27
N LYS A 240 -19.45 -33.25 -0.52
CA LYS A 240 -20.18 -32.44 -1.49
C LYS A 240 -20.89 -33.32 -2.51
N HIS A 241 -20.21 -34.35 -3.03
CA HIS A 241 -20.78 -35.29 -3.99
C HIS A 241 -20.59 -36.70 -3.44
N PRO A 242 -21.47 -37.16 -2.56
CA PRO A 242 -21.28 -38.50 -1.99
C PRO A 242 -21.16 -39.59 -3.04
N THR A 243 -21.92 -39.50 -4.12
CA THR A 243 -21.93 -40.57 -5.11
C THR A 243 -20.63 -40.63 -5.90
N LYS A 244 -20.05 -39.48 -6.23
CA LYS A 244 -18.88 -39.42 -7.10
C LYS A 244 -17.59 -39.36 -6.27
N VAL A 245 -17.38 -40.38 -5.45
CA VAL A 245 -16.25 -40.45 -4.55
C VAL A 245 -15.27 -41.48 -5.08
N TYR A 246 -13.99 -41.11 -5.12
CA TYR A 246 -12.92 -42.01 -5.56
C TYR A 246 -12.19 -42.48 -4.31
N TRP A 247 -12.31 -43.77 -3.99
CA TRP A 247 -11.83 -44.29 -2.72
C TRP A 247 -10.34 -44.60 -2.72
N ARG A 248 -9.70 -44.68 -3.88
CA ARG A 248 -8.27 -45.00 -3.89
C ARG A 248 -7.44 -43.92 -3.20
N PRO A 249 -7.58 -42.64 -3.53
CA PRO A 249 -6.81 -41.63 -2.79
C PRO A 249 -7.03 -41.69 -1.28
N VAL A 250 -8.25 -41.95 -0.83
CA VAL A 250 -8.54 -41.92 0.61
C VAL A 250 -7.79 -43.03 1.32
N PHE A 251 -7.92 -44.26 0.83
CA PHE A 251 -7.22 -45.38 1.47
C PHE A 251 -5.71 -45.20 1.38
N TRP A 252 -5.22 -44.74 0.22
CA TRP A 252 -3.79 -44.54 0.11
C TRP A 252 -3.29 -43.48 1.08
N GLY A 253 -4.03 -42.39 1.24
CA GLY A 253 -3.62 -41.36 2.17
C GLY A 253 -3.60 -41.85 3.61
N ILE A 254 -4.65 -42.57 4.02
CA ILE A 254 -4.67 -43.10 5.38
C ILE A 254 -3.50 -44.04 5.60
N GLY A 255 -3.28 -44.97 4.67
CA GLY A 255 -2.18 -45.90 4.81
C GLY A 255 -0.83 -45.21 4.84
N LEU A 256 -0.65 -44.20 3.98
CA LEU A 256 0.63 -43.51 3.91
C LEU A 256 0.91 -42.73 5.20
N GLN A 257 -0.11 -42.07 5.74
CA GLN A 257 0.12 -41.35 6.99
C GLN A 257 0.41 -42.33 8.12
N PHE A 258 -0.25 -43.49 8.10
CA PHE A 258 0.08 -44.52 9.09
C PHE A 258 1.54 -44.95 8.97
N LEU A 259 2.01 -45.22 7.75
CA LEU A 259 3.37 -45.68 7.57
C LEU A 259 4.38 -44.61 7.96
N LEU A 260 4.14 -43.36 7.56
CA LEU A 260 5.05 -42.29 7.94
C LEU A 260 5.08 -42.07 9.45
N GLY A 261 3.92 -42.13 10.10
CA GLY A 261 3.91 -42.05 11.55
C GLY A 261 4.72 -43.16 12.17
N LEU A 262 4.59 -44.38 11.65
CA LEU A 262 5.36 -45.48 12.20
C LEU A 262 6.84 -45.39 11.86
N LEU A 263 7.17 -44.71 10.76
CA LEU A 263 8.56 -44.54 10.35
C LEU A 263 9.27 -43.45 11.14
N ILE A 264 8.53 -42.46 11.63
CA ILE A 264 9.12 -41.35 12.37
C ILE A 264 9.09 -41.61 13.87
N LEU A 265 8.01 -42.21 14.37
CA LEU A 265 7.89 -42.44 15.81
C LEU A 265 8.77 -43.60 16.27
N ARG A 266 8.80 -44.70 15.52
CA ARG A 266 9.49 -45.91 15.99
C ARG A 266 10.98 -45.91 15.67
N THR A 267 11.38 -45.30 14.55
CA THR A 267 12.75 -45.37 14.07
C THR A 267 13.41 -44.01 14.14
N GLU A 268 14.60 -43.97 14.74
CA GLU A 268 15.37 -42.72 14.78
C GLU A 268 15.82 -42.26 13.39
N PRO A 269 16.34 -43.13 12.52
CA PRO A 269 16.80 -42.66 11.21
C PRO A 269 15.74 -41.88 10.45
N GLY A 270 14.49 -42.29 10.52
CA GLY A 270 13.43 -41.51 9.90
C GLY A 270 13.30 -40.14 10.53
N PHE A 271 13.49 -40.06 11.85
CA PHE A 271 13.42 -38.77 12.54
C PHE A 271 14.51 -37.83 12.06
N MET A 272 15.73 -38.35 11.88
CA MET A 272 16.86 -37.49 11.58
C MET A 272 16.68 -36.75 10.26
N ALA A 273 16.20 -37.45 9.22
CA ALA A 273 16.07 -36.83 7.91
C ALA A 273 15.08 -35.68 7.93
N PHE A 274 13.92 -35.87 8.56
CA PHE A 274 12.93 -34.80 8.60
C PHE A 274 13.40 -33.65 9.47
N ASP A 275 14.12 -33.94 10.55
CA ASP A 275 14.74 -32.86 11.32
C ASP A 275 15.65 -32.03 10.42
N TRP A 276 16.48 -32.70 9.62
CA TRP A 276 17.40 -32.01 8.74
C TRP A 276 16.66 -31.11 7.76
N LEU A 277 15.59 -31.63 7.16
CA LEU A 277 14.82 -30.83 6.21
C LEU A 277 14.21 -29.60 6.87
N GLY A 278 13.65 -29.77 8.07
CA GLY A 278 13.08 -28.64 8.78
C GLY A 278 14.11 -27.57 9.07
N LYS A 279 15.31 -28.00 9.52
CA LYS A 279 16.37 -27.02 9.76
C LYS A 279 16.70 -26.26 8.49
N GLN A 280 16.78 -26.97 7.35
CA GLN A 280 17.11 -26.28 6.10
C GLN A 280 16.07 -25.22 5.77
N VAL A 281 14.79 -25.55 5.93
CA VAL A 281 13.76 -24.57 5.57
C VAL A 281 13.81 -23.35 6.49
N GLN A 282 13.99 -23.57 7.80
CA GLN A 282 14.08 -22.43 8.70
C GLN A 282 15.28 -21.55 8.36
N THR A 283 16.42 -22.18 8.09
CA THR A 283 17.59 -21.41 7.66
C THR A 283 17.28 -20.61 6.41
N PHE A 284 16.48 -21.17 5.50
CA PHE A 284 16.12 -20.43 4.30
C PHE A 284 15.32 -19.17 4.63
N LEU A 285 14.37 -19.28 5.56
CA LEU A 285 13.55 -18.10 5.90
C LEU A 285 14.37 -17.02 6.64
N GLY A 286 15.43 -17.43 7.32
CA GLY A 286 16.23 -16.46 8.04
C GLY A 286 16.74 -15.31 7.17
N TYR A 287 16.82 -15.54 5.86
CA TYR A 287 17.36 -14.54 4.94
C TYR A 287 16.39 -13.40 4.70
N SER A 288 15.12 -13.72 4.45
CA SER A 288 14.10 -12.69 4.42
C SER A 288 14.05 -11.96 5.76
N ASP A 289 14.24 -12.67 6.86
CA ASP A 289 14.31 -11.99 8.15
C ASP A 289 15.41 -10.92 8.15
N ALA A 290 16.58 -11.25 7.61
CA ALA A 290 17.67 -10.28 7.59
C ALA A 290 17.35 -9.06 6.72
N GLY A 291 16.77 -9.30 5.54
CA GLY A 291 16.41 -8.18 4.68
C GLY A 291 15.41 -7.25 5.34
N ALA A 292 14.38 -7.82 5.96
CA ALA A 292 13.40 -7.01 6.68
C ALA A 292 14.05 -6.27 7.83
N SER A 293 15.05 -6.88 8.48
CA SER A 293 15.76 -6.18 9.55
C SER A 293 16.42 -4.93 9.03
N PHE A 294 17.03 -5.01 7.84
CA PHE A 294 17.62 -3.80 7.28
C PHE A 294 16.56 -2.75 6.98
N VAL A 295 15.52 -3.12 6.24
CA VAL A 295 14.62 -2.09 5.71
C VAL A 295 13.82 -1.43 6.83
N PHE A 296 13.37 -2.20 7.82
CA PHE A 296 12.48 -1.68 8.87
C PHE A 296 13.22 -1.33 10.16
N GLY A 297 14.54 -1.24 10.12
CA GLY A 297 15.32 -0.94 11.31
C GLY A 297 15.56 -2.17 12.16
N GLU A 298 16.46 -2.01 13.13
CA GLU A 298 16.80 -3.13 13.99
C GLU A 298 15.68 -3.50 14.96
N LYS A 299 14.71 -2.61 15.15
CA LYS A 299 13.58 -2.85 16.04
C LYS A 299 12.38 -3.45 15.32
N TYR A 300 12.59 -4.11 14.19
CA TYR A 300 11.48 -4.68 13.45
C TYR A 300 10.78 -5.79 14.23
N THR A 301 11.47 -6.43 15.18
CA THR A 301 10.84 -7.48 15.98
C THR A 301 9.75 -6.95 16.90
N ASP A 302 9.66 -5.63 17.09
CA ASP A 302 8.58 -5.07 17.91
C ASP A 302 7.22 -5.44 17.33
N HIS A 303 7.08 -5.34 16.01
CA HIS A 303 5.85 -5.67 15.31
C HIS A 303 6.13 -6.96 14.54
N PHE A 304 5.87 -8.09 15.19
CA PHE A 304 6.31 -9.37 14.63
C PHE A 304 5.68 -9.61 13.27
N PHE A 305 4.34 -9.65 13.21
CA PHE A 305 3.70 -10.07 11.96
C PHE A 305 4.02 -9.11 10.82
N ALA A 306 3.78 -7.82 11.02
CA ALA A 306 3.84 -6.86 9.91
C ALA A 306 5.23 -6.79 9.32
N PHE A 307 6.27 -6.77 10.16
CA PHE A 307 7.62 -6.55 9.69
C PHE A 307 8.46 -7.81 9.60
N LYS A 308 7.90 -8.98 9.92
CA LYS A 308 8.65 -10.22 9.82
C LYS A 308 7.96 -11.28 8.95
N VAL A 309 6.65 -11.47 9.09
CA VAL A 309 6.01 -12.59 8.41
C VAL A 309 5.79 -12.29 6.93
N LEU A 310 5.61 -11.02 6.58
CA LEU A 310 5.32 -10.67 5.19
C LEU A 310 6.58 -10.59 4.33
N PRO A 311 7.69 -10.07 4.83
CA PRO A 311 8.93 -10.14 4.05
C PRO A 311 9.28 -11.55 3.62
N ILE A 312 8.88 -12.55 4.41
CA ILE A 312 9.02 -13.93 3.95
C ILE A 312 8.26 -14.13 2.65
N VAL A 313 7.05 -13.58 2.57
CA VAL A 313 6.26 -13.71 1.35
C VAL A 313 6.98 -13.03 0.19
N ILE A 314 7.52 -11.83 0.42
CA ILE A 314 8.21 -11.12 -0.65
C ILE A 314 9.39 -11.94 -1.17
N PHE A 315 10.24 -12.40 -0.26
CA PHE A 315 11.43 -13.16 -0.68
C PHE A 315 11.04 -14.46 -1.38
N PHE A 316 10.03 -15.16 -0.86
CA PHE A 316 9.62 -16.40 -1.51
C PHE A 316 9.05 -16.13 -2.89
N SER A 317 8.30 -15.04 -3.05
CA SER A 317 7.80 -14.68 -4.37
C SER A 317 8.96 -14.49 -5.34
N THR A 318 9.95 -13.71 -4.93
CA THR A 318 11.12 -13.46 -5.78
C THR A 318 11.78 -14.76 -6.21
N VAL A 319 12.12 -15.61 -5.24
CA VAL A 319 12.86 -16.83 -5.54
C VAL A 319 12.02 -17.75 -6.44
N MET A 320 10.73 -17.86 -6.17
CA MET A 320 9.89 -18.73 -6.98
C MET A 320 9.77 -18.23 -8.41
N SER A 321 9.67 -16.91 -8.59
CA SER A 321 9.69 -16.35 -9.95
C SER A 321 10.97 -16.75 -10.67
N MET A 322 12.11 -16.59 -9.99
CA MET A 322 13.39 -16.94 -10.62
C MET A 322 13.45 -18.42 -10.97
N LEU A 323 12.94 -19.28 -10.09
CA LEU A 323 13.03 -20.72 -10.32
C LEU A 323 12.07 -21.18 -11.41
N TYR A 324 10.94 -20.50 -11.58
CA TYR A 324 10.06 -20.80 -12.69
C TYR A 324 10.67 -20.35 -14.01
N TYR A 325 11.37 -19.21 -14.01
CA TYR A 325 12.07 -18.79 -15.23
C TYR A 325 13.14 -19.80 -15.60
N LEU A 326 13.97 -20.23 -14.64
CA LEU A 326 15.07 -21.14 -14.98
C LEU A 326 14.54 -22.47 -15.49
N GLY A 327 13.44 -22.96 -14.94
CA GLY A 327 12.85 -24.20 -15.36
C GLY A 327 13.05 -25.38 -14.42
N LEU A 328 13.59 -25.16 -13.22
CA LEU A 328 13.75 -26.26 -12.27
C LEU A 328 12.42 -26.62 -11.62
N MET A 329 11.60 -25.63 -11.32
CA MET A 329 10.37 -25.92 -10.58
C MET A 329 9.43 -26.76 -11.41
N GLN A 330 9.42 -26.58 -12.73
CA GLN A 330 8.59 -27.41 -13.58
C GLN A 330 9.12 -28.85 -13.65
N TRP A 331 10.43 -29.03 -13.64
CA TRP A 331 10.99 -30.38 -13.56
C TRP A 331 10.58 -31.05 -12.24
N ILE A 332 10.70 -30.33 -11.13
CA ILE A 332 10.29 -30.87 -9.84
C ILE A 332 8.82 -31.25 -9.87
N ILE A 333 7.99 -30.35 -10.42
CA ILE A 333 6.55 -30.60 -10.44
C ILE A 333 6.25 -31.83 -11.28
N ARG A 334 6.98 -32.02 -12.38
CA ARG A 334 6.75 -33.19 -13.22
C ARG A 334 7.10 -34.47 -12.48
N LYS A 335 8.26 -34.50 -11.83
CA LYS A 335 8.67 -35.72 -11.12
C LYS A 335 7.68 -36.05 -10.00
N VAL A 336 7.32 -35.05 -9.19
CA VAL A 336 6.39 -35.29 -8.09
C VAL A 336 5.04 -35.73 -8.62
N GLY A 337 4.55 -35.08 -9.68
CA GLY A 337 3.29 -35.48 -10.26
C GLY A 337 3.30 -36.92 -10.71
N TRP A 338 4.37 -37.35 -11.38
CA TRP A 338 4.41 -38.73 -11.87
C TRP A 338 4.42 -39.71 -10.71
N VAL A 339 5.30 -39.50 -9.72
CA VAL A 339 5.38 -40.46 -8.62
C VAL A 339 4.05 -40.53 -7.88
N MET A 340 3.45 -39.37 -7.60
CA MET A 340 2.20 -39.36 -6.86
C MET A 340 1.05 -39.93 -7.68
N LEU A 341 1.06 -39.75 -9.00
CA LEU A 341 0.02 -40.31 -9.85
C LEU A 341 0.11 -41.82 -9.88
N VAL A 342 1.33 -42.37 -9.92
CA VAL A 342 1.46 -43.82 -9.82
C VAL A 342 1.00 -44.32 -8.46
N THR A 343 1.39 -43.60 -7.39
CA THR A 343 1.04 -44.05 -6.05
C THR A 343 -0.38 -43.67 -5.65
N MET A 344 -0.91 -42.57 -6.16
CA MET A 344 -2.25 -42.10 -5.81
C MET A 344 -2.88 -41.43 -7.02
N GLY A 345 -4.19 -41.23 -6.95
CA GLY A 345 -4.88 -40.49 -7.98
C GLY A 345 -4.65 -38.99 -7.93
N THR A 346 -3.99 -38.50 -6.89
CA THR A 346 -3.78 -37.07 -6.71
C THR A 346 -3.09 -36.48 -7.94
N SER A 347 -3.56 -35.31 -8.37
CA SER A 347 -2.98 -34.63 -9.50
C SER A 347 -1.68 -33.93 -9.10
N PRO A 348 -0.85 -33.56 -10.09
CA PRO A 348 0.47 -32.98 -9.74
C PRO A 348 0.40 -31.70 -8.95
N VAL A 349 -0.52 -30.78 -9.29
CA VAL A 349 -0.51 -29.46 -8.67
C VAL A 349 -0.76 -29.56 -7.18
N GLU A 350 -1.85 -30.25 -6.81
CA GLU A 350 -2.20 -30.34 -5.39
C GLU A 350 -1.23 -31.25 -4.64
N SER A 351 -0.66 -32.25 -5.30
CA SER A 351 0.38 -33.06 -4.67
C SER A 351 1.58 -32.21 -4.29
N VAL A 352 2.04 -31.37 -5.23
CA VAL A 352 3.19 -30.51 -4.94
C VAL A 352 2.85 -29.51 -3.85
N VAL A 353 1.65 -28.94 -3.89
CA VAL A 353 1.25 -27.99 -2.85
C VAL A 353 1.23 -28.67 -1.49
N ALA A 354 0.65 -29.86 -1.42
CA ALA A 354 0.56 -30.57 -0.15
C ALA A 354 1.94 -30.91 0.39
N SER A 355 2.83 -31.39 -0.49
CA SER A 355 4.20 -31.67 -0.05
C SER A 355 4.89 -30.41 0.43
N GLY A 356 4.71 -29.30 -0.27
CA GLY A 356 5.37 -28.06 0.12
C GLY A 356 4.87 -27.54 1.46
N ASN A 357 3.58 -27.69 1.73
CA ASN A 357 3.01 -27.14 2.95
C ASN A 357 3.54 -27.83 4.21
N ILE A 358 4.21 -28.96 4.08
CA ILE A 358 4.74 -29.66 5.24
C ILE A 358 5.63 -28.71 6.04
N PHE A 359 6.49 -27.95 5.36
CA PHE A 359 7.43 -27.06 6.01
C PHE A 359 7.28 -25.60 5.64
N ILE A 360 6.31 -25.25 4.79
CA ILE A 360 6.14 -23.88 4.31
C ILE A 360 4.76 -23.37 4.75
N GLY A 361 4.68 -22.06 4.94
CA GLY A 361 3.46 -21.46 5.42
C GLY A 361 2.33 -21.55 4.41
N GLN A 362 1.12 -21.27 4.90
CA GLN A 362 -0.06 -21.33 4.03
C GLN A 362 -0.05 -20.22 2.99
N THR A 363 0.43 -19.04 3.35
CA THR A 363 0.44 -17.92 2.41
C THR A 363 1.55 -18.07 1.37
N GLU A 364 2.69 -18.64 1.75
CA GLU A 364 3.79 -18.80 0.82
C GLU A 364 3.55 -19.94 -0.17
N SER A 365 2.98 -21.04 0.30
CA SER A 365 3.01 -22.28 -0.48
C SER A 365 2.30 -22.18 -1.82
N PRO A 366 1.13 -21.54 -1.96
CA PRO A 366 0.50 -21.48 -3.29
C PRO A 366 1.38 -20.82 -4.33
N LEU A 367 2.38 -20.03 -3.94
CA LEU A 367 3.34 -19.50 -4.89
C LEU A 367 4.12 -20.60 -5.60
N LEU A 368 4.14 -21.80 -5.03
CA LEU A 368 4.78 -22.92 -5.72
C LEU A 368 4.12 -23.21 -7.06
N VAL A 369 2.80 -23.04 -7.14
CA VAL A 369 2.03 -23.41 -8.32
C VAL A 369 1.25 -22.20 -8.83
N ARG A 370 1.77 -21.00 -8.59
CA ARG A 370 1.07 -19.78 -9.00
C ARG A 370 0.68 -19.79 -10.47
N PRO A 371 1.57 -20.12 -11.41
CA PRO A 371 1.19 -20.03 -12.82
C PRO A 371 -0.03 -20.85 -13.17
N TYR A 372 -0.24 -21.97 -12.47
CA TYR A 372 -1.35 -22.87 -12.75
C TYR A 372 -2.62 -22.50 -12.00
N LEU A 373 -2.57 -21.52 -11.10
CA LEU A 373 -3.74 -21.25 -10.27
C LEU A 373 -4.99 -20.91 -11.08
N PRO A 374 -4.94 -20.06 -12.11
CA PRO A 374 -6.18 -19.76 -12.84
C PRO A 374 -6.86 -20.97 -13.45
N TYR A 375 -6.10 -22.00 -13.84
CA TYR A 375 -6.65 -23.11 -14.60
C TYR A 375 -6.94 -24.35 -13.77
N VAL A 376 -6.82 -24.27 -12.44
CA VAL A 376 -7.11 -25.43 -11.60
C VAL A 376 -8.61 -25.61 -11.48
N THR A 377 -9.04 -26.86 -11.36
CA THR A 377 -10.45 -27.15 -11.14
C THR A 377 -10.85 -26.78 -9.72
N LYS A 378 -12.16 -26.82 -9.46
CA LYS A 378 -12.66 -26.46 -8.14
C LYS A 378 -12.17 -27.41 -7.08
N SER A 379 -12.13 -28.71 -7.39
CA SER A 379 -11.64 -29.68 -6.41
C SER A 379 -10.18 -29.46 -6.09
N GLU A 380 -9.35 -29.17 -7.10
CA GLU A 380 -7.94 -28.96 -6.85
C GLU A 380 -7.70 -27.68 -6.05
N LEU A 381 -8.48 -26.63 -6.30
CA LEU A 381 -8.38 -25.43 -5.49
C LEU A 381 -8.79 -25.70 -4.05
N HIS A 382 -9.85 -26.48 -3.85
CA HIS A 382 -10.25 -26.86 -2.51
C HIS A 382 -9.14 -27.65 -1.82
N ALA A 383 -8.50 -28.56 -2.54
CA ALA A 383 -7.39 -29.32 -1.97
C ALA A 383 -6.24 -28.40 -1.59
N ILE A 384 -5.94 -27.40 -2.44
CA ILE A 384 -4.89 -26.44 -2.13
C ILE A 384 -5.20 -25.73 -0.81
N MET A 385 -6.41 -25.20 -0.69
CA MET A 385 -6.76 -24.46 0.52
C MET A 385 -6.75 -25.36 1.75
N THR A 386 -7.26 -26.58 1.62
CA THR A 386 -7.28 -27.50 2.75
C THR A 386 -5.87 -27.86 3.19
N ALA A 387 -4.99 -28.15 2.24
CA ALA A 387 -3.61 -28.44 2.58
C ALA A 387 -2.96 -27.25 3.28
N GLY A 388 -3.30 -26.04 2.85
CA GLY A 388 -2.81 -24.86 3.53
C GLY A 388 -3.28 -24.78 4.98
N PHE A 389 -4.55 -25.09 5.21
CA PHE A 389 -5.12 -24.88 6.55
C PHE A 389 -4.68 -25.93 7.56
N SER A 390 -4.10 -27.06 7.13
CA SER A 390 -3.84 -28.18 8.03
C SER A 390 -2.35 -28.43 8.27
N THR A 391 -1.52 -27.39 8.20
CA THR A 391 -0.11 -27.52 8.53
C THR A 391 0.38 -26.19 9.10
N ILE A 392 1.52 -26.24 9.78
CA ILE A 392 2.12 -25.05 10.38
C ILE A 392 3.47 -24.79 9.71
N ALA A 393 3.91 -23.54 9.82
CA ALA A 393 5.14 -23.10 9.17
C ALA A 393 6.36 -23.51 9.99
N GLY A 394 7.54 -23.07 9.56
CA GLY A 394 8.78 -23.44 10.21
C GLY A 394 9.14 -22.57 11.41
N SER A 395 9.02 -21.25 11.26
CA SER A 395 9.36 -20.37 12.37
C SER A 395 8.45 -20.62 13.58
N VAL A 396 7.15 -20.80 13.33
CA VAL A 396 6.24 -21.15 14.42
C VAL A 396 6.63 -22.48 15.02
N LEU A 397 7.11 -23.41 14.20
CA LEU A 397 7.53 -24.71 14.74
C LEU A 397 8.71 -24.53 15.68
N GLY A 398 9.67 -23.70 15.31
CA GLY A 398 10.77 -23.41 16.23
C GLY A 398 10.28 -22.78 17.53
N ALA A 399 9.36 -21.82 17.43
CA ALA A 399 8.84 -21.18 18.64
C ALA A 399 8.08 -22.15 19.54
N TYR A 400 7.41 -23.16 18.95
CA TYR A 400 6.67 -24.14 19.72
C TYR A 400 7.59 -25.16 20.38
N ILE A 401 8.61 -25.63 19.67
CA ILE A 401 9.63 -26.43 20.34
C ILE A 401 10.36 -25.64 21.39
N SER A 402 10.34 -24.31 21.30
CA SER A 402 10.91 -23.49 22.37
C SER A 402 9.98 -23.46 23.58
N PHE A 403 8.67 -23.31 23.37
CA PHE A 403 7.75 -23.21 24.49
C PHE A 403 7.85 -24.42 25.42
N GLY A 404 8.26 -25.58 24.91
CA GLY A 404 8.28 -26.81 25.68
C GLY A 404 7.45 -27.93 25.07
N VAL A 405 6.78 -27.70 23.95
CA VAL A 405 6.09 -28.79 23.27
C VAL A 405 7.12 -29.76 22.70
N SER A 406 6.76 -31.03 22.65
CA SER A 406 7.68 -32.03 22.14
C SER A 406 8.02 -31.75 20.69
N SER A 407 9.29 -31.94 20.35
CA SER A 407 9.73 -31.77 18.96
C SER A 407 9.30 -32.95 18.09
N SER A 408 9.41 -34.17 18.62
CA SER A 408 9.06 -35.35 17.84
C SER A 408 7.60 -35.33 17.43
N HIS A 409 6.71 -34.99 18.38
CA HIS A 409 5.29 -34.97 18.07
C HIS A 409 4.94 -33.87 17.08
N LEU A 410 5.54 -32.69 17.24
CA LEU A 410 5.29 -31.61 16.28
C LEU A 410 5.73 -32.03 14.87
N LEU A 411 6.92 -32.62 14.76
CA LEU A 411 7.40 -33.05 13.45
C LEU A 411 6.50 -34.12 12.86
N THR A 412 6.11 -35.10 13.68
CA THR A 412 5.27 -36.19 13.19
C THR A 412 3.93 -35.65 12.71
N ALA A 413 3.33 -34.73 13.47
CA ALA A 413 2.06 -34.16 13.05
C ALA A 413 2.21 -33.38 11.75
N SER A 414 3.26 -32.56 11.64
CA SER A 414 3.45 -31.78 10.41
C SER A 414 3.60 -32.70 9.21
N VAL A 415 4.37 -33.78 9.36
CA VAL A 415 4.59 -34.69 8.23
C VAL A 415 3.32 -35.46 7.89
N MET A 416 2.57 -35.90 8.92
CA MET A 416 1.38 -36.70 8.67
C MET A 416 0.22 -35.87 8.16
N SER A 417 0.23 -34.56 8.36
CA SER A 417 -0.91 -33.74 7.94
C SER A 417 -1.12 -33.80 6.43
N ALA A 418 -0.04 -33.78 5.65
CA ALA A 418 -0.17 -33.68 4.20
C ALA A 418 -0.96 -34.83 3.59
N PRO A 419 -0.59 -36.10 3.78
CA PRO A 419 -1.46 -37.18 3.28
C PRO A 419 -2.87 -37.09 3.80
N ALA A 420 -3.05 -36.75 5.08
CA ALA A 420 -4.39 -36.61 5.62
C ALA A 420 -5.15 -35.50 4.92
N ALA A 421 -4.47 -34.38 4.66
CA ALA A 421 -5.13 -33.27 3.96
C ALA A 421 -5.59 -33.70 2.57
N LEU A 422 -4.74 -34.41 1.84
CA LEU A 422 -5.13 -34.84 0.49
C LEU A 422 -6.30 -35.82 0.56
N ALA A 423 -6.25 -36.79 1.47
CA ALA A 423 -7.34 -37.76 1.57
C ALA A 423 -8.65 -37.07 1.92
N ILE A 424 -8.62 -36.14 2.88
CA ILE A 424 -9.84 -35.48 3.30
C ILE A 424 -10.37 -34.55 2.21
N SER A 425 -9.48 -33.93 1.44
CA SER A 425 -9.96 -33.12 0.33
C SER A 425 -10.61 -33.98 -0.73
N LYS A 426 -10.02 -35.13 -1.05
CA LYS A 426 -10.59 -36.00 -2.07
C LYS A 426 -11.91 -36.61 -1.62
N LEU A 427 -12.11 -36.80 -0.31
CA LEU A 427 -13.35 -37.36 0.18
C LEU A 427 -14.42 -36.29 0.37
N PHE A 428 -14.05 -35.15 0.95
CA PHE A 428 -15.02 -34.11 1.29
C PHE A 428 -15.56 -33.41 0.05
N TRP A 429 -14.71 -33.21 -0.96
CA TRP A 429 -15.10 -32.53 -2.19
C TRP A 429 -14.42 -33.22 -3.36
N PRO A 430 -15.00 -34.31 -3.85
CA PRO A 430 -14.37 -35.05 -4.96
C PRO A 430 -14.44 -34.27 -6.25
N GLU A 431 -13.64 -34.71 -7.22
CA GLU A 431 -13.48 -34.01 -8.50
C GLU A 431 -14.38 -34.67 -9.54
N THR A 432 -15.54 -34.04 -9.79
CA THR A 432 -16.43 -34.52 -10.85
C THR A 432 -16.00 -34.01 -12.22
N GLU A 433 -15.59 -32.76 -12.30
CA GLU A 433 -15.24 -32.14 -13.57
C GLU A 433 -13.91 -32.67 -14.10
N THR A 434 -13.76 -32.65 -15.42
CA THR A 434 -12.50 -33.05 -16.02
C THR A 434 -11.43 -32.00 -15.72
N PRO A 435 -10.17 -32.42 -15.59
CA PRO A 435 -9.11 -31.48 -15.24
C PRO A 435 -8.85 -30.48 -16.36
N LYS A 436 -8.30 -29.33 -15.96
CA LYS A 436 -7.90 -28.29 -16.90
C LYS A 436 -9.09 -27.58 -17.51
N ASP A 449 7.29 -15.53 -19.56
CA ASP A 449 7.01 -14.14 -19.87
C ASP A 449 8.13 -13.22 -19.42
N SER A 450 9.22 -13.81 -18.92
CA SER A 450 10.37 -13.06 -18.42
C SER A 450 11.48 -13.12 -19.47
N ARG A 451 11.94 -11.95 -19.90
CA ARG A 451 13.00 -11.91 -20.91
C ARG A 451 14.33 -12.37 -20.35
N ASN A 452 14.65 -11.97 -19.12
CA ASN A 452 15.92 -12.33 -18.48
C ASN A 452 15.68 -12.53 -16.99
N LEU A 453 16.77 -12.73 -16.25
CA LEU A 453 16.66 -13.07 -14.84
C LEU A 453 16.20 -11.89 -13.99
N LEU A 454 16.79 -10.71 -14.24
CA LEU A 454 16.39 -9.52 -13.49
C LEU A 454 14.90 -9.25 -13.62
N GLU A 455 14.34 -9.48 -14.81
CA GLU A 455 12.90 -9.32 -14.98
C GLU A 455 12.14 -10.25 -14.05
N ALA A 456 12.59 -11.51 -13.96
CA ALA A 456 11.98 -12.44 -13.03
C ALA A 456 11.97 -11.90 -11.62
N ALA A 457 13.13 -11.45 -11.14
CA ALA A 457 13.21 -10.96 -9.77
C ALA A 457 12.30 -9.77 -9.54
N THR A 458 12.32 -8.81 -10.46
CA THR A 458 11.53 -7.60 -10.27
C THR A 458 10.03 -7.89 -10.32
N GLN A 459 9.60 -8.77 -11.22
CA GLN A 459 8.20 -9.14 -11.27
C GLN A 459 7.77 -9.82 -9.98
N GLY A 460 8.63 -10.70 -9.44
CA GLY A 460 8.33 -11.28 -8.15
C GLY A 460 8.09 -10.22 -7.11
N ALA A 461 9.00 -9.24 -7.05
CA ALA A 461 8.87 -8.14 -6.10
C ALA A 461 7.52 -7.44 -6.21
N SER A 462 7.11 -7.10 -7.44
CA SER A 462 5.85 -6.35 -7.61
C SER A 462 4.63 -7.19 -7.23
N SER A 463 4.61 -8.46 -7.65
CA SER A 463 3.54 -9.33 -7.22
C SER A 463 3.43 -9.32 -5.71
N SER A 464 4.58 -9.31 -5.03
CA SER A 464 4.57 -9.27 -3.57
C SER A 464 3.95 -7.96 -3.08
N ILE A 465 4.26 -6.83 -3.73
CA ILE A 465 3.70 -5.57 -3.23
C ILE A 465 2.18 -5.60 -3.26
N SER A 466 1.60 -6.31 -4.23
CA SER A 466 0.15 -6.45 -4.21
C SER A 466 -0.31 -7.42 -3.12
N LEU A 467 0.35 -8.57 -3.03
CA LEU A 467 -0.11 -9.63 -2.15
C LEU A 467 -0.13 -9.18 -0.71
N VAL A 468 0.94 -8.51 -0.27
CA VAL A 468 1.06 -8.20 1.15
C VAL A 468 -0.05 -7.27 1.61
N ALA A 469 -0.34 -6.23 0.83
CA ALA A 469 -1.41 -5.32 1.18
C ALA A 469 -2.74 -6.05 1.28
N ASN A 470 -3.07 -6.87 0.27
CA ASN A 470 -4.35 -7.56 0.35
C ASN A 470 -4.43 -8.44 1.60
N ILE A 471 -3.38 -9.19 1.88
CA ILE A 471 -3.37 -10.09 3.03
C ILE A 471 -3.60 -9.31 4.32
N ALA A 472 -2.84 -8.24 4.51
CA ALA A 472 -2.90 -7.49 5.77
C ALA A 472 -4.30 -6.92 5.98
N VAL A 473 -4.87 -6.31 4.94
CA VAL A 473 -6.17 -5.67 5.11
C VAL A 473 -7.25 -6.70 5.43
N ASN A 474 -7.26 -7.81 4.69
CA ASN A 474 -8.27 -8.83 4.95
C ASN A 474 -8.14 -9.39 6.36
N LEU A 475 -6.90 -9.59 6.81
CA LEU A 475 -6.71 -10.12 8.16
C LEU A 475 -7.26 -9.17 9.21
N ILE A 476 -6.98 -7.87 9.06
CA ILE A 476 -7.51 -6.89 10.02
C ILE A 476 -9.03 -6.99 10.09
N ALA A 477 -9.68 -6.96 8.92
CA ALA A 477 -11.14 -6.95 8.90
C ALA A 477 -11.70 -8.20 9.56
N PHE A 478 -11.15 -9.37 9.22
CA PHE A 478 -11.71 -10.62 9.72
C PHE A 478 -11.54 -10.74 11.23
N LEU A 479 -10.36 -10.37 11.75
CA LEU A 479 -10.19 -10.43 13.20
C LEU A 479 -11.14 -9.49 13.91
N ALA A 480 -11.35 -8.29 13.36
CA ALA A 480 -12.29 -7.36 14.00
C ALA A 480 -13.69 -7.95 14.05
N LEU A 481 -14.15 -8.54 12.95
CA LEU A 481 -15.48 -9.15 12.93
C LEU A 481 -15.58 -10.26 13.97
N LEU A 482 -14.54 -11.10 14.07
CA LEU A 482 -14.59 -12.21 15.02
C LEU A 482 -14.69 -11.69 16.46
N SER A 483 -13.91 -10.65 16.77
CA SER A 483 -13.97 -10.08 18.11
C SER A 483 -15.36 -9.51 18.39
N PHE A 484 -15.99 -8.88 17.40
CA PHE A 484 -17.34 -8.37 17.61
C PHE A 484 -18.31 -9.51 17.90
N MET A 485 -18.21 -10.62 17.17
CA MET A 485 -19.07 -11.76 17.43
C MET A 485 -18.92 -12.24 18.87
N ASN A 486 -17.66 -12.38 19.33
CA ASN A 486 -17.41 -12.83 20.69
C ASN A 486 -17.95 -11.87 21.73
N SER A 487 -17.90 -10.56 21.47
CA SER A 487 -18.44 -9.61 22.43
C SER A 487 -19.96 -9.59 22.45
N ALA A 488 -20.60 -9.79 21.30
CA ALA A 488 -22.06 -9.92 21.32
C ALA A 488 -22.49 -11.17 22.07
N LEU A 489 -21.77 -12.28 21.89
CA LEU A 489 -22.07 -13.47 22.68
C LEU A 489 -21.90 -13.20 24.17
N SER A 490 -20.82 -12.51 24.55
CA SER A 490 -20.63 -12.20 25.97
C SER A 490 -21.77 -11.34 26.50
N TRP A 491 -22.24 -10.37 25.71
CA TRP A 491 -23.36 -9.53 26.14
C TRP A 491 -24.62 -10.36 26.35
N LEU A 492 -24.93 -11.23 25.38
CA LEU A 492 -26.12 -12.07 25.52
C LEU A 492 -26.02 -12.96 26.76
N GLY A 493 -24.84 -13.54 26.99
CA GLY A 493 -24.65 -14.32 28.20
C GLY A 493 -24.83 -13.50 29.45
N ASN A 494 -24.36 -12.25 29.43
CA ASN A 494 -24.53 -11.36 30.57
C ASN A 494 -26.01 -11.18 30.89
N MET A 495 -26.84 -11.03 29.86
CA MET A 495 -28.28 -10.95 30.10
C MET A 495 -28.84 -12.22 30.72
N PHE A 496 -28.11 -13.35 30.61
CA PHE A 496 -28.56 -14.63 31.13
C PHE A 496 -27.77 -15.08 32.36
N ASP A 497 -27.08 -14.15 33.03
CA ASP A 497 -26.29 -14.42 34.24
C ASP A 497 -24.99 -15.16 33.95
N TYR A 498 -24.61 -15.35 32.69
CA TYR A 498 -23.42 -16.11 32.32
C TYR A 498 -22.58 -15.28 31.35
N PRO A 499 -21.98 -14.19 31.84
CA PRO A 499 -21.14 -13.37 30.95
C PRO A 499 -19.93 -14.09 30.41
N GLN A 500 -19.50 -15.19 31.04
CA GLN A 500 -18.36 -15.94 30.53
C GLN A 500 -18.66 -16.62 29.21
N LEU A 501 -19.92 -16.66 28.78
CA LEU A 501 -20.26 -17.31 27.52
C LEU A 501 -19.46 -16.72 26.37
N SER A 502 -18.98 -17.59 25.49
CA SER A 502 -18.19 -17.15 24.34
C SER A 502 -18.01 -18.35 23.42
N PHE A 503 -17.28 -18.13 22.34
CA PHE A 503 -16.98 -19.22 21.42
C PHE A 503 -16.18 -20.32 22.14
N GLU A 504 -15.17 -19.93 22.92
CA GLU A 504 -14.30 -20.92 23.53
C GLU A 504 -15.08 -21.88 24.42
N VAL A 505 -15.98 -21.36 25.26
CA VAL A 505 -16.71 -22.27 26.16
C VAL A 505 -17.71 -23.10 25.38
N ILE A 506 -18.36 -22.53 24.37
CA ILE A 506 -19.27 -23.31 23.55
C ILE A 506 -18.52 -24.48 22.92
N CYS A 507 -17.26 -24.26 22.54
CA CYS A 507 -16.46 -25.36 22.02
C CYS A 507 -15.97 -26.29 23.13
N SER A 508 -15.74 -25.76 24.32
CA SER A 508 -15.35 -26.61 25.44
C SER A 508 -16.44 -27.61 25.75
N TYR A 509 -17.70 -27.22 25.51
CA TYR A 509 -18.82 -28.11 25.80
C TYR A 509 -19.25 -28.92 24.58
N VAL A 510 -19.13 -28.37 23.38
CA VAL A 510 -19.55 -29.08 22.17
C VAL A 510 -18.55 -30.16 21.79
N PHE A 511 -17.26 -29.88 21.91
CA PHE A 511 -16.23 -30.73 21.33
C PHE A 511 -15.84 -31.91 22.22
N MET A 512 -16.47 -32.09 23.38
CA MET A 512 -16.05 -33.16 24.27
C MET A 512 -16.18 -34.54 23.62
N PRO A 513 -17.30 -34.90 23.00
CA PRO A 513 -17.37 -36.25 22.39
C PRO A 513 -16.32 -36.50 21.33
N PHE A 514 -16.03 -35.50 20.48
CA PHE A 514 -15.00 -35.68 19.47
C PHE A 514 -13.63 -35.88 20.11
N ALA A 515 -13.34 -35.10 21.16
CA ALA A 515 -12.07 -35.26 21.86
C ALA A 515 -11.95 -36.65 22.46
N PHE A 516 -13.04 -37.16 23.04
CA PHE A 516 -13.00 -38.52 23.57
C PHE A 516 -12.76 -39.53 22.46
N MET A 517 -13.41 -39.35 21.31
CA MET A 517 -13.20 -40.27 20.20
C MET A 517 -11.75 -40.26 19.75
N MET A 518 -11.09 -39.10 19.79
CA MET A 518 -9.69 -39.04 19.37
C MET A 518 -8.83 -39.98 20.20
N GLY A 519 -9.22 -40.25 21.43
CA GLY A 519 -8.50 -41.22 22.25
C GLY A 519 -8.26 -40.76 23.68
N VAL A 520 -8.38 -39.46 23.93
CA VAL A 520 -8.12 -38.94 25.26
C VAL A 520 -9.21 -39.40 26.22
N ASP A 521 -8.79 -39.88 27.39
CA ASP A 521 -9.75 -40.42 28.34
C ASP A 521 -10.79 -39.37 28.70
N TRP A 522 -11.88 -39.82 29.33
CA TRP A 522 -13.03 -38.95 29.54
C TRP A 522 -12.69 -37.77 30.43
N GLN A 523 -11.90 -38.00 31.48
CA GLN A 523 -11.62 -36.92 32.43
C GLN A 523 -10.92 -35.75 31.73
N ASP A 524 -9.99 -36.04 30.83
CA ASP A 524 -9.22 -35.01 30.13
C ASP A 524 -9.91 -34.51 28.87
N SER A 525 -11.12 -34.98 28.57
CA SER A 525 -11.81 -34.53 27.38
C SER A 525 -12.08 -33.03 27.43
N PHE A 526 -12.46 -32.52 28.60
CA PHE A 526 -12.86 -31.11 28.70
C PHE A 526 -11.70 -30.18 28.36
N MET A 527 -10.52 -30.44 28.93
CA MET A 527 -9.38 -29.56 28.69
C MET A 527 -8.93 -29.61 27.24
N VAL A 528 -8.92 -30.80 26.63
CA VAL A 528 -8.57 -30.91 25.22
C VAL A 528 -9.56 -30.16 24.36
N ALA A 529 -10.86 -30.28 24.67
CA ALA A 529 -11.87 -29.56 23.91
C ALA A 529 -11.67 -28.05 24.03
N LYS A 530 -11.35 -27.57 25.23
CA LYS A 530 -11.12 -26.14 25.41
C LYS A 530 -9.90 -25.67 24.63
N LEU A 531 -8.83 -26.47 24.63
CA LEU A 531 -7.65 -26.12 23.86
C LEU A 531 -7.97 -26.07 22.36
N ILE A 532 -8.76 -27.03 21.88
CA ILE A 532 -9.16 -27.01 20.48
C ILE A 532 -10.01 -25.80 20.17
N GLY A 533 -10.84 -25.37 21.13
CA GLY A 533 -11.63 -24.17 20.93
C GLY A 533 -10.76 -22.93 20.81
N TYR A 534 -9.76 -22.79 21.69
CA TYR A 534 -8.81 -21.70 21.55
C TYR A 534 -8.13 -21.76 20.19
N LYS A 535 -7.71 -22.95 19.77
CA LYS A 535 -6.99 -23.08 18.50
C LYS A 535 -7.86 -22.69 17.32
N THR A 536 -9.14 -23.08 17.34
CA THR A 536 -10.02 -22.78 16.22
C THR A 536 -10.37 -21.30 16.18
N PHE A 537 -10.69 -20.71 17.32
CA PHE A 537 -11.14 -19.32 17.35
C PHE A 537 -10.04 -18.33 17.72
N PHE A 538 -8.87 -18.82 18.15
CA PHE A 538 -7.66 -18.02 18.26
C PHE A 538 -6.53 -18.81 17.64
N ASN A 539 -5.57 -18.11 17.07
CA ASN A 539 -4.43 -18.78 16.45
C ASN A 539 -3.88 -19.84 17.39
N GLU A 540 -3.35 -20.92 16.81
CA GLU A 540 -2.83 -22.01 17.64
C GLU A 540 -1.63 -21.58 18.47
N PHE A 541 -1.12 -20.36 18.29
CA PHE A 541 -0.07 -19.85 19.17
C PHE A 541 -0.54 -19.82 20.61
N VAL A 542 -1.72 -19.25 20.85
CA VAL A 542 -2.23 -19.18 22.22
C VAL A 542 -2.60 -20.58 22.72
N ALA A 543 -3.11 -21.43 21.84
CA ALA A 543 -3.40 -22.81 22.25
C ALA A 543 -2.15 -23.52 22.73
N TYR A 544 -1.04 -23.36 22.00
CA TYR A 544 0.20 -23.98 22.43
C TYR A 544 0.78 -23.33 23.68
N GLN A 545 0.56 -22.02 23.86
CA GLN A 545 0.94 -21.40 25.12
C GLN A 545 0.22 -22.06 26.29
N GLN A 546 -1.09 -22.25 26.15
CA GLN A 546 -1.86 -22.91 27.21
C GLN A 546 -1.38 -24.33 27.42
N LEU A 547 -1.11 -25.06 26.34
CA LEU A 547 -0.65 -26.44 26.47
C LEU A 547 0.70 -26.51 27.20
N SER A 548 1.63 -25.61 26.87
CA SER A 548 2.91 -25.60 27.55
C SER A 548 2.76 -25.24 29.01
N LYS A 549 1.83 -24.33 29.32
CA LYS A 549 1.55 -24.03 30.72
C LYS A 549 1.07 -25.27 31.47
N LEU A 550 0.17 -26.04 30.85
CA LEU A 550 -0.30 -27.27 31.48
C LEU A 550 0.82 -28.29 31.65
N ILE A 551 1.70 -28.40 30.64
CA ILE A 551 2.83 -29.31 30.75
C ILE A 551 3.72 -28.92 31.92
N SER A 552 3.99 -27.63 32.06
CA SER A 552 4.82 -27.17 33.17
C SER A 552 4.15 -27.46 34.50
N LEU A 553 2.83 -27.25 34.58
CA LEU A 553 2.12 -27.56 35.81
C LEU A 553 2.24 -29.04 36.16
N ARG A 554 2.11 -29.91 35.17
CA ARG A 554 2.25 -31.34 35.43
C ARG A 554 3.67 -31.66 35.92
N GLN A 555 4.68 -31.14 35.22
CA GLN A 555 6.05 -31.47 35.59
C GLN A 555 6.37 -30.98 36.99
N VAL A 556 5.90 -29.79 37.36
CA VAL A 556 6.14 -29.27 38.69
C VAL A 556 5.49 -30.16 39.74
N GLY A 557 4.32 -30.71 39.42
CA GLY A 557 3.59 -31.54 40.38
C GLY A 557 2.60 -30.74 41.18
N GLY A 558 1.83 -31.45 42.00
CA GLY A 558 0.81 -30.84 42.82
C GLY A 558 -0.49 -31.61 42.78
N PRO A 559 -1.55 -31.03 43.32
CA PRO A 559 -2.84 -31.71 43.32
C PRO A 559 -3.47 -31.72 41.93
N LYS A 560 -4.04 -32.86 41.56
CA LYS A 560 -4.74 -32.95 40.28
C LYS A 560 -5.90 -31.97 40.23
N PHE A 561 -6.68 -31.89 41.30
CA PHE A 561 -7.81 -30.98 41.41
C PHE A 561 -7.58 -30.10 42.63
N VAL A 562 -7.52 -28.78 42.42
CA VAL A 562 -7.33 -27.88 43.55
C VAL A 562 -8.54 -27.94 44.48
N ASP A 563 -9.72 -27.55 43.98
CA ASP A 563 -10.98 -27.87 44.64
C ASP A 563 -11.93 -28.61 43.72
N GLY A 564 -12.24 -28.04 42.55
CA GLY A 564 -13.07 -28.70 41.57
C GLY A 564 -12.58 -28.42 40.16
N VAL A 565 -11.47 -27.70 40.04
CA VAL A 565 -10.90 -27.29 38.77
C VAL A 565 -9.61 -28.08 38.55
N GLN A 566 -9.59 -28.91 37.51
CA GLN A 566 -8.40 -29.70 37.21
C GLN A 566 -7.24 -28.77 36.85
N GLN A 567 -6.04 -29.16 37.26
CA GLN A 567 -4.84 -28.36 37.05
C GLN A 567 -4.08 -28.78 35.79
N TYR A 568 -3.82 -30.07 35.62
CA TYR A 568 -3.11 -30.57 34.46
C TYR A 568 -3.77 -31.86 33.99
N MET A 569 -3.22 -32.44 32.93
CA MET A 569 -3.77 -33.64 32.32
C MET A 569 -2.64 -34.63 32.02
N SER A 570 -3.02 -35.89 31.87
CA SER A 570 -2.06 -36.97 31.69
C SER A 570 -1.11 -36.67 30.52
N MET A 571 -0.04 -37.46 30.45
CA MET A 571 0.94 -37.29 29.37
C MET A 571 0.32 -37.63 28.01
N ARG A 572 -0.46 -38.72 27.95
CA ARG A 572 -1.03 -39.14 26.67
C ARG A 572 -1.97 -38.08 26.12
N SER A 573 -2.79 -37.49 26.99
CA SER A 573 -3.67 -36.42 26.54
C SER A 573 -2.87 -35.24 26.03
N GLU A 574 -1.69 -34.98 26.63
CA GLU A 574 -0.83 -33.92 26.11
C GLU A 574 -0.32 -34.25 24.72
N ALA A 575 0.06 -35.50 24.49
CA ALA A 575 0.51 -35.88 23.14
C ALA A 575 -0.62 -35.73 22.12
N ILE A 576 -1.82 -36.16 22.48
CA ILE A 576 -2.96 -36.04 21.58
C ILE A 576 -3.25 -34.57 21.29
N SER A 577 -3.22 -33.73 22.31
CA SER A 577 -3.45 -32.29 22.11
C SER A 577 -2.37 -31.70 21.23
N THR A 578 -1.12 -32.14 21.39
CA THR A 578 -0.06 -31.65 20.52
C THR A 578 -0.34 -31.99 19.07
N TYR A 579 -0.81 -33.22 18.82
CA TYR A 579 -1.13 -33.61 17.45
C TYR A 579 -2.31 -32.82 16.90
N ALA A 580 -3.32 -32.56 17.73
CA ALA A 580 -4.56 -31.96 17.22
C ALA A 580 -4.41 -30.49 16.88
N LEU A 581 -3.56 -29.76 17.60
CA LEU A 581 -3.46 -28.33 17.44
C LEU A 581 -2.54 -27.90 16.29
N CYS A 582 -1.84 -28.83 15.65
CA CYS A 582 -0.82 -28.50 14.66
C CYS A 582 -1.50 -28.14 13.34
N GLY A 583 -1.95 -26.89 13.24
CA GLY A 583 -2.62 -26.42 12.05
C GLY A 583 -3.02 -24.97 12.07
N PHE A 584 -3.01 -24.33 10.89
CA PHE A 584 -3.43 -22.94 10.75
C PHE A 584 -4.90 -22.84 10.36
N ALA A 585 -5.77 -23.47 11.16
CA ALA A 585 -7.21 -23.47 10.90
C ALA A 585 -7.87 -22.50 11.87
N ASN A 586 -7.83 -21.21 11.53
CA ASN A 586 -8.51 -20.18 12.31
C ASN A 586 -9.31 -19.35 11.31
N PHE A 587 -9.86 -18.23 11.76
CA PHE A 587 -10.51 -17.28 10.86
C PHE A 587 -9.59 -16.18 10.37
N GLY A 588 -8.56 -15.81 11.13
CA GLY A 588 -7.51 -14.97 10.56
C GLY A 588 -6.80 -15.65 9.41
N SER A 589 -6.56 -16.96 9.55
CA SER A 589 -6.05 -17.73 8.44
C SER A 589 -7.02 -17.71 7.26
N LEU A 590 -8.32 -17.80 7.55
CA LEU A 590 -9.31 -17.67 6.48
C LEU A 590 -9.12 -16.36 5.73
N GLY A 591 -8.96 -15.26 6.48
CA GLY A 591 -8.79 -13.97 5.85
C GLY A 591 -7.54 -13.91 4.98
N ILE A 592 -6.41 -14.37 5.52
CA ILE A 592 -5.17 -14.24 4.75
C ILE A 592 -5.21 -15.16 3.53
N VAL A 593 -5.80 -16.34 3.65
CA VAL A 593 -5.89 -17.23 2.50
C VAL A 593 -6.76 -16.63 1.41
N ILE A 594 -7.93 -16.11 1.79
CA ILE A 594 -8.81 -15.51 0.79
C ILE A 594 -8.11 -14.33 0.12
N GLY A 595 -7.49 -13.46 0.92
CA GLY A 595 -6.81 -12.30 0.34
C GLY A 595 -5.69 -12.70 -0.60
N GLY A 596 -4.83 -13.61 -0.15
CA GLY A 596 -3.71 -14.02 -0.98
C GLY A 596 -4.14 -14.71 -2.26
N LEU A 597 -5.12 -15.60 -2.18
CA LEU A 597 -5.54 -16.33 -3.36
C LEU A 597 -6.28 -15.43 -4.34
N THR A 598 -7.02 -14.44 -3.83
CA THR A 598 -7.67 -13.49 -4.74
C THR A 598 -6.64 -12.56 -5.37
N SER A 599 -5.56 -12.24 -4.67
CA SER A 599 -4.51 -11.44 -5.28
C SER A 599 -3.76 -12.24 -6.35
N MET A 600 -3.45 -13.51 -6.09
CA MET A 600 -2.69 -14.31 -7.04
C MET A 600 -3.49 -14.56 -8.31
N ALA A 601 -4.76 -14.94 -8.18
CA ALA A 601 -5.62 -15.31 -9.31
C ALA A 601 -6.94 -14.59 -9.19
N PRO A 602 -6.99 -13.31 -9.56
CA PRO A 602 -8.25 -12.57 -9.46
C PRO A 602 -9.38 -13.21 -10.25
N SER A 603 -9.08 -13.89 -11.36
CA SER A 603 -10.13 -14.46 -12.21
C SER A 603 -11.01 -15.40 -11.42
N ARG A 604 -10.42 -16.18 -10.52
CA ARG A 604 -11.15 -17.18 -9.75
C ARG A 604 -11.69 -16.63 -8.43
N LYS A 605 -11.82 -15.30 -8.30
CA LYS A 605 -12.26 -14.73 -7.03
C LYS A 605 -13.56 -15.38 -6.57
N ARG A 606 -14.58 -15.35 -7.42
CA ARG A 606 -15.87 -15.90 -7.04
C ARG A 606 -15.76 -17.37 -6.65
N ASP A 607 -14.81 -18.10 -7.23
CA ASP A 607 -14.66 -19.50 -6.90
C ASP A 607 -13.88 -19.70 -5.59
N ILE A 608 -12.94 -18.80 -5.29
CA ILE A 608 -12.12 -18.98 -4.10
C ILE A 608 -12.97 -18.85 -2.85
N THR A 609 -13.86 -17.85 -2.82
CA THR A 609 -14.71 -17.64 -1.65
C THR A 609 -15.76 -18.74 -1.49
N ALA A 610 -16.05 -19.49 -2.55
CA ALA A 610 -17.10 -20.49 -2.48
C ALA A 610 -16.72 -21.65 -1.57
N GLY A 611 -15.48 -22.14 -1.68
CA GLY A 611 -15.07 -23.32 -0.96
C GLY A 611 -14.17 -23.06 0.23
N ALA A 612 -14.18 -21.84 0.77
CA ALA A 612 -13.28 -21.51 1.87
C ALA A 612 -13.71 -22.19 3.16
N MET A 613 -15.00 -22.12 3.50
CA MET A 613 -15.45 -22.70 4.77
C MET A 613 -15.32 -24.22 4.77
N ARG A 614 -15.67 -24.87 3.66
CA ARG A 614 -15.49 -26.32 3.59
C ARG A 614 -14.01 -26.68 3.69
N ALA A 615 -13.13 -25.86 3.10
CA ALA A 615 -11.71 -26.11 3.23
C ALA A 615 -11.27 -26.02 4.69
N LEU A 616 -11.77 -25.01 5.41
CA LEU A 616 -11.42 -24.87 6.83
C LEU A 616 -11.87 -26.08 7.63
N ILE A 617 -13.10 -26.53 7.39
CA ILE A 617 -13.63 -27.69 8.12
C ILE A 617 -12.83 -28.94 7.77
N ALA A 618 -12.48 -29.11 6.50
CA ALA A 618 -11.67 -30.26 6.10
C ALA A 618 -10.30 -30.22 6.76
N GLY A 619 -9.71 -29.04 6.89
CA GLY A 619 -8.43 -28.94 7.57
C GLY A 619 -8.52 -29.35 9.02
N THR A 620 -9.55 -28.87 9.73
CA THR A 620 -9.70 -29.27 11.13
C THR A 620 -9.90 -30.78 11.24
N ILE A 621 -10.70 -31.37 10.35
CA ILE A 621 -10.92 -32.81 10.41
C ILE A 621 -9.63 -33.56 10.11
N ALA A 622 -8.80 -33.03 9.22
CA ALA A 622 -7.50 -33.65 8.94
C ALA A 622 -6.62 -33.66 10.19
N CYS A 623 -6.61 -32.54 10.93
CA CYS A 623 -5.88 -32.51 12.18
C CYS A 623 -6.42 -33.58 13.15
N PHE A 624 -7.74 -33.69 13.24
CA PHE A 624 -8.32 -34.70 14.14
C PHE A 624 -7.93 -36.11 13.72
N LEU A 625 -7.88 -36.38 12.41
CA LEU A 625 -7.49 -37.72 11.96
C LEU A 625 -6.03 -38.02 12.30
N THR A 626 -5.14 -37.05 12.09
CA THR A 626 -3.75 -37.28 12.47
C THR A 626 -3.66 -37.58 13.95
N ALA A 627 -4.42 -36.85 14.77
CA ALA A 627 -4.43 -37.11 16.21
C ALA A 627 -4.97 -38.50 16.52
N CYS A 628 -6.01 -38.93 15.81
CA CYS A 628 -6.57 -40.25 16.05
C CYS A 628 -5.53 -41.34 15.81
N ILE A 629 -4.83 -41.27 14.67
CA ILE A 629 -3.82 -42.29 14.39
C ILE A 629 -2.67 -42.22 15.40
N ALA A 630 -2.21 -41.01 15.72
CA ALA A 630 -1.12 -40.89 16.68
C ALA A 630 -1.50 -41.51 18.01
N GLY A 631 -2.73 -41.27 18.47
CA GLY A 631 -3.20 -41.94 19.67
C GLY A 631 -3.28 -43.45 19.50
N MET A 632 -3.63 -43.92 18.30
CA MET A 632 -3.60 -45.35 18.05
C MET A 632 -2.20 -45.92 18.26
N LEU A 633 -1.17 -45.14 17.97
CA LEU A 633 0.19 -45.68 18.06
C LEU A 633 0.86 -45.41 19.41
N THR A 634 0.80 -44.18 19.90
CA THR A 634 1.54 -43.79 21.10
C THR A 634 0.93 -44.42 22.36
N ASN A 635 1.79 -44.63 23.36
CA ASN A 635 1.38 -45.12 24.68
C ASN A 635 2.08 -44.31 25.76
N THR A 636 1.45 -44.25 26.93
CA THR A 636 2.03 -43.51 28.05
C THR A 636 3.35 -44.15 28.47
N PRO A 637 4.41 -43.36 28.72
CA PRO A 637 5.67 -43.95 29.18
C PRO A 637 5.69 -44.18 30.69
N GLU B 105 -26.63 -44.66 -2.71
CA GLU B 105 -26.58 -44.13 -4.06
C GLU B 105 -27.97 -43.73 -4.53
N ARG B 106 -28.75 -44.71 -4.99
CA ARG B 106 -30.11 -44.43 -5.44
C ARG B 106 -30.97 -43.92 -4.29
N MET B 107 -30.77 -44.47 -3.09
CA MET B 107 -31.55 -44.01 -1.94
C MET B 107 -31.27 -42.54 -1.63
N CYS B 108 -30.00 -42.13 -1.73
CA CYS B 108 -29.67 -40.73 -1.48
C CYS B 108 -30.36 -39.82 -2.50
N GLY B 109 -30.33 -40.21 -3.78
CA GLY B 109 -31.00 -39.42 -4.80
C GLY B 109 -32.49 -39.34 -4.57
N ARG B 110 -33.11 -40.45 -4.19
CA ARG B 110 -34.55 -40.46 -3.92
C ARG B 110 -34.88 -39.55 -2.73
N MET B 111 -34.06 -39.61 -1.68
CA MET B 111 -34.29 -38.75 -0.53
C MET B 111 -34.15 -37.28 -0.91
N SER B 112 -33.13 -36.96 -1.72
CA SER B 112 -32.96 -35.58 -2.17
C SER B 112 -34.15 -35.12 -2.99
N ASP B 113 -34.65 -35.98 -3.88
CA ASP B 113 -35.81 -35.61 -4.68
C ASP B 113 -37.04 -35.41 -3.80
N PHE B 114 -37.23 -36.27 -2.81
CA PHE B 114 -38.36 -36.10 -1.90
C PHE B 114 -38.27 -34.79 -1.13
N CYS B 115 -37.06 -34.45 -0.65
CA CYS B 115 -36.88 -33.19 0.04
C CYS B 115 -37.16 -32.00 -0.88
N ARG B 116 -36.70 -32.10 -2.14
CA ARG B 116 -36.96 -31.03 -3.09
C ARG B 116 -38.45 -30.88 -3.37
N GLU B 117 -39.19 -32.00 -3.38
CA GLU B 117 -40.63 -31.92 -3.59
C GLU B 117 -41.31 -31.10 -2.50
N HIS B 118 -40.90 -31.31 -1.24
CA HIS B 118 -41.41 -30.53 -0.12
C HIS B 118 -40.37 -29.52 0.38
N LYS B 119 -39.47 -29.08 -0.50
CA LYS B 119 -38.39 -28.19 -0.06
C LYS B 119 -38.94 -26.89 0.48
N THR B 120 -39.88 -26.27 -0.25
CA THR B 120 -40.37 -24.96 0.16
C THR B 120 -41.05 -25.02 1.53
N THR B 121 -42.00 -25.95 1.69
CA THR B 121 -42.73 -26.05 2.94
C THR B 121 -41.81 -26.41 4.09
N LEU B 122 -40.93 -27.39 3.88
CA LEU B 122 -40.02 -27.80 4.95
C LEU B 122 -39.09 -26.67 5.37
N ARG B 123 -38.51 -25.98 4.39
CA ARG B 123 -37.62 -24.86 4.72
C ARG B 123 -38.37 -23.76 5.45
N TYR B 124 -39.58 -23.42 4.99
CA TYR B 124 -40.34 -22.39 5.68
C TYR B 124 -40.65 -22.79 7.11
N ILE B 125 -41.02 -24.06 7.32
CA ILE B 125 -41.31 -24.53 8.67
C ILE B 125 -40.07 -24.45 9.55
N ILE B 126 -38.92 -24.84 9.01
CA ILE B 126 -37.68 -24.84 9.80
C ILE B 126 -37.30 -23.41 10.17
N TRP B 127 -37.36 -22.48 9.21
CA TRP B 127 -37.03 -21.09 9.50
C TRP B 127 -38.00 -20.51 10.53
N GLY B 128 -39.29 -20.82 10.40
CA GLY B 128 -40.25 -20.38 11.39
C GLY B 128 -39.96 -20.94 12.77
N ILE B 129 -39.53 -22.20 12.83
CA ILE B 129 -39.20 -22.81 14.12
C ILE B 129 -38.00 -22.11 14.73
N LEU B 130 -36.99 -21.79 13.92
CA LEU B 130 -35.83 -21.06 14.44
C LEU B 130 -36.23 -19.69 14.97
N ILE B 131 -37.10 -18.97 14.23
CA ILE B 131 -37.55 -17.67 14.67
C ILE B 131 -38.32 -17.79 15.98
N ALA B 132 -39.19 -18.79 16.08
CA ALA B 132 -39.94 -19.01 17.31
C ALA B 132 -39.01 -19.32 18.47
N GLY B 133 -37.95 -20.08 18.22
CA GLY B 133 -36.99 -20.36 19.27
C GLY B 133 -36.29 -19.12 19.75
N TYR B 134 -35.89 -18.25 18.83
CA TYR B 134 -35.30 -16.98 19.24
C TYR B 134 -36.27 -16.16 20.07
N LEU B 135 -37.53 -16.12 19.65
CA LEU B 135 -38.53 -15.37 20.40
C LEU B 135 -38.70 -15.95 21.81
N ALA B 136 -38.69 -17.28 21.93
CA ALA B 136 -38.80 -17.91 23.23
C ALA B 136 -37.59 -17.58 24.10
N LEU B 137 -36.40 -17.54 23.50
CA LEU B 137 -35.22 -17.15 24.26
C LEU B 137 -35.34 -15.73 24.80
N VAL B 138 -35.81 -14.81 23.96
CA VAL B 138 -35.99 -13.43 24.40
C VAL B 138 -37.02 -13.37 25.52
N ILE B 139 -38.12 -14.12 25.39
CA ILE B 139 -39.17 -14.13 26.41
C ILE B 139 -38.61 -14.64 27.72
N ALA B 140 -37.83 -15.72 27.68
CA ALA B 140 -37.24 -16.25 28.91
C ALA B 140 -36.29 -15.25 29.53
N ALA B 141 -35.49 -14.57 28.72
CA ALA B 141 -34.56 -13.58 29.26
C ALA B 141 -35.33 -12.46 29.97
N CYS B 142 -36.41 -11.99 29.36
CA CYS B 142 -37.22 -10.95 30.00
C CYS B 142 -37.83 -11.46 31.30
N VAL B 143 -38.33 -12.70 31.29
CA VAL B 143 -38.97 -13.25 32.50
C VAL B 143 -37.97 -13.33 33.64
N MET B 144 -36.75 -13.78 33.34
CA MET B 144 -35.76 -13.97 34.40
C MET B 144 -35.44 -12.66 35.11
N ASN B 145 -35.09 -11.63 34.34
CA ASN B 145 -34.79 -10.31 34.90
C ASN B 145 -35.06 -9.27 33.82
N PHE B 146 -36.18 -8.56 33.95
CA PHE B 146 -36.59 -7.66 32.86
C PHE B 146 -35.59 -6.54 32.67
N HIS B 147 -35.05 -5.99 33.76
CA HIS B 147 -34.21 -4.81 33.64
C HIS B 147 -32.98 -5.08 32.77
N ARG B 148 -32.31 -6.21 32.99
CA ARG B 148 -31.14 -6.54 32.17
C ARG B 148 -31.56 -6.81 30.72
N ALA B 149 -32.73 -7.41 30.52
CA ALA B 149 -33.19 -7.80 29.21
C ALA B 149 -33.95 -6.69 28.49
N LEU B 150 -33.97 -5.48 29.05
CA LEU B 150 -34.71 -4.40 28.41
C LEU B 150 -34.21 -4.08 27.01
N PRO B 151 -32.91 -3.98 26.75
CA PRO B 151 -32.48 -3.68 25.37
C PRO B 151 -32.95 -4.72 24.37
N LEU B 152 -32.83 -6.01 24.69
CA LEU B 152 -33.26 -7.04 23.77
C LEU B 152 -34.75 -6.98 23.52
N PHE B 153 -35.54 -6.75 24.57
CA PHE B 153 -36.98 -6.62 24.41
C PHE B 153 -37.34 -5.44 23.51
N VAL B 154 -36.67 -4.30 23.73
CA VAL B 154 -36.97 -3.12 22.90
C VAL B 154 -36.59 -3.40 21.45
N ILE B 155 -35.44 -4.03 21.22
CA ILE B 155 -35.03 -4.32 19.85
C ILE B 155 -36.05 -5.22 19.18
N THR B 156 -36.50 -6.25 19.89
CA THR B 156 -37.48 -7.18 19.31
C THR B 156 -38.78 -6.46 18.99
N VAL B 157 -39.26 -5.63 19.92
CA VAL B 157 -40.52 -4.92 19.70
C VAL B 157 -40.41 -4.02 18.48
N VAL B 158 -39.31 -3.26 18.39
CA VAL B 158 -39.15 -2.33 17.27
C VAL B 158 -39.06 -3.08 15.95
N ALA B 159 -38.29 -4.17 15.93
CA ALA B 159 -38.15 -4.94 14.69
C ALA B 159 -39.50 -5.50 14.26
N ILE B 160 -40.27 -6.06 15.20
CA ILE B 160 -41.57 -6.61 14.85
C ILE B 160 -42.48 -5.52 14.32
N PHE B 161 -42.49 -4.36 14.98
CA PHE B 161 -43.36 -3.28 14.54
C PHE B 161 -43.00 -2.82 13.14
N PHE B 162 -41.70 -2.65 12.86
CA PHE B 162 -41.30 -2.18 11.54
C PHE B 162 -41.63 -3.21 10.46
N VAL B 163 -41.41 -4.50 10.74
CA VAL B 163 -41.73 -5.53 9.76
C VAL B 163 -43.22 -5.50 9.46
N VAL B 164 -44.05 -5.45 10.51
CA VAL B 164 -45.50 -5.42 10.30
C VAL B 164 -45.91 -4.20 9.52
N TRP B 165 -45.35 -3.03 9.86
CA TRP B 165 -45.71 -1.80 9.19
C TRP B 165 -45.36 -1.85 7.71
N ASP B 166 -44.15 -2.31 7.39
CA ASP B 166 -43.75 -2.41 5.98
C ASP B 166 -44.67 -3.37 5.24
N HIS B 167 -44.98 -4.52 5.84
CA HIS B 167 -45.85 -5.48 5.17
C HIS B 167 -47.22 -4.87 4.90
N LEU B 168 -47.81 -4.22 5.90
CA LEU B 168 -49.13 -3.62 5.70
C LEU B 168 -49.09 -2.53 4.65
N MET B 169 -48.08 -1.67 4.69
CA MET B 169 -47.99 -0.58 3.71
C MET B 169 -47.87 -1.14 2.30
N ALA B 170 -47.09 -2.21 2.12
CA ALA B 170 -47.01 -2.85 0.81
C ALA B 170 -48.37 -3.43 0.42
N LYS B 171 -49.08 -4.03 1.38
CA LYS B 171 -50.32 -4.74 1.05
C LYS B 171 -51.40 -3.79 0.56
N TYR B 172 -51.61 -2.69 1.27
CA TYR B 172 -52.76 -1.82 1.03
C TYR B 172 -52.32 -0.43 0.58
N GLU B 173 -51.36 -0.36 -0.34
CA GLU B 173 -50.96 0.92 -0.89
C GLU B 173 -52.09 1.56 -1.69
N SER B 174 -52.78 0.76 -2.51
CA SER B 174 -53.84 1.29 -3.35
C SER B 174 -54.97 1.87 -2.51
N GLN B 175 -55.38 1.15 -1.45
CA GLN B 175 -56.44 1.66 -0.60
C GLN B 175 -56.03 2.96 0.09
N ILE B 176 -54.77 3.03 0.54
CA ILE B 176 -54.30 4.24 1.20
C ILE B 176 -54.33 5.42 0.23
N ALA B 177 -53.86 5.21 -0.99
CA ALA B 177 -53.89 6.27 -1.98
C ALA B 177 -55.32 6.69 -2.29
N ARG B 178 -56.23 5.73 -2.40
CA ARG B 178 -57.63 6.03 -2.68
C ARG B 178 -58.23 6.86 -1.56
N PHE B 179 -57.94 6.51 -0.31
CA PHE B 179 -58.46 7.27 0.83
C PHE B 179 -57.86 8.67 0.88
N LEU B 180 -56.59 8.80 0.48
CA LEU B 180 -55.93 10.10 0.54
C LEU B 180 -56.37 11.04 -0.58
N SER B 181 -56.74 10.48 -1.74
CA SER B 181 -56.99 11.31 -2.92
C SER B 181 -58.00 12.44 -2.69
N PRO B 182 -59.16 12.20 -2.07
CA PRO B 182 -60.12 13.31 -1.90
C PRO B 182 -59.55 14.49 -1.14
N GLY B 183 -58.77 14.24 -0.10
CA GLY B 183 -58.16 15.33 0.64
C GLY B 183 -57.20 16.13 -0.21
N GLN B 184 -56.38 15.45 -1.01
CA GLN B 184 -55.47 16.14 -1.91
C GLN B 184 -56.25 16.97 -2.93
N ARG B 185 -57.35 16.43 -3.45
CA ARG B 185 -58.16 17.17 -4.40
C ARG B 185 -58.72 18.44 -3.77
N LEU B 186 -59.26 18.32 -2.56
CA LEU B 186 -59.80 19.49 -1.88
C LEU B 186 -58.71 20.52 -1.61
N LEU B 187 -57.55 20.07 -1.16
CA LEU B 187 -56.45 20.99 -0.88
C LEU B 187 -56.01 21.71 -2.15
N ASP B 188 -55.90 20.98 -3.25
CA ASP B 188 -55.54 21.60 -4.52
C ASP B 188 -56.60 22.62 -4.95
N SER B 189 -57.87 22.30 -4.73
CA SER B 189 -58.94 23.22 -5.10
C SER B 189 -58.85 24.52 -4.30
N HIS B 190 -58.60 24.42 -3.00
CA HIS B 190 -58.64 25.60 -2.14
C HIS B 190 -57.28 26.28 -1.98
N TRP B 191 -56.21 25.71 -2.55
CA TRP B 191 -54.88 26.28 -2.36
C TRP B 191 -54.81 27.71 -2.86
N PHE B 192 -55.56 28.04 -3.91
CA PHE B 192 -55.46 29.36 -4.53
C PHE B 192 -55.58 30.47 -3.48
N TRP B 193 -56.46 30.31 -2.51
CA TRP B 193 -56.61 31.29 -1.45
C TRP B 193 -56.01 30.83 -0.12
N LEU B 194 -55.81 29.53 0.08
CA LEU B 194 -55.24 29.05 1.33
C LEU B 194 -53.73 29.27 1.42
N LYS B 195 -53.05 29.43 0.29
CA LYS B 195 -51.60 29.60 0.34
C LYS B 195 -51.21 30.87 1.08
N TRP B 196 -51.94 31.96 0.82
CA TRP B 196 -51.63 33.21 1.50
C TRP B 196 -51.86 33.09 3.01
N VAL B 197 -52.93 32.42 3.41
CA VAL B 197 -53.21 32.23 4.83
C VAL B 197 -52.10 31.41 5.49
N ILE B 198 -51.69 30.32 4.83
CA ILE B 198 -50.63 29.50 5.40
C ILE B 198 -49.34 30.29 5.52
N TRP B 199 -48.99 31.05 4.47
CA TRP B 199 -47.77 31.84 4.51
C TRP B 199 -47.81 32.89 5.62
N GLY B 200 -48.95 33.56 5.78
CA GLY B 200 -49.07 34.54 6.85
C GLY B 200 -48.95 33.92 8.23
N CYS B 201 -49.60 32.77 8.42
CA CYS B 201 -49.49 32.08 9.71
C CYS B 201 -48.06 31.67 9.99
N LEU B 202 -47.36 31.14 8.98
CA LEU B 202 -45.98 30.73 9.17
C LEU B 202 -45.10 31.92 9.52
N ILE B 203 -45.27 33.04 8.82
CA ILE B 203 -44.47 34.22 9.10
C ILE B 203 -44.74 34.72 10.51
N LEU B 204 -46.00 34.73 10.92
CA LEU B 204 -46.32 35.19 12.27
C LEU B 204 -45.70 34.28 13.32
N GLY B 205 -45.77 32.96 13.11
CA GLY B 205 -45.16 32.06 14.06
C GLY B 205 -43.66 32.25 14.16
N VAL B 206 -43.01 32.41 13.00
CA VAL B 206 -41.57 32.66 13.01
C VAL B 206 -41.26 33.91 13.81
N ILE B 207 -41.98 35.00 13.54
CA ILE B 207 -41.69 36.26 14.23
C ILE B 207 -41.88 36.10 15.74
N LEU B 208 -43.00 35.48 16.14
CA LEU B 208 -43.26 35.29 17.57
C LEU B 208 -42.14 34.48 18.22
N TRP B 209 -41.76 33.36 17.61
CA TRP B 209 -40.72 32.53 18.21
C TRP B 209 -39.40 33.29 18.29
N LEU B 210 -39.03 33.97 17.21
CA LEU B 210 -37.79 34.71 17.20
C LEU B 210 -37.81 35.72 18.33
N VAL B 211 -38.77 36.64 18.32
CA VAL B 211 -38.84 37.67 19.35
C VAL B 211 -38.73 37.02 20.72
N PHE B 212 -39.72 36.20 21.08
CA PHE B 212 -39.75 35.68 22.44
C PHE B 212 -38.46 34.93 22.77
N ASP B 213 -38.26 33.77 22.14
CA ASP B 213 -37.14 32.91 22.52
C ASP B 213 -35.81 33.65 22.41
N THR B 214 -35.48 34.12 21.20
CA THR B 214 -34.13 34.66 20.98
C THR B 214 -33.91 35.92 21.82
N ALA B 215 -34.84 36.88 21.78
CA ALA B 215 -34.64 38.09 22.56
C ALA B 215 -34.52 37.77 24.04
N LYS B 216 -35.16 36.71 24.52
CA LYS B 216 -34.91 36.29 25.89
C LYS B 216 -33.50 35.76 26.05
N LEU B 217 -33.00 35.00 25.06
CA LEU B 217 -31.69 34.37 25.19
C LEU B 217 -30.58 35.42 25.21
N GLY B 218 -30.61 36.37 24.29
CA GLY B 218 -29.58 37.39 24.23
C GLY B 218 -29.42 37.91 22.81
N GLN B 219 -28.37 38.72 22.64
CA GLN B 219 -28.10 39.34 21.34
C GLN B 219 -27.39 38.38 20.39
N GLN B 220 -26.58 37.46 20.91
CA GLN B 220 -25.84 36.57 20.03
C GLN B 220 -26.76 35.69 19.21
N GLN B 221 -27.91 35.29 19.77
CA GLN B 221 -28.85 34.48 19.01
C GLN B 221 -29.43 35.27 17.84
N LEU B 222 -29.78 36.54 18.07
CA LEU B 222 -30.25 37.38 16.97
C LEU B 222 -29.16 37.55 15.92
N VAL B 223 -27.90 37.70 16.37
CA VAL B 223 -26.81 37.82 15.41
C VAL B 223 -26.69 36.56 14.57
N SER B 224 -26.86 35.39 15.20
CA SER B 224 -26.79 34.14 14.45
C SER B 224 -27.91 34.03 13.43
N PHE B 225 -29.12 34.46 13.81
CA PHE B 225 -30.22 34.46 12.85
C PHE B 225 -29.92 35.39 11.67
N GLY B 226 -29.40 36.58 11.97
CA GLY B 226 -28.99 37.48 10.90
C GLY B 226 -27.91 36.87 10.02
N GLY B 227 -27.00 36.11 10.61
CA GLY B 227 -26.00 35.42 9.82
C GLY B 227 -26.61 34.36 8.91
N LEU B 228 -27.64 33.67 9.41
CA LEU B 228 -28.35 32.71 8.57
C LEU B 228 -28.97 33.41 7.36
N ILE B 229 -29.66 34.52 7.60
CA ILE B 229 -30.26 35.26 6.48
C ILE B 229 -29.19 35.75 5.53
N ILE B 230 -28.06 36.22 6.05
CA ILE B 230 -27.00 36.74 5.20
C ILE B 230 -26.41 35.65 4.33
N TYR B 231 -26.18 34.46 4.91
CA TYR B 231 -25.65 33.36 4.12
C TYR B 231 -26.63 32.97 3.01
N THR B 232 -27.92 32.86 3.33
CA THR B 232 -28.88 32.52 2.29
C THR B 232 -28.90 33.58 1.19
N SER B 233 -28.87 34.87 1.57
CA SER B 233 -28.91 35.93 0.58
C SER B 233 -27.67 35.89 -0.32
N LEU B 234 -26.49 35.71 0.27
CA LEU B 234 -25.27 35.65 -0.54
C LEU B 234 -25.30 34.45 -1.46
N THR B 235 -25.80 33.31 -0.99
CA THR B 235 -25.92 32.16 -1.86
C THR B 235 -26.84 32.46 -3.03
N PHE B 236 -27.95 33.14 -2.77
CA PHE B 236 -28.88 33.48 -3.84
C PHE B 236 -28.24 34.42 -4.86
N LEU B 237 -27.49 35.42 -4.39
CA LEU B 237 -26.91 36.40 -5.31
C LEU B 237 -25.94 35.73 -6.28
N PHE B 238 -25.05 34.89 -5.77
CA PHE B 238 -24.02 34.25 -6.60
C PHE B 238 -24.50 32.87 -7.06
N SER B 239 -25.63 32.85 -7.75
CA SER B 239 -26.25 31.63 -8.21
C SER B 239 -26.07 31.47 -9.72
N LYS B 240 -25.99 30.22 -10.17
CA LYS B 240 -25.75 29.95 -11.59
C LYS B 240 -26.87 30.53 -12.44
N HIS B 241 -28.12 30.30 -12.03
CA HIS B 241 -29.30 30.77 -12.76
C HIS B 241 -30.24 31.44 -11.77
N PRO B 242 -29.91 32.66 -11.33
CA PRO B 242 -30.73 33.29 -10.28
C PRO B 242 -32.20 33.42 -10.65
N THR B 243 -32.50 33.71 -11.92
CA THR B 243 -33.90 33.88 -12.31
C THR B 243 -34.67 32.58 -12.16
N LYS B 244 -34.06 31.46 -12.55
CA LYS B 244 -34.74 30.16 -12.52
C LYS B 244 -34.51 29.48 -11.17
N VAL B 245 -35.16 30.03 -10.16
CA VAL B 245 -35.01 29.54 -8.79
C VAL B 245 -36.34 28.99 -8.32
N TYR B 246 -36.27 27.95 -7.49
CA TYR B 246 -37.44 27.22 -7.00
C TYR B 246 -37.32 27.21 -5.48
N TRP B 247 -38.07 28.09 -4.83
CA TRP B 247 -37.84 28.38 -3.41
C TRP B 247 -38.36 27.30 -2.47
N ARG B 248 -39.21 26.39 -2.94
CA ARG B 248 -39.80 25.42 -2.03
C ARG B 248 -38.77 24.53 -1.35
N PRO B 249 -37.83 23.91 -2.07
CA PRO B 249 -36.78 23.13 -1.38
C PRO B 249 -36.02 23.94 -0.35
N VAL B 250 -35.73 25.22 -0.62
CA VAL B 250 -34.94 26.01 0.33
C VAL B 250 -35.70 26.18 1.64
N PHE B 251 -36.95 26.63 1.56
CA PHE B 251 -37.73 26.85 2.77
C PHE B 251 -37.94 25.54 3.51
N TRP B 252 -38.20 24.45 2.78
CA TRP B 252 -38.44 23.18 3.46
C TRP B 252 -37.17 22.65 4.12
N GLY B 253 -36.01 22.85 3.50
CA GLY B 253 -34.77 22.43 4.13
C GLY B 253 -34.49 23.21 5.40
N ILE B 254 -34.68 24.53 5.36
CA ILE B 254 -34.48 25.33 6.56
C ILE B 254 -35.47 24.91 7.65
N GLY B 255 -36.72 24.63 7.26
CA GLY B 255 -37.70 24.19 8.23
C GLY B 255 -37.34 22.86 8.87
N LEU B 256 -36.87 21.90 8.06
CA LEU B 256 -36.47 20.61 8.61
C LEU B 256 -35.29 20.75 9.55
N GLN B 257 -34.31 21.58 9.19
CA GLN B 257 -33.20 21.81 10.10
C GLN B 257 -33.68 22.39 11.42
N PHE B 258 -34.56 23.39 11.35
CA PHE B 258 -35.06 24.01 12.57
C PHE B 258 -35.81 23.00 13.43
N LEU B 259 -36.63 22.16 12.80
CA LEU B 259 -37.37 21.16 13.56
C LEU B 259 -36.43 20.16 14.21
N LEU B 260 -35.42 19.69 13.49
CA LEU B 260 -34.47 18.74 14.08
C LEU B 260 -33.72 19.36 15.25
N GLY B 261 -33.23 20.58 15.07
CA GLY B 261 -32.53 21.24 16.17
C GLY B 261 -33.43 21.45 17.37
N LEU B 262 -34.66 21.88 17.14
CA LEU B 262 -35.60 22.09 18.23
C LEU B 262 -35.93 20.78 18.94
N LEU B 263 -35.98 19.68 18.19
CA LEU B 263 -36.32 18.39 18.77
C LEU B 263 -35.16 17.77 19.55
N ILE B 264 -33.92 18.00 19.13
CA ILE B 264 -32.77 17.40 19.80
C ILE B 264 -32.21 18.36 20.84
N LEU B 265 -31.75 19.54 20.39
CA LEU B 265 -31.01 20.43 21.29
C LEU B 265 -31.87 20.91 22.45
N ARG B 266 -33.14 21.24 22.20
CA ARG B 266 -33.98 21.85 23.22
C ARG B 266 -34.83 20.86 24.00
N THR B 267 -34.70 19.56 23.76
CA THR B 267 -35.49 18.55 24.44
C THR B 267 -34.57 17.49 25.01
N GLU B 268 -34.66 17.26 26.32
CA GLU B 268 -33.69 16.41 27.01
C GLU B 268 -33.71 14.97 26.53
N PRO B 269 -34.85 14.29 26.39
CA PRO B 269 -34.82 12.91 25.89
C PRO B 269 -34.11 12.78 24.56
N GLY B 270 -34.29 13.73 23.63
CA GLY B 270 -33.59 13.65 22.37
C GLY B 270 -32.09 13.78 22.52
N PHE B 271 -31.65 14.70 23.37
CA PHE B 271 -30.22 14.86 23.63
C PHE B 271 -29.64 13.55 24.16
N MET B 272 -30.33 12.94 25.14
CA MET B 272 -29.86 11.69 25.71
C MET B 272 -29.83 10.58 24.66
N ALA B 273 -30.86 10.50 23.82
CA ALA B 273 -30.92 9.45 22.81
C ALA B 273 -29.77 9.57 21.82
N PHE B 274 -29.51 10.78 21.33
CA PHE B 274 -28.43 10.94 20.36
C PHE B 274 -27.07 10.71 21.01
N ASP B 275 -26.90 11.14 22.27
CA ASP B 275 -25.65 10.84 22.96
C ASP B 275 -25.45 9.34 23.09
N TRP B 276 -26.52 8.60 23.41
CA TRP B 276 -26.42 7.16 23.52
C TRP B 276 -26.06 6.53 22.19
N LEU B 277 -26.67 6.99 21.10
CA LEU B 277 -26.33 6.45 19.78
C LEU B 277 -24.86 6.68 19.46
N GLY B 278 -24.35 7.87 19.76
CA GLY B 278 -22.94 8.12 19.53
C GLY B 278 -22.05 7.21 20.34
N LYS B 279 -22.41 6.99 21.60
CA LYS B 279 -21.62 6.08 22.43
C LYS B 279 -21.61 4.68 21.84
N GLN B 280 -22.75 4.20 21.35
CA GLN B 280 -22.80 2.86 20.76
C GLN B 280 -21.95 2.79 19.50
N VAL B 281 -21.97 3.85 18.67
CA VAL B 281 -21.15 3.85 17.47
C VAL B 281 -19.67 3.76 17.84
N GLN B 282 -19.26 4.56 18.84
CA GLN B 282 -17.86 4.50 19.27
C GLN B 282 -17.50 3.10 19.75
N THR B 283 -18.35 2.52 20.60
CA THR B 283 -18.07 1.20 21.14
C THR B 283 -17.94 0.16 20.03
N PHE B 284 -18.84 0.21 19.05
CA PHE B 284 -18.79 -0.74 17.94
C PHE B 284 -17.50 -0.59 17.15
N LEU B 285 -17.16 0.65 16.77
CA LEU B 285 -15.96 0.84 15.96
C LEU B 285 -14.69 0.56 16.74
N GLY B 286 -14.75 0.52 18.07
CA GLY B 286 -13.56 0.22 18.84
C GLY B 286 -13.02 -1.20 18.67
N TYR B 287 -13.76 -2.07 18.01
CA TYR B 287 -13.35 -3.47 17.85
C TYR B 287 -12.27 -3.65 16.80
N SER B 288 -11.93 -2.61 16.04
CA SER B 288 -10.86 -2.73 15.06
C SER B 288 -9.52 -2.98 15.72
N ASP B 289 -9.36 -2.60 16.98
CA ASP B 289 -8.11 -2.84 17.68
C ASP B 289 -7.83 -4.33 17.82
N ALA B 290 -8.88 -5.15 17.82
CA ALA B 290 -8.66 -6.60 17.92
C ALA B 290 -7.78 -7.09 16.78
N GLY B 291 -7.97 -6.56 15.59
CA GLY B 291 -7.17 -6.94 14.43
C GLY B 291 -5.91 -6.11 14.30
N ALA B 292 -5.99 -4.83 14.65
CA ALA B 292 -4.81 -3.96 14.56
C ALA B 292 -3.71 -4.45 15.51
N SER B 293 -4.07 -4.85 16.72
CA SER B 293 -3.10 -5.34 17.68
C SER B 293 -2.44 -6.62 17.20
N PHE B 294 -3.22 -7.53 16.61
CA PHE B 294 -2.65 -8.76 16.09
C PHE B 294 -1.68 -8.48 14.96
N VAL B 295 -2.10 -7.70 13.98
CA VAL B 295 -1.27 -7.51 12.79
C VAL B 295 -0.03 -6.68 13.14
N PHE B 296 -0.18 -5.63 13.94
CA PHE B 296 0.90 -4.71 14.24
C PHE B 296 1.47 -4.90 15.64
N GLY B 297 1.18 -6.00 16.30
CA GLY B 297 1.74 -6.29 17.59
C GLY B 297 1.10 -5.47 18.69
N GLU B 298 1.44 -5.82 19.93
CA GLU B 298 0.86 -5.15 21.09
C GLU B 298 1.40 -3.74 21.27
N LYS B 299 2.46 -3.37 20.56
CA LYS B 299 3.01 -2.02 20.61
C LYS B 299 2.41 -1.10 19.56
N TYR B 300 1.30 -1.52 18.94
CA TYR B 300 0.70 -0.69 17.89
C TYR B 300 0.36 0.70 18.39
N THR B 301 0.09 0.84 19.70
CA THR B 301 -0.19 2.16 20.24
C THR B 301 0.99 3.12 20.06
N ASP B 302 2.22 2.59 20.03
CA ASP B 302 3.39 3.43 19.88
C ASP B 302 3.28 4.34 18.67
N HIS B 303 2.73 3.83 17.57
CA HIS B 303 2.45 4.63 16.38
C HIS B 303 0.93 4.79 16.31
N PHE B 304 0.43 5.76 17.07
CA PHE B 304 -1.00 5.87 17.32
C PHE B 304 -1.77 5.98 16.03
N PHE B 305 -1.49 7.00 15.22
CA PHE B 305 -2.30 7.25 14.04
C PHE B 305 -2.30 6.05 13.09
N ALA B 306 -1.12 5.60 12.66
CA ALA B 306 -1.05 4.61 11.59
C ALA B 306 -1.69 3.29 11.98
N PHE B 307 -1.51 2.86 13.23
CA PHE B 307 -1.98 1.53 13.63
C PHE B 307 -3.22 1.57 14.51
N LYS B 308 -3.85 2.73 14.69
CA LYS B 308 -5.17 2.80 15.30
C LYS B 308 -6.21 3.42 14.39
N VAL B 309 -5.94 4.62 13.86
CA VAL B 309 -6.99 5.37 13.19
C VAL B 309 -7.30 4.77 11.82
N LEU B 310 -6.27 4.43 11.06
CA LEU B 310 -6.52 3.89 9.72
C LEU B 310 -7.26 2.56 9.74
N PRO B 311 -6.95 1.59 10.59
CA PRO B 311 -7.72 0.34 10.59
C PRO B 311 -9.20 0.52 10.85
N ILE B 312 -9.60 1.61 11.51
CA ILE B 312 -11.02 1.87 11.69
C ILE B 312 -11.71 2.03 10.35
N VAL B 313 -11.02 2.65 9.39
CA VAL B 313 -11.59 2.81 8.05
C VAL B 313 -11.79 1.45 7.40
N ILE B 314 -10.82 0.56 7.54
CA ILE B 314 -10.94 -0.78 6.95
C ILE B 314 -12.13 -1.51 7.55
N PHE B 315 -12.24 -1.49 8.88
CA PHE B 315 -13.33 -2.19 9.54
C PHE B 315 -14.68 -1.62 9.13
N PHE B 316 -14.78 -0.29 9.05
CA PHE B 316 -16.04 0.33 8.65
C PHE B 316 -16.41 -0.03 7.23
N SER B 317 -15.43 -0.03 6.32
CA SER B 317 -15.73 -0.40 4.94
C SER B 317 -16.24 -1.83 4.85
N THR B 318 -15.59 -2.75 5.56
CA THR B 318 -16.06 -4.14 5.54
C THR B 318 -17.48 -4.26 6.09
N VAL B 319 -17.76 -3.59 7.19
CA VAL B 319 -19.09 -3.68 7.79
C VAL B 319 -20.14 -3.10 6.87
N MET B 320 -19.84 -1.96 6.24
CA MET B 320 -20.81 -1.36 5.34
C MET B 320 -21.02 -2.19 4.10
N SER B 321 -19.98 -2.85 3.59
CA SER B 321 -20.17 -3.76 2.46
C SER B 321 -21.07 -4.92 2.85
N MET B 322 -20.85 -5.49 4.03
CA MET B 322 -21.70 -6.58 4.49
C MET B 322 -23.15 -6.12 4.64
N LEU B 323 -23.36 -4.95 5.23
CA LEU B 323 -24.72 -4.44 5.41
C LEU B 323 -25.39 -4.15 4.07
N TYR B 324 -24.64 -3.59 3.12
CA TYR B 324 -25.20 -3.34 1.80
C TYR B 324 -25.58 -4.63 1.12
N TYR B 325 -24.76 -5.67 1.25
CA TYR B 325 -25.13 -6.96 0.68
C TYR B 325 -26.39 -7.52 1.32
N LEU B 326 -26.46 -7.52 2.66
CA LEU B 326 -27.62 -8.07 3.34
C LEU B 326 -28.88 -7.29 3.01
N GLY B 327 -28.80 -5.97 3.05
CA GLY B 327 -29.95 -5.12 2.77
C GLY B 327 -30.52 -4.36 3.94
N LEU B 328 -29.82 -4.30 5.08
CA LEU B 328 -30.30 -3.49 6.19
C LEU B 328 -30.10 -2.00 5.93
N MET B 329 -28.94 -1.63 5.38
CA MET B 329 -28.63 -0.23 5.15
C MET B 329 -29.61 0.40 4.16
N GLN B 330 -29.93 -0.34 3.10
CA GLN B 330 -30.80 0.19 2.06
C GLN B 330 -32.17 0.54 2.62
N TRP B 331 -32.63 -0.19 3.63
CA TRP B 331 -33.93 0.09 4.24
C TRP B 331 -33.95 1.49 4.86
N ILE B 332 -32.95 1.81 5.68
CA ILE B 332 -32.89 3.12 6.31
C ILE B 332 -32.72 4.19 5.26
N ILE B 333 -31.85 3.95 4.27
CA ILE B 333 -31.64 4.94 3.23
C ILE B 333 -32.94 5.25 2.51
N ARG B 334 -33.71 4.21 2.17
CA ARG B 334 -34.97 4.43 1.49
C ARG B 334 -35.93 5.25 2.35
N LYS B 335 -36.03 4.92 3.63
CA LYS B 335 -36.99 5.64 4.48
C LYS B 335 -36.65 7.11 4.59
N VAL B 336 -35.40 7.43 4.93
CA VAL B 336 -35.03 8.84 5.09
C VAL B 336 -35.12 9.58 3.76
N GLY B 337 -34.70 8.94 2.67
CA GLY B 337 -34.82 9.56 1.37
C GLY B 337 -36.26 9.85 1.01
N TRP B 338 -37.18 8.95 1.37
CA TRP B 338 -38.59 9.22 1.10
C TRP B 338 -39.08 10.41 1.89
N VAL B 339 -38.69 10.52 3.17
CA VAL B 339 -39.10 11.68 3.95
C VAL B 339 -38.64 12.96 3.28
N MET B 340 -37.37 13.00 2.89
CA MET B 340 -36.84 14.21 2.26
C MET B 340 -37.54 14.49 0.93
N LEU B 341 -37.79 13.45 0.13
CA LEU B 341 -38.41 13.63 -1.17
C LEU B 341 -39.83 14.17 -1.02
N VAL B 342 -40.60 13.65 -0.07
CA VAL B 342 -41.97 14.11 0.09
C VAL B 342 -42.01 15.53 0.64
N THR B 343 -41.12 15.86 1.58
CA THR B 343 -41.18 17.20 2.16
C THR B 343 -40.63 18.25 1.20
N MET B 344 -39.34 18.15 0.86
CA MET B 344 -38.71 19.20 0.07
C MET B 344 -39.14 19.16 -1.39
N GLY B 345 -39.25 17.97 -1.97
CA GLY B 345 -39.57 17.84 -3.38
C GLY B 345 -38.38 17.70 -4.30
N THR B 346 -37.21 17.36 -3.77
CA THR B 346 -36.04 17.11 -4.60
C THR B 346 -36.27 15.91 -5.50
N SER B 347 -35.34 15.72 -6.44
CA SER B 347 -35.42 14.59 -7.36
C SER B 347 -35.00 13.31 -6.65
N PRO B 348 -35.53 12.15 -7.10
CA PRO B 348 -35.25 10.90 -6.36
C PRO B 348 -33.78 10.55 -6.24
N VAL B 349 -32.99 10.75 -7.30
CA VAL B 349 -31.60 10.31 -7.27
C VAL B 349 -30.80 11.13 -6.27
N GLU B 350 -30.92 12.46 -6.33
CA GLU B 350 -30.21 13.30 -5.38
C GLU B 350 -30.72 13.11 -3.97
N SER B 351 -32.02 12.86 -3.81
CA SER B 351 -32.55 12.58 -2.47
C SER B 351 -31.92 11.33 -1.89
N VAL B 352 -31.83 10.26 -2.68
CA VAL B 352 -31.24 9.02 -2.19
C VAL B 352 -29.78 9.23 -1.85
N VAL B 353 -29.04 9.94 -2.70
CA VAL B 353 -27.62 10.16 -2.43
C VAL B 353 -27.43 11.00 -1.18
N ALA B 354 -28.23 12.07 -1.01
CA ALA B 354 -28.09 12.90 0.18
C ALA B 354 -28.44 12.12 1.43
N SER B 355 -29.48 11.29 1.38
CA SER B 355 -29.83 10.47 2.53
C SER B 355 -28.72 9.47 2.85
N GLY B 356 -28.11 8.88 1.82
CA GLY B 356 -27.02 7.95 2.05
C GLY B 356 -25.78 8.60 2.62
N ASN B 357 -25.52 9.85 2.23
CA ASN B 357 -24.28 10.52 2.63
C ASN B 357 -24.21 10.74 4.13
N ILE B 358 -25.31 10.56 4.86
CA ILE B 358 -25.31 10.83 6.29
C ILE B 358 -24.26 9.98 6.99
N PHE B 359 -24.19 8.69 6.67
CA PHE B 359 -23.27 7.77 7.31
C PHE B 359 -22.34 7.06 6.35
N ILE B 360 -22.23 7.53 5.11
CA ILE B 360 -21.35 6.95 4.11
C ILE B 360 -20.42 8.04 3.58
N GLY B 361 -19.17 7.68 3.33
CA GLY B 361 -18.22 8.66 2.86
C GLY B 361 -18.59 9.22 1.51
N GLN B 362 -17.94 10.33 1.15
CA GLN B 362 -18.21 10.96 -0.13
C GLN B 362 -17.79 10.06 -1.29
N THR B 363 -16.68 9.31 -1.10
CA THR B 363 -16.17 8.48 -2.18
C THR B 363 -17.09 7.31 -2.50
N GLU B 364 -17.73 6.72 -1.47
CA GLU B 364 -18.55 5.53 -1.65
C GLU B 364 -20.04 5.83 -1.77
N SER B 365 -20.47 7.07 -1.54
CA SER B 365 -21.89 7.36 -1.56
C SER B 365 -22.51 7.20 -2.94
N PRO B 366 -21.92 7.70 -4.03
CA PRO B 366 -22.58 7.60 -5.34
C PRO B 366 -22.69 6.18 -5.87
N LEU B 367 -22.00 5.21 -5.27
CA LEU B 367 -22.13 3.83 -5.73
C LEU B 367 -23.55 3.32 -5.59
N LEU B 368 -24.37 3.96 -4.76
CA LEU B 368 -25.77 3.56 -4.64
C LEU B 368 -26.52 3.75 -5.95
N VAL B 369 -26.25 4.85 -6.66
CA VAL B 369 -26.90 5.16 -7.91
C VAL B 369 -25.93 5.10 -9.09
N ARG B 370 -24.87 4.28 -8.96
CA ARG B 370 -23.91 4.14 -10.05
C ARG B 370 -24.55 3.79 -11.38
N PRO B 371 -25.45 2.82 -11.48
CA PRO B 371 -25.96 2.42 -12.80
C PRO B 371 -26.57 3.57 -13.57
N TYR B 372 -27.18 4.54 -12.89
CA TYR B 372 -27.85 5.66 -13.52
C TYR B 372 -27.01 6.94 -13.48
N LEU B 373 -25.76 6.84 -13.04
CA LEU B 373 -24.94 8.05 -12.91
C LEU B 373 -24.77 8.77 -14.25
N PRO B 374 -24.54 8.09 -15.38
CA PRO B 374 -24.37 8.82 -16.64
C PRO B 374 -25.57 9.65 -17.04
N TYR B 375 -26.78 9.27 -16.64
CA TYR B 375 -27.99 9.94 -17.08
C TYR B 375 -28.42 11.11 -16.20
N VAL B 376 -27.67 11.40 -15.12
CA VAL B 376 -28.05 12.50 -14.25
C VAL B 376 -27.83 13.83 -14.97
N THR B 377 -28.68 14.80 -14.64
CA THR B 377 -28.53 16.15 -15.18
C THR B 377 -27.41 16.89 -14.44
N LYS B 378 -27.09 18.08 -14.93
CA LYS B 378 -26.03 18.87 -14.30
C LYS B 378 -26.41 19.26 -12.87
N SER B 379 -27.67 19.66 -12.67
CA SER B 379 -28.08 20.05 -11.32
C SER B 379 -28.01 18.89 -10.36
N GLU B 380 -28.45 17.71 -10.79
CA GLU B 380 -28.39 16.53 -9.92
C GLU B 380 -26.94 16.16 -9.62
N LEU B 381 -26.05 16.27 -10.60
CA LEU B 381 -24.65 15.96 -10.34
C LEU B 381 -24.05 16.94 -9.33
N HIS B 382 -24.37 18.22 -9.47
CA HIS B 382 -23.89 19.20 -8.50
C HIS B 382 -24.43 18.89 -7.12
N ALA B 383 -25.71 18.54 -7.02
CA ALA B 383 -26.29 18.20 -5.72
C ALA B 383 -25.63 16.97 -5.12
N ILE B 384 -25.30 15.98 -5.96
CA ILE B 384 -24.61 14.80 -5.47
C ILE B 384 -23.26 15.17 -4.87
N MET B 385 -22.49 15.97 -5.60
CA MET B 385 -21.17 16.36 -5.08
C MET B 385 -21.30 17.19 -3.82
N THR B 386 -22.28 18.10 -3.76
CA THR B 386 -22.46 18.93 -2.57
C THR B 386 -22.85 18.10 -1.36
N ALA B 387 -23.80 17.18 -1.53
CA ALA B 387 -24.21 16.33 -0.41
C ALA B 387 -23.07 15.44 0.04
N GLY B 388 -22.19 15.05 -0.89
CA GLY B 388 -20.99 14.34 -0.49
C GLY B 388 -20.05 15.21 0.34
N PHE B 389 -19.87 16.47 -0.06
CA PHE B 389 -18.94 17.34 0.65
C PHE B 389 -19.44 17.69 2.04
N SER B 390 -20.73 18.02 2.17
CA SER B 390 -21.19 18.67 3.39
C SER B 390 -21.13 17.75 4.61
N THR B 391 -21.35 16.46 4.44
CA THR B 391 -21.46 15.52 5.56
C THR B 391 -20.22 14.66 5.67
N ILE B 392 -19.98 14.14 6.87
CA ILE B 392 -18.83 13.29 7.15
C ILE B 392 -19.28 11.83 7.15
N ALA B 393 -18.31 10.92 7.20
CA ALA B 393 -18.58 9.49 7.17
C ALA B 393 -18.80 8.95 8.58
N GLY B 394 -19.32 7.73 8.65
CA GLY B 394 -19.57 7.11 9.94
C GLY B 394 -18.32 6.60 10.63
N SER B 395 -17.26 6.31 9.86
CA SER B 395 -16.04 5.81 10.45
C SER B 395 -15.36 6.87 11.30
N VAL B 396 -15.27 8.10 10.78
CA VAL B 396 -14.58 9.17 11.50
C VAL B 396 -15.36 9.64 12.71
N LEU B 397 -16.65 9.34 12.77
CA LEU B 397 -17.46 9.78 13.90
C LEU B 397 -16.96 9.19 15.21
N GLY B 398 -16.61 7.91 15.20
CA GLY B 398 -16.08 7.30 16.41
C GLY B 398 -14.78 7.93 16.85
N ALA B 399 -13.87 8.16 15.90
CA ALA B 399 -12.59 8.77 16.23
C ALA B 399 -12.79 10.16 16.82
N TYR B 400 -13.69 10.96 16.24
CA TYR B 400 -13.90 12.31 16.72
C TYR B 400 -14.57 12.31 18.10
N ILE B 401 -15.49 11.38 18.34
CA ILE B 401 -16.06 11.27 19.69
C ILE B 401 -14.98 10.88 20.68
N SER B 402 -14.02 10.05 20.25
CA SER B 402 -12.95 9.65 21.15
C SER B 402 -12.13 10.84 21.62
N PHE B 403 -11.89 11.82 20.75
CA PHE B 403 -11.11 12.99 21.13
C PHE B 403 -11.76 13.80 22.23
N GLY B 404 -13.04 13.59 22.49
CA GLY B 404 -13.78 14.37 23.46
C GLY B 404 -14.85 15.26 22.86
N VAL B 405 -14.98 15.30 21.54
CA VAL B 405 -16.03 16.10 20.93
C VAL B 405 -17.39 15.48 21.26
N SER B 406 -18.37 16.34 21.50
CA SER B 406 -19.69 15.87 21.88
C SER B 406 -20.28 14.98 20.78
N SER B 407 -20.88 13.86 21.18
CA SER B 407 -21.49 12.97 20.20
C SER B 407 -22.84 13.49 19.71
N SER B 408 -23.63 14.09 20.61
CA SER B 408 -24.92 14.61 20.19
C SER B 408 -24.76 15.66 19.11
N HIS B 409 -23.78 16.56 19.27
CA HIS B 409 -23.56 17.60 18.28
C HIS B 409 -23.02 17.03 16.98
N LEU B 410 -22.16 16.01 17.02
CA LEU B 410 -21.71 15.38 15.79
C LEU B 410 -22.88 14.76 15.02
N LEU B 411 -23.69 13.95 15.72
CA LEU B 411 -24.81 13.29 15.05
C LEU B 411 -25.82 14.30 14.52
N THR B 412 -26.15 15.30 15.34
CA THR B 412 -27.09 16.34 14.89
C THR B 412 -26.52 17.09 13.71
N ALA B 413 -25.20 17.34 13.71
CA ALA B 413 -24.59 18.05 12.60
C ALA B 413 -24.73 17.28 11.31
N SER B 414 -24.48 15.97 11.34
CA SER B 414 -24.63 15.17 10.13
C SER B 414 -26.07 15.18 9.64
N VAL B 415 -27.01 14.92 10.54
CA VAL B 415 -28.41 14.83 10.16
C VAL B 415 -28.90 16.16 9.58
N MET B 416 -28.53 17.28 10.22
CA MET B 416 -28.95 18.58 9.72
C MET B 416 -28.18 18.97 8.47
N SER B 417 -27.01 18.39 8.25
CA SER B 417 -26.21 18.75 7.08
C SER B 417 -26.78 18.14 5.82
N ALA B 418 -27.42 16.98 5.91
CA ALA B 418 -28.02 16.42 4.70
C ALA B 418 -29.01 17.40 4.04
N PRO B 419 -30.11 17.77 4.71
CA PRO B 419 -31.01 18.76 4.12
C PRO B 419 -30.33 20.09 3.81
N ALA B 420 -29.33 20.48 4.60
CA ALA B 420 -28.58 21.69 4.29
C ALA B 420 -27.96 21.59 2.91
N ALA B 421 -27.28 20.48 2.63
CA ALA B 421 -26.64 20.32 1.34
C ALA B 421 -27.67 20.37 0.23
N LEU B 422 -28.79 19.67 0.40
CA LEU B 422 -29.78 19.66 -0.69
C LEU B 422 -30.34 21.06 -0.94
N ALA B 423 -30.74 21.76 0.13
CA ALA B 423 -31.36 23.07 -0.05
C ALA B 423 -30.37 24.07 -0.64
N ILE B 424 -29.13 24.06 -0.16
CA ILE B 424 -28.15 25.00 -0.68
C ILE B 424 -27.84 24.69 -2.14
N SER B 425 -27.80 23.41 -2.51
CA SER B 425 -27.57 23.09 -3.91
C SER B 425 -28.72 23.58 -4.79
N LYS B 426 -29.95 23.39 -4.34
CA LYS B 426 -31.08 23.84 -5.15
C LYS B 426 -31.09 25.36 -5.28
N LEU B 427 -30.68 26.07 -4.23
CA LEU B 427 -30.63 27.53 -4.30
C LEU B 427 -29.47 28.01 -5.19
N PHE B 428 -28.35 27.29 -5.15
CA PHE B 428 -27.08 27.74 -5.73
C PHE B 428 -26.92 27.34 -7.19
N TRP B 429 -27.39 26.15 -7.57
CA TRP B 429 -27.37 25.68 -8.95
C TRP B 429 -28.72 25.08 -9.29
N PRO B 430 -29.74 25.92 -9.49
CA PRO B 430 -31.09 25.38 -9.72
C PRO B 430 -31.17 24.60 -11.02
N GLU B 431 -32.08 23.62 -11.05
CA GLU B 431 -32.22 22.76 -12.22
C GLU B 431 -33.10 23.44 -13.27
N THR B 432 -32.64 23.40 -14.52
CA THR B 432 -33.34 24.02 -15.64
C THR B 432 -33.65 23.03 -16.75
N GLU B 433 -33.69 21.73 -16.44
CA GLU B 433 -33.96 20.72 -17.45
C GLU B 433 -34.70 19.56 -16.80
N THR B 434 -35.33 18.74 -17.64
CA THR B 434 -36.19 17.66 -17.16
C THR B 434 -35.33 16.48 -16.68
N PRO B 435 -35.60 15.93 -15.49
CA PRO B 435 -34.87 14.75 -15.05
C PRO B 435 -35.27 13.52 -15.86
N LYS B 436 -34.36 12.54 -15.89
CA LYS B 436 -34.55 11.34 -16.70
C LYS B 436 -34.51 10.05 -15.88
N ILE B 437 -34.56 10.13 -14.55
CA ILE B 437 -34.49 8.95 -13.68
C ILE B 437 -35.80 8.83 -12.94
N ASN B 438 -36.40 7.65 -12.99
CA ASN B 438 -37.66 7.39 -12.30
C ASN B 438 -37.40 7.16 -10.81
N LEU B 439 -38.47 7.30 -10.02
CA LEU B 439 -38.37 7.04 -8.59
C LEU B 439 -38.08 5.56 -8.34
N LYS B 440 -38.76 4.67 -9.06
CA LYS B 440 -38.52 3.24 -8.87
C LYS B 440 -37.09 2.87 -9.24
N ASN B 441 -36.58 3.43 -10.34
CA ASN B 441 -35.21 3.14 -10.74
C ASN B 441 -34.21 3.67 -9.72
N ALA B 442 -34.46 4.87 -9.19
CA ALA B 442 -33.50 5.48 -8.26
C ALA B 442 -33.48 4.75 -6.93
N MET B 443 -34.66 4.49 -6.36
CA MET B 443 -34.72 3.91 -5.02
C MET B 443 -34.14 2.50 -5.00
N LYS B 444 -34.45 1.69 -5.99
CA LYS B 444 -33.95 0.32 -6.02
C LYS B 444 -32.43 0.33 -6.02
N MET B 445 -31.84 -0.48 -5.16
CA MET B 445 -30.39 -0.62 -5.08
C MET B 445 -30.05 -2.11 -5.14
N GLU B 446 -29.13 -2.46 -6.03
CA GLU B 446 -28.77 -3.85 -6.28
C GLU B 446 -27.28 -4.03 -6.04
N SER B 447 -26.93 -5.12 -5.35
CA SER B 447 -25.54 -5.40 -5.07
C SER B 447 -24.78 -5.63 -6.36
N GLY B 448 -23.56 -5.07 -6.43
CA GLY B 448 -22.75 -5.21 -7.63
C GLY B 448 -22.43 -6.65 -7.94
N ASP B 449 -21.60 -7.29 -7.11
CA ASP B 449 -21.29 -8.71 -7.27
C ASP B 449 -20.97 -9.26 -5.89
N SER B 450 -21.99 -9.83 -5.23
CA SER B 450 -21.81 -10.44 -3.92
C SER B 450 -22.79 -11.61 -3.81
N ARG B 451 -22.32 -12.80 -4.20
CA ARG B 451 -23.14 -14.00 -4.07
C ARG B 451 -23.19 -14.50 -2.63
N ASN B 452 -22.11 -14.35 -1.88
CA ASN B 452 -22.05 -14.83 -0.50
C ASN B 452 -21.33 -13.79 0.36
N LEU B 453 -21.43 -13.99 1.67
CA LEU B 453 -20.97 -12.97 2.61
C LEU B 453 -19.47 -12.74 2.51
N LEU B 454 -18.69 -13.81 2.36
CA LEU B 454 -17.23 -13.69 2.33
C LEU B 454 -16.80 -12.75 1.19
N GLU B 455 -17.47 -12.84 0.05
CA GLU B 455 -17.11 -11.96 -1.07
C GLU B 455 -17.35 -10.50 -0.71
N ALA B 456 -18.46 -10.20 -0.04
CA ALA B 456 -18.74 -8.83 0.36
C ALA B 456 -17.67 -8.31 1.32
N ALA B 457 -17.32 -9.12 2.33
CA ALA B 457 -16.29 -8.71 3.27
C ALA B 457 -14.97 -8.45 2.56
N THR B 458 -14.58 -9.36 1.66
CA THR B 458 -13.32 -9.21 0.95
C THR B 458 -13.32 -7.94 0.10
N GLN B 459 -14.42 -7.66 -0.58
CA GLN B 459 -14.46 -6.49 -1.46
C GLN B 459 -14.31 -5.20 -0.67
N GLY B 460 -15.03 -5.08 0.45
CA GLY B 460 -14.87 -3.90 1.28
C GLY B 460 -13.44 -3.75 1.79
N ALA B 461 -12.87 -4.84 2.28
CA ALA B 461 -11.51 -4.80 2.78
C ALA B 461 -10.54 -4.36 1.69
N SER B 462 -10.73 -4.84 0.46
CA SER B 462 -9.81 -4.49 -0.62
C SER B 462 -9.91 -3.01 -0.98
N SER B 463 -11.12 -2.44 -0.97
CA SER B 463 -11.24 -1.01 -1.29
C SER B 463 -10.58 -0.13 -0.23
N SER B 464 -10.67 -0.55 1.04
CA SER B 464 -10.04 0.24 2.08
C SER B 464 -8.54 0.43 1.83
N ILE B 465 -7.91 -0.45 1.06
CA ILE B 465 -6.47 -0.34 0.78
C ILE B 465 -6.15 1.02 0.19
N SER B 466 -6.69 1.28 -1.01
CA SER B 466 -6.43 2.55 -1.67
C SER B 466 -6.90 3.71 -0.82
N LEU B 467 -8.06 3.55 -0.16
CA LEU B 467 -8.52 4.67 0.66
C LEU B 467 -7.45 5.10 1.65
N VAL B 468 -6.93 4.15 2.43
CA VAL B 468 -6.01 4.49 3.52
C VAL B 468 -4.66 4.97 2.95
N ALA B 469 -4.21 4.37 1.85
CA ALA B 469 -2.94 4.81 1.27
C ALA B 469 -3.00 6.28 0.88
N ASN B 470 -4.05 6.68 0.15
CA ASN B 470 -4.17 8.07 -0.24
C ASN B 470 -4.24 8.96 0.99
N ILE B 471 -5.03 8.57 1.99
CA ILE B 471 -5.18 9.42 3.17
C ILE B 471 -3.83 9.69 3.81
N ALA B 472 -3.04 8.63 4.05
CA ALA B 472 -1.78 8.80 4.76
C ALA B 472 -0.81 9.66 3.96
N VAL B 473 -0.69 9.41 2.66
CA VAL B 473 0.29 10.16 1.88
C VAL B 473 -0.07 11.64 1.83
N ASN B 474 -1.36 11.95 1.64
CA ASN B 474 -1.79 13.34 1.63
C ASN B 474 -1.50 14.00 2.98
N LEU B 475 -1.74 13.28 4.08
CA LEU B 475 -1.45 13.86 5.39
C LEU B 475 0.02 14.23 5.49
N ILE B 476 0.92 13.32 5.12
CA ILE B 476 2.35 13.59 5.22
C ILE B 476 2.69 14.85 4.43
N ALA B 477 2.28 14.89 3.16
CA ALA B 477 2.65 16.01 2.30
C ALA B 477 2.14 17.33 2.87
N PHE B 478 0.87 17.36 3.28
CA PHE B 478 0.28 18.64 3.66
C PHE B 478 0.78 19.12 5.02
N LEU B 479 1.08 18.22 5.95
CA LEU B 479 1.65 18.70 7.22
C LEU B 479 3.07 19.18 7.03
N ALA B 480 3.85 18.54 6.15
CA ALA B 480 5.16 19.09 5.83
C ALA B 480 5.05 20.49 5.23
N LEU B 481 4.09 20.67 4.31
CA LEU B 481 3.88 21.99 3.73
C LEU B 481 3.50 23.00 4.81
N LEU B 482 2.64 22.61 5.75
CA LEU B 482 2.25 23.53 6.82
C LEU B 482 3.46 23.95 7.64
N SER B 483 4.33 23.00 8.00
CA SER B 483 5.50 23.35 8.79
C SER B 483 6.40 24.32 8.04
N PHE B 484 6.62 24.05 6.74
CA PHE B 484 7.45 24.96 5.96
C PHE B 484 6.82 26.34 5.86
N MET B 485 5.50 26.40 5.68
CA MET B 485 4.83 27.69 5.57
C MET B 485 4.96 28.48 6.86
N ASN B 486 4.78 27.81 8.01
CA ASN B 486 4.94 28.52 9.28
C ASN B 486 6.35 29.04 9.44
N SER B 487 7.36 28.23 9.10
CA SER B 487 8.74 28.69 9.25
C SER B 487 9.03 29.88 8.34
N ALA B 488 8.59 29.81 7.08
CA ALA B 488 8.83 30.91 6.16
C ALA B 488 8.12 32.18 6.59
N LEU B 489 6.88 32.05 7.06
CA LEU B 489 6.15 33.22 7.53
C LEU B 489 6.84 33.85 8.73
N SER B 490 7.31 33.04 9.68
CA SER B 490 8.01 33.59 10.83
C SER B 490 9.29 34.28 10.41
N TRP B 491 10.04 33.68 9.46
CA TRP B 491 11.26 34.31 8.98
C TRP B 491 10.97 35.66 8.32
N LEU B 492 9.93 35.72 7.50
CA LEU B 492 9.57 36.97 6.85
C LEU B 492 9.15 38.02 7.87
N GLY B 493 8.34 37.62 8.86
CA GLY B 493 7.86 38.56 9.85
C GLY B 493 8.90 38.99 10.85
N ASN B 494 9.99 38.23 10.98
CA ASN B 494 11.09 38.67 11.83
C ASN B 494 11.70 39.97 11.34
N MET B 495 11.57 40.25 10.03
CA MET B 495 12.12 41.50 9.50
C MET B 495 11.43 42.71 10.11
N PHE B 496 10.12 42.63 10.33
CA PHE B 496 9.32 43.76 10.81
C PHE B 496 9.09 43.73 12.31
N ASP B 497 10.04 43.18 13.07
CA ASP B 497 9.97 43.13 14.52
C ASP B 497 8.81 42.28 15.03
N TYR B 498 8.27 41.41 14.18
CA TYR B 498 7.11 40.59 14.53
C TYR B 498 7.43 39.13 14.16
N PRO B 499 8.29 38.48 14.96
CA PRO B 499 8.62 37.07 14.68
C PRO B 499 7.51 36.09 15.03
N GLN B 500 6.42 36.54 15.64
CA GLN B 500 5.33 35.64 15.98
C GLN B 500 4.40 35.36 14.81
N LEU B 501 4.58 36.04 13.68
CA LEU B 501 3.70 35.83 12.54
C LEU B 501 3.71 34.37 12.12
N SER B 502 2.53 33.83 11.82
CA SER B 502 2.41 32.43 11.44
C SER B 502 1.13 32.25 10.64
N PHE B 503 0.86 31.00 10.26
CA PHE B 503 -0.35 30.68 9.52
C PHE B 503 -1.59 30.97 10.36
N GLU B 504 -1.55 30.63 11.65
CA GLU B 504 -2.71 30.82 12.52
C GLU B 504 -3.07 32.30 12.65
N VAL B 505 -2.07 33.16 12.79
CA VAL B 505 -2.35 34.59 12.97
C VAL B 505 -3.06 35.15 11.76
N ILE B 506 -2.63 34.77 10.55
CA ILE B 506 -3.31 35.24 9.34
C ILE B 506 -4.72 34.66 9.28
N CYS B 507 -4.87 33.36 9.58
CA CYS B 507 -6.18 32.74 9.45
C CYS B 507 -7.17 33.35 10.42
N SER B 508 -6.74 33.70 11.63
CA SER B 508 -7.69 34.21 12.62
C SER B 508 -8.33 35.51 12.15
N TYR B 509 -7.55 36.40 11.53
CA TYR B 509 -8.12 37.63 11.00
C TYR B 509 -8.86 37.41 9.69
N VAL B 510 -8.40 36.48 8.85
CA VAL B 510 -9.03 36.29 7.55
C VAL B 510 -10.46 35.80 7.69
N PHE B 511 -10.68 34.78 8.52
CA PHE B 511 -11.97 34.13 8.64
C PHE B 511 -12.82 34.70 9.77
N MET B 512 -12.40 35.80 10.37
CA MET B 512 -13.16 36.33 11.51
C MET B 512 -14.60 36.67 11.16
N PRO B 513 -14.91 37.33 10.04
CA PRO B 513 -16.31 37.68 9.78
C PRO B 513 -17.25 36.48 9.73
N PHE B 514 -16.80 35.36 9.16
CA PHE B 514 -17.67 34.18 9.12
C PHE B 514 -17.98 33.71 10.54
N ALA B 515 -16.95 33.58 11.38
CA ALA B 515 -17.17 33.12 12.74
C ALA B 515 -18.08 34.08 13.50
N PHE B 516 -17.88 35.39 13.30
CA PHE B 516 -18.74 36.35 13.98
C PHE B 516 -20.19 36.21 13.53
N MET B 517 -20.42 36.04 12.23
CA MET B 517 -21.79 35.92 11.74
C MET B 517 -22.45 34.64 12.23
N MET B 518 -21.68 33.55 12.36
CA MET B 518 -22.29 32.28 12.78
C MET B 518 -22.95 32.38 14.15
N GLY B 519 -22.58 33.35 14.96
CA GLY B 519 -23.19 33.51 16.27
C GLY B 519 -22.18 33.56 17.39
N VAL B 520 -20.93 33.20 17.09
CA VAL B 520 -19.88 33.26 18.09
C VAL B 520 -19.64 34.70 18.51
N ASP B 521 -19.40 34.91 19.80
CA ASP B 521 -19.20 36.26 20.30
C ASP B 521 -17.89 36.83 19.76
N TRP B 522 -17.70 38.13 19.99
CA TRP B 522 -16.59 38.83 19.35
C TRP B 522 -15.24 38.24 19.76
N GLN B 523 -15.01 38.09 21.07
CA GLN B 523 -13.68 37.72 21.54
C GLN B 523 -13.29 36.31 21.11
N ASP B 524 -14.24 35.38 21.11
CA ASP B 524 -13.96 33.99 20.78
C ASP B 524 -14.00 33.72 19.28
N SER B 525 -14.42 34.68 18.46
CA SER B 525 -14.54 34.43 17.04
C SER B 525 -13.18 34.17 16.39
N PHE B 526 -12.11 34.66 16.99
CA PHE B 526 -10.79 34.47 16.40
C PHE B 526 -10.34 33.02 16.49
N MET B 527 -10.60 32.35 17.62
CA MET B 527 -10.20 30.95 17.74
C MET B 527 -11.03 30.06 16.82
N VAL B 528 -12.33 30.32 16.74
CA VAL B 528 -13.17 29.59 15.78
C VAL B 528 -12.69 29.85 14.36
N ALA B 529 -12.22 31.07 14.09
CA ALA B 529 -11.67 31.37 12.78
C ALA B 529 -10.42 30.55 12.50
N LYS B 530 -9.54 30.41 13.51
CA LYS B 530 -8.37 29.56 13.34
C LYS B 530 -8.79 28.14 12.99
N LEU B 531 -9.78 27.61 13.71
CA LEU B 531 -10.24 26.26 13.43
C LEU B 531 -10.82 26.14 12.03
N ILE B 532 -11.60 27.14 11.60
CA ILE B 532 -12.18 27.10 10.27
C ILE B 532 -11.08 27.11 9.21
N GLY B 533 -10.03 27.90 9.42
CA GLY B 533 -8.94 27.92 8.47
C GLY B 533 -8.21 26.59 8.41
N TYR B 534 -7.93 26.00 9.57
CA TYR B 534 -7.31 24.67 9.59
C TYR B 534 -8.16 23.67 8.84
N LYS B 535 -9.48 23.72 9.01
CA LYS B 535 -10.36 22.77 8.34
C LYS B 535 -10.42 23.03 6.83
N THR B 536 -10.40 24.30 6.43
CA THR B 536 -10.52 24.62 5.01
C THR B 536 -9.28 24.22 4.25
N PHE B 537 -8.10 24.58 4.76
CA PHE B 537 -6.87 24.26 4.02
C PHE B 537 -6.38 22.85 4.30
N PHE B 538 -6.62 22.33 5.49
CA PHE B 538 -6.27 20.96 5.84
C PHE B 538 -7.52 20.23 6.30
N ASN B 539 -7.56 18.93 6.05
CA ASN B 539 -8.76 18.16 6.35
C ASN B 539 -9.20 18.38 7.79
N GLU B 540 -10.47 18.08 8.08
CA GLU B 540 -11.06 18.41 9.37
C GLU B 540 -10.45 17.63 10.53
N PHE B 541 -9.61 16.63 10.27
CA PHE B 541 -9.00 15.89 11.37
C PHE B 541 -8.15 16.79 12.25
N VAL B 542 -7.33 17.64 11.65
CA VAL B 542 -6.46 18.51 12.43
C VAL B 542 -7.27 19.58 13.15
N ALA B 543 -8.31 20.11 12.49
CA ALA B 543 -9.17 21.08 13.15
C ALA B 543 -9.86 20.46 14.36
N TYR B 544 -10.31 19.21 14.24
CA TYR B 544 -10.92 18.55 15.38
C TYR B 544 -9.90 18.27 16.47
N GLN B 545 -8.65 17.95 16.10
CA GLN B 545 -7.61 17.81 17.12
C GLN B 545 -7.45 19.10 17.92
N GLN B 546 -7.36 20.23 17.22
CA GLN B 546 -7.21 21.50 17.92
C GLN B 546 -8.43 21.80 18.79
N LEU B 547 -9.63 21.52 18.29
CA LEU B 547 -10.84 21.72 19.08
C LEU B 547 -10.82 20.87 20.33
N SER B 548 -10.36 19.63 20.22
CA SER B 548 -10.27 18.77 21.39
C SER B 548 -9.28 19.33 22.40
N LYS B 549 -8.15 19.86 21.93
CA LYS B 549 -7.20 20.46 22.85
C LYS B 549 -7.82 21.64 23.59
N LEU B 550 -8.55 22.49 22.88
CA LEU B 550 -9.22 23.62 23.54
C LEU B 550 -10.25 23.14 24.56
N ILE B 551 -11.02 22.10 24.20
CA ILE B 551 -12.02 21.57 25.13
C ILE B 551 -11.35 21.02 26.37
N SER B 552 -10.25 20.29 26.21
CA SER B 552 -9.54 19.74 27.36
C SER B 552 -9.00 20.86 28.25
N LEU B 553 -8.45 21.92 27.64
CA LEU B 553 -7.97 23.04 28.43
C LEU B 553 -9.11 23.66 29.23
N ARG B 554 -10.29 23.81 28.63
CA ARG B 554 -11.41 24.36 29.37
C ARG B 554 -11.82 23.45 30.51
N GLN B 555 -11.92 22.14 30.26
CA GLN B 555 -12.37 21.22 31.30
C GLN B 555 -11.40 21.19 32.47
N VAL B 556 -10.10 21.19 32.19
CA VAL B 556 -9.11 21.13 33.26
C VAL B 556 -9.21 22.36 34.15
N GLY B 557 -9.50 23.51 33.57
CA GLY B 557 -9.57 24.76 34.30
C GLY B 557 -8.32 25.58 34.14
N GLY B 558 -8.20 26.59 34.99
CA GLY B 558 -7.06 27.47 34.98
C GLY B 558 -7.41 28.86 34.46
N PRO B 559 -6.40 29.69 34.26
CA PRO B 559 -6.66 31.06 33.80
C PRO B 559 -7.17 31.09 32.36
N LYS B 560 -8.20 31.90 32.12
CA LYS B 560 -8.68 32.08 30.76
C LYS B 560 -7.63 32.75 29.89
N PHE B 561 -6.97 33.77 30.43
CA PHE B 561 -5.87 34.45 29.76
C PHE B 561 -4.61 34.23 30.59
N VAL B 562 -3.66 33.46 30.04
CA VAL B 562 -2.43 33.18 30.79
C VAL B 562 -1.71 34.47 31.14
N ASP B 563 -1.26 35.20 30.12
CA ASP B 563 -0.75 36.56 30.29
C ASP B 563 -1.55 37.56 29.47
N GLY B 564 -1.65 37.34 28.16
CA GLY B 564 -2.51 38.13 27.31
C GLY B 564 -3.11 37.30 26.20
N VAL B 565 -2.89 35.98 26.27
CA VAL B 565 -3.30 35.05 25.23
C VAL B 565 -4.38 34.13 25.81
N GLN B 566 -5.53 34.10 25.15
CA GLN B 566 -6.62 33.25 25.61
C GLN B 566 -6.26 31.77 25.42
N GLN B 567 -6.61 30.96 26.42
CA GLN B 567 -6.29 29.55 26.41
C GLN B 567 -7.45 28.69 25.89
N TYR B 568 -8.67 28.98 26.34
CA TYR B 568 -9.84 28.23 25.92
C TYR B 568 -11.01 29.19 25.67
N MET B 569 -12.09 28.64 25.14
CA MET B 569 -13.28 29.41 24.77
C MET B 569 -14.51 28.78 25.40
N SER B 570 -15.61 29.52 25.35
CA SER B 570 -16.84 29.13 26.03
C SER B 570 -17.34 27.78 25.51
N MET B 571 -18.37 27.27 26.18
CA MET B 571 -19.00 26.02 25.74
C MET B 571 -19.85 26.24 24.49
N ARG B 572 -20.57 27.35 24.43
CA ARG B 572 -21.41 27.62 23.26
C ARG B 572 -20.56 27.76 22.00
N SER B 573 -19.42 28.43 22.11
CA SER B 573 -18.53 28.55 20.96
C SER B 573 -18.02 27.18 20.54
N GLU B 574 -17.79 26.29 21.50
CA GLU B 574 -17.36 24.94 21.16
C GLU B 574 -18.46 24.16 20.44
N ALA B 575 -19.71 24.31 20.87
CA ALA B 575 -20.81 23.65 20.14
C ALA B 575 -20.93 24.20 18.72
N ILE B 576 -20.83 25.52 18.57
CA ILE B 576 -20.93 26.12 17.25
C ILE B 576 -19.79 25.64 16.36
N SER B 577 -18.58 25.58 16.91
CA SER B 577 -17.44 25.08 16.14
C SER B 577 -17.63 23.62 15.78
N THR B 578 -18.24 22.84 16.67
CA THR B 578 -18.51 21.44 16.36
C THR B 578 -19.43 21.34 15.16
N TYR B 579 -20.46 22.18 15.10
CA TYR B 579 -21.37 22.16 13.95
C TYR B 579 -20.68 22.63 12.67
N ALA B 580 -19.87 23.68 12.76
CA ALA B 580 -19.29 24.28 11.57
C ALA B 580 -18.14 23.50 10.97
N LEU B 581 -17.62 22.49 11.66
CA LEU B 581 -16.50 21.70 11.19
C LEU B 581 -16.88 20.29 10.72
N CYS B 582 -18.17 19.96 10.71
CA CYS B 582 -18.59 18.59 10.43
C CYS B 582 -18.82 18.44 8.92
N GLY B 583 -17.72 18.31 8.19
CA GLY B 583 -17.78 18.20 6.74
C GLY B 583 -16.50 17.67 6.17
N PHE B 584 -16.54 17.38 4.87
CA PHE B 584 -15.40 16.88 4.12
C PHE B 584 -14.93 17.84 3.04
N ALA B 585 -15.32 19.12 3.12
CA ALA B 585 -14.99 20.10 2.09
C ALA B 585 -13.60 20.63 2.34
N ASN B 586 -12.65 20.25 1.48
CA ASN B 586 -11.27 20.69 1.59
C ASN B 586 -10.73 20.99 0.19
N PHE B 587 -9.67 21.80 0.13
CA PHE B 587 -9.00 22.02 -1.14
C PHE B 587 -8.21 20.80 -1.57
N GLY B 588 -7.52 20.15 -0.63
CA GLY B 588 -6.73 18.99 -0.97
C GLY B 588 -7.57 17.81 -1.42
N SER B 589 -8.74 17.62 -0.80
CA SER B 589 -9.62 16.49 -1.10
C SER B 589 -10.44 16.68 -2.36
N LEU B 590 -10.35 17.84 -3.01
CA LEU B 590 -11.10 18.00 -4.25
C LEU B 590 -10.63 17.01 -5.31
N GLY B 591 -9.33 16.97 -5.58
CA GLY B 591 -8.87 16.18 -6.70
C GLY B 591 -9.34 14.74 -6.60
N ILE B 592 -9.09 14.11 -5.45
CA ILE B 592 -9.43 12.70 -5.32
C ILE B 592 -10.92 12.50 -5.59
N VAL B 593 -11.77 13.36 -5.02
CA VAL B 593 -13.19 13.11 -5.22
C VAL B 593 -13.53 13.21 -6.69
N ILE B 594 -12.97 14.20 -7.39
CA ILE B 594 -13.22 14.28 -8.82
C ILE B 594 -12.85 12.95 -9.46
N GLY B 595 -11.63 12.47 -9.17
CA GLY B 595 -11.21 11.24 -9.79
C GLY B 595 -12.17 10.12 -9.48
N GLY B 596 -12.56 9.99 -8.21
CA GLY B 596 -13.46 8.91 -7.87
C GLY B 596 -14.72 8.99 -8.69
N LEU B 597 -15.33 10.17 -8.75
CA LEU B 597 -16.57 10.29 -9.51
C LEU B 597 -16.32 9.96 -10.96
N THR B 598 -15.21 10.45 -11.51
CA THR B 598 -14.92 10.23 -12.93
C THR B 598 -14.70 8.74 -13.19
N SER B 599 -14.24 7.99 -12.19
CA SER B 599 -14.10 6.56 -12.38
C SER B 599 -15.45 5.89 -12.57
N MET B 600 -16.47 6.33 -11.84
CA MET B 600 -17.77 5.67 -11.90
C MET B 600 -18.46 5.94 -13.24
N ALA B 601 -18.41 7.18 -13.73
CA ALA B 601 -19.08 7.58 -14.96
C ALA B 601 -18.10 8.36 -15.82
N PRO B 602 -17.20 7.68 -16.54
CA PRO B 602 -16.25 8.41 -17.40
C PRO B 602 -16.94 9.27 -18.45
N SER B 603 -18.10 8.83 -18.94
CA SER B 603 -18.80 9.59 -19.96
C SER B 603 -19.07 11.02 -19.51
N ARG B 604 -19.21 11.24 -18.20
CA ARG B 604 -19.56 12.54 -17.64
C ARG B 604 -18.34 13.35 -17.21
N LYS B 605 -17.14 12.95 -17.61
CA LYS B 605 -15.93 13.59 -17.11
C LYS B 605 -15.99 15.10 -17.28
N ARG B 606 -16.28 15.57 -18.49
CA ARG B 606 -16.29 17.00 -18.76
C ARG B 606 -17.21 17.74 -17.81
N ASP B 607 -18.34 17.13 -17.44
CA ASP B 607 -19.27 17.79 -16.53
C ASP B 607 -18.75 17.81 -15.11
N ILE B 608 -18.10 16.72 -14.68
CA ILE B 608 -17.71 16.61 -13.27
C ILE B 608 -16.78 17.75 -12.88
N THR B 609 -15.78 18.03 -13.71
CA THR B 609 -14.86 19.12 -13.40
C THR B 609 -15.57 20.48 -13.43
N ALA B 610 -16.62 20.62 -14.23
CA ALA B 610 -17.26 21.92 -14.38
C ALA B 610 -17.83 22.41 -13.06
N GLY B 611 -18.51 21.53 -12.32
CA GLY B 611 -19.12 21.88 -11.06
C GLY B 611 -18.38 21.41 -9.83
N ALA B 612 -17.11 21.02 -9.96
CA ALA B 612 -16.38 20.51 -8.81
C ALA B 612 -16.06 21.62 -7.82
N MET B 613 -15.65 22.80 -8.30
CA MET B 613 -15.27 23.88 -7.39
C MET B 613 -16.48 24.47 -6.69
N ARG B 614 -17.59 24.67 -7.40
CA ARG B 614 -18.76 25.29 -6.79
C ARG B 614 -19.39 24.41 -5.74
N ALA B 615 -19.32 23.09 -5.91
CA ALA B 615 -19.86 22.18 -4.90
C ALA B 615 -19.13 22.34 -3.58
N LEU B 616 -17.83 22.61 -3.60
CA LEU B 616 -17.07 22.81 -2.37
C LEU B 616 -17.61 24.01 -1.59
N ILE B 617 -17.83 25.12 -2.30
CA ILE B 617 -18.37 26.32 -1.65
C ILE B 617 -19.78 26.06 -1.15
N ALA B 618 -20.59 25.33 -1.92
CA ALA B 618 -21.94 25.01 -1.47
C ALA B 618 -21.89 24.19 -0.18
N GLY B 619 -20.97 23.23 -0.11
CA GLY B 619 -20.86 22.43 1.10
C GLY B 619 -20.43 23.26 2.30
N THR B 620 -19.48 24.16 2.11
CA THR B 620 -19.06 25.02 3.22
C THR B 620 -20.21 25.91 3.69
N ILE B 621 -20.98 26.45 2.75
CA ILE B 621 -22.10 27.30 3.15
C ILE B 621 -23.15 26.47 3.89
N ALA B 622 -23.35 25.21 3.48
CA ALA B 622 -24.29 24.35 4.20
C ALA B 622 -23.83 24.10 5.63
N CYS B 623 -22.53 23.84 5.82
CA CYS B 623 -22.01 23.67 7.17
C CYS B 623 -22.23 24.93 7.99
N PHE B 624 -22.00 26.10 7.40
CA PHE B 624 -22.22 27.34 8.13
C PHE B 624 -23.69 27.52 8.49
N LEU B 625 -24.61 27.09 7.62
CA LEU B 625 -26.04 27.19 7.96
C LEU B 625 -26.39 26.31 9.14
N THR B 626 -25.89 25.07 9.15
CA THR B 626 -26.16 24.21 10.30
C THR B 626 -25.63 24.84 11.58
N ALA B 627 -24.41 25.41 11.51
CA ALA B 627 -23.84 26.06 12.68
C ALA B 627 -24.66 27.26 13.11
N CYS B 628 -25.20 28.02 12.15
CA CYS B 628 -26.02 29.18 12.48
C CYS B 628 -27.26 28.76 13.25
N ILE B 629 -27.95 27.72 12.77
CA ILE B 629 -29.13 27.25 13.48
C ILE B 629 -28.76 26.77 14.88
N ALA B 630 -27.68 25.99 14.99
CA ALA B 630 -27.28 25.49 16.31
C ALA B 630 -26.97 26.64 17.25
N GLY B 631 -26.28 27.67 16.77
CA GLY B 631 -26.00 28.82 17.60
C GLY B 631 -27.26 29.56 18.00
N MET B 632 -28.25 29.60 17.11
CA MET B 632 -29.52 30.25 17.45
C MET B 632 -30.21 29.51 18.58
N LEU B 633 -30.24 28.18 18.54
CA LEU B 633 -30.99 27.43 19.55
C LEU B 633 -30.23 27.35 20.88
N THR B 634 -28.91 27.16 20.84
CA THR B 634 -28.14 27.03 22.07
C THR B 634 -28.16 28.35 22.84
N ASN B 635 -28.08 28.23 24.17
CA ASN B 635 -28.14 29.37 25.07
C ASN B 635 -26.78 29.65 25.68
N THR B 636 -26.51 30.93 25.92
CA THR B 636 -25.21 31.32 26.43
C THR B 636 -25.00 30.72 27.83
N PRO B 637 -23.79 30.22 28.14
CA PRO B 637 -23.54 29.65 29.47
C PRO B 637 -23.94 30.58 30.62
N GLU C 105 -31.40 41.20 -12.32
CA GLU C 105 -31.05 40.17 -13.29
C GLU C 105 -30.33 40.77 -14.49
N ARG C 106 -31.03 41.67 -15.19
CA ARG C 106 -30.43 42.32 -16.34
C ARG C 106 -29.22 43.16 -15.94
N MET C 107 -29.31 43.87 -14.82
CA MET C 107 -28.18 44.66 -14.35
C MET C 107 -26.99 43.77 -14.05
N CYS C 108 -27.23 42.58 -13.49
CA CYS C 108 -26.14 41.66 -13.21
C CYS C 108 -25.45 41.24 -14.50
N GLY C 109 -26.22 40.92 -15.54
CA GLY C 109 -25.63 40.57 -16.81
C GLY C 109 -24.83 41.71 -17.42
N ARG C 110 -25.37 42.93 -17.33
CA ARG C 110 -24.64 44.09 -17.85
C ARG C 110 -23.33 44.28 -17.12
N MET C 111 -23.35 44.14 -15.79
CA MET C 111 -22.11 44.28 -15.01
C MET C 111 -21.11 43.19 -15.37
N SER C 112 -21.60 41.95 -15.55
CA SER C 112 -20.69 40.88 -15.94
C SER C 112 -20.06 41.15 -17.30
N ASP C 113 -20.86 41.63 -18.26
CA ASP C 113 -20.31 41.96 -19.57
C ASP C 113 -19.29 43.08 -19.49
N PHE C 114 -19.59 44.11 -18.69
CA PHE C 114 -18.65 45.22 -18.54
C PHE C 114 -17.34 44.75 -17.92
N CYS C 115 -17.42 43.89 -16.90
CA CYS C 115 -16.21 43.34 -16.30
C CYS C 115 -15.43 42.52 -17.31
N ARG C 116 -16.13 41.73 -18.13
CA ARG C 116 -15.46 40.95 -19.17
C ARG C 116 -14.74 41.87 -20.14
N GLU C 117 -15.34 43.02 -20.46
CA GLU C 117 -14.71 43.95 -21.39
C GLU C 117 -13.38 44.47 -20.84
N HIS C 118 -13.34 44.75 -19.53
CA HIS C 118 -12.15 45.27 -18.87
C HIS C 118 -11.41 44.21 -18.07
N LYS C 119 -11.61 42.93 -18.38
CA LYS C 119 -11.00 41.86 -17.59
C LYS C 119 -9.47 41.94 -17.63
N THR C 120 -8.91 42.14 -18.82
CA THR C 120 -7.45 42.21 -18.95
C THR C 120 -6.89 43.38 -18.16
N THR C 121 -7.54 44.54 -18.23
CA THR C 121 -7.09 45.69 -17.46
C THR C 121 -7.17 45.41 -15.96
N LEU C 122 -8.22 44.72 -15.52
CA LEU C 122 -8.34 44.36 -14.11
C LEU C 122 -7.18 43.45 -13.69
N ARG C 123 -6.85 42.45 -14.51
CA ARG C 123 -5.75 41.57 -14.17
C ARG C 123 -4.43 42.32 -14.13
N TYR C 124 -4.19 43.20 -15.10
CA TYR C 124 -2.95 43.97 -15.11
C TYR C 124 -2.85 44.88 -13.90
N ILE C 125 -3.97 45.52 -13.53
CA ILE C 125 -3.97 46.39 -12.35
C ILE C 125 -3.70 45.58 -11.10
N ILE C 126 -4.30 44.38 -10.99
CA ILE C 126 -4.08 43.55 -9.81
C ILE C 126 -2.62 43.15 -9.70
N TRP C 127 -2.02 42.72 -10.82
CA TRP C 127 -0.62 42.32 -10.79
C TRP C 127 0.28 43.52 -10.46
N GLY C 128 -0.03 44.69 -11.02
CA GLY C 128 0.75 45.87 -10.69
C GLY C 128 0.66 46.23 -9.22
N ILE C 129 -0.55 46.13 -8.65
CA ILE C 129 -0.72 46.44 -7.23
C ILE C 129 0.06 45.46 -6.37
N LEU C 130 0.01 44.17 -6.73
CA LEU C 130 0.76 43.17 -5.95
C LEU C 130 2.26 43.43 -6.04
N ILE C 131 2.75 43.75 -7.24
CA ILE C 131 4.18 44.03 -7.39
C ILE C 131 4.57 45.25 -6.58
N ALA C 132 3.74 46.30 -6.62
CA ALA C 132 4.03 47.50 -5.84
C ALA C 132 4.03 47.20 -4.35
N GLY C 133 3.11 46.37 -3.88
CA GLY C 133 3.10 46.00 -2.47
C GLY C 133 4.34 45.23 -2.06
N TYR C 134 4.76 44.29 -2.90
CA TYR C 134 5.98 43.55 -2.59
C TYR C 134 7.19 44.48 -2.54
N LEU C 135 7.27 45.40 -3.50
CA LEU C 135 8.38 46.36 -3.50
C LEU C 135 8.35 47.24 -2.26
N ALA C 136 7.16 47.66 -1.84
CA ALA C 136 7.03 48.46 -0.63
C ALA C 136 7.49 47.68 0.60
N LEU C 137 7.11 46.40 0.68
CA LEU C 137 7.57 45.57 1.79
C LEU C 137 9.09 45.46 1.79
N VAL C 138 9.69 45.23 0.63
CA VAL C 138 11.14 45.13 0.54
C VAL C 138 11.78 46.44 1.00
N ILE C 139 11.24 47.57 0.57
CA ILE C 139 11.80 48.86 0.94
C ILE C 139 11.70 49.06 2.45
N ALA C 140 10.57 48.71 3.04
CA ALA C 140 10.41 48.84 4.49
C ALA C 140 11.42 47.98 5.23
N ALA C 141 11.60 46.74 4.79
CA ALA C 141 12.57 45.86 5.44
C ALA C 141 13.98 46.43 5.33
N CYS C 142 14.34 46.95 4.15
CA CYS C 142 15.68 47.50 3.98
C CYS C 142 15.90 48.72 4.87
N VAL C 143 14.92 49.61 4.93
CA VAL C 143 15.10 50.84 5.70
C VAL C 143 15.13 50.56 7.19
N MET C 144 14.30 49.61 7.66
CA MET C 144 14.32 49.28 9.08
C MET C 144 15.70 48.79 9.52
N ASN C 145 16.24 47.81 8.81
CA ASN C 145 17.59 47.32 9.09
C ASN C 145 18.10 46.64 7.83
N PHE C 146 19.06 47.28 7.16
CA PHE C 146 19.59 46.70 5.93
C PHE C 146 20.30 45.37 6.21
N HIS C 147 20.89 45.23 7.40
CA HIS C 147 21.57 43.99 7.72
C HIS C 147 20.59 42.81 7.75
N ARG C 148 19.43 43.00 8.39
CA ARG C 148 18.43 41.93 8.42
C ARG C 148 17.83 41.71 7.05
N ALA C 149 17.61 42.79 6.29
CA ALA C 149 16.92 42.70 5.01
C ALA C 149 17.85 42.36 3.86
N LEU C 150 19.14 42.14 4.11
CA LEU C 150 20.06 41.78 3.03
C LEU C 150 19.57 40.60 2.20
N PRO C 151 19.16 39.47 2.78
CA PRO C 151 18.74 38.35 1.93
C PRO C 151 17.52 38.66 1.07
N LEU C 152 16.54 39.38 1.62
CA LEU C 152 15.36 39.69 0.83
C LEU C 152 15.68 40.71 -0.26
N PHE C 153 16.54 41.69 0.05
CA PHE C 153 16.97 42.63 -0.96
C PHE C 153 17.72 41.93 -2.09
N VAL C 154 18.59 40.98 -1.74
CA VAL C 154 19.32 40.23 -2.76
C VAL C 154 18.37 39.43 -3.64
N ILE C 155 17.40 38.76 -3.01
CA ILE C 155 16.44 37.97 -3.78
C ILE C 155 15.66 38.87 -4.72
N THR C 156 15.20 40.01 -4.24
CA THR C 156 14.44 40.93 -5.09
C THR C 156 15.31 41.45 -6.23
N VAL C 157 16.56 41.79 -5.96
CA VAL C 157 17.42 42.33 -7.01
C VAL C 157 17.64 41.29 -8.10
N VAL C 158 17.94 40.05 -7.71
CA VAL C 158 18.18 39.03 -8.74
C VAL C 158 16.89 38.74 -9.52
N ALA C 159 15.74 38.72 -8.83
CA ALA C 159 14.49 38.48 -9.52
C ALA C 159 14.21 39.57 -10.55
N ILE C 160 14.40 40.83 -10.16
CA ILE C 160 14.18 41.94 -11.07
C ILE C 160 15.14 41.86 -12.24
N PHE C 161 16.41 41.56 -11.97
CA PHE C 161 17.40 41.49 -13.04
C PHE C 161 17.02 40.43 -14.05
N PHE C 162 16.61 39.25 -13.57
CA PHE C 162 16.24 38.19 -14.50
C PHE C 162 14.97 38.52 -15.27
N VAL C 163 13.99 39.14 -14.63
CA VAL C 163 12.77 39.52 -15.34
C VAL C 163 13.11 40.50 -16.46
N VAL C 164 13.92 41.52 -16.15
CA VAL C 164 14.29 42.51 -17.15
C VAL C 164 15.07 41.86 -18.29
N TRP C 165 16.02 40.97 -17.95
CA TRP C 165 16.79 40.30 -18.99
C TRP C 165 15.91 39.47 -19.90
N ASP C 166 14.97 38.72 -19.32
CA ASP C 166 14.06 37.92 -20.15
C ASP C 166 13.23 38.81 -21.06
N HIS C 167 12.71 39.92 -20.53
CA HIS C 167 11.89 40.80 -21.35
C HIS C 167 12.70 41.37 -22.50
N LEU C 168 13.93 41.81 -22.22
CA LEU C 168 14.77 42.39 -23.27
C LEU C 168 15.11 41.35 -24.33
N MET C 169 15.48 40.14 -23.92
CA MET C 169 15.82 39.12 -24.90
C MET C 169 14.61 38.75 -25.75
N ALA C 170 13.43 38.65 -25.14
CA ALA C 170 12.24 38.30 -25.91
C ALA C 170 11.85 39.40 -26.88
N LYS C 171 11.96 40.66 -26.47
CA LYS C 171 11.50 41.75 -27.32
C LYS C 171 12.45 41.97 -28.51
N TYR C 172 13.76 41.97 -28.26
CA TYR C 172 14.74 42.37 -29.25
C TYR C 172 15.56 41.19 -29.77
N GLU C 173 14.95 40.02 -29.90
CA GLU C 173 15.67 38.87 -30.43
C GLU C 173 16.10 39.10 -31.87
N SER C 174 15.22 39.70 -32.68
CA SER C 174 15.50 39.87 -34.10
C SER C 174 16.71 40.77 -34.31
N GLN C 175 16.79 41.89 -33.59
CA GLN C 175 17.92 42.79 -33.76
C GLN C 175 19.22 42.14 -33.33
N ILE C 176 19.18 41.37 -32.24
CA ILE C 176 20.38 40.67 -31.79
C ILE C 176 20.84 39.66 -32.83
N ALA C 177 19.90 38.92 -33.41
CA ALA C 177 20.26 37.98 -34.47
C ALA C 177 20.85 38.71 -35.67
N ARG C 178 20.27 39.84 -36.04
CA ARG C 178 20.79 40.62 -37.16
C ARG C 178 22.21 41.07 -36.90
N PHE C 179 22.48 41.56 -35.69
CA PHE C 179 23.83 41.99 -35.35
C PHE C 179 24.81 40.82 -35.34
N LEU C 180 24.36 39.65 -34.87
CA LEU C 180 25.26 38.51 -34.76
C LEU C 180 25.56 37.87 -36.11
N SER C 181 24.63 37.98 -37.06
CA SER C 181 24.79 37.24 -38.32
C SER C 181 26.10 37.55 -39.05
N PRO C 182 26.50 38.81 -39.25
CA PRO C 182 27.75 39.05 -39.98
C PRO C 182 28.98 38.43 -39.34
N GLY C 183 29.07 38.45 -38.01
CA GLY C 183 30.22 37.84 -37.35
C GLY C 183 30.27 36.34 -37.58
N GLN C 184 29.12 35.68 -37.47
CA GLN C 184 29.07 34.24 -37.73
C GLN C 184 29.42 33.95 -39.19
N ARG C 185 28.97 34.80 -40.12
CA ARG C 185 29.28 34.59 -41.52
C ARG C 185 30.79 34.69 -41.76
N LEU C 186 31.42 35.71 -41.18
CA LEU C 186 32.86 35.86 -41.34
C LEU C 186 33.61 34.68 -40.71
N LEU C 187 33.17 34.24 -39.54
CA LEU C 187 33.79 33.10 -38.88
C LEU C 187 33.67 31.86 -39.74
N ASP C 188 32.49 31.62 -40.33
CA ASP C 188 32.32 30.47 -41.20
C ASP C 188 33.22 30.57 -42.44
N SER C 189 33.33 31.78 -43.01
CA SER C 189 34.18 31.96 -44.17
C SER C 189 35.63 31.61 -43.87
N HIS C 190 36.13 32.06 -42.71
CA HIS C 190 37.52 31.79 -42.34
C HIS C 190 37.72 30.42 -41.70
N TRP C 191 36.64 29.71 -41.38
CA TRP C 191 36.77 28.45 -40.66
C TRP C 191 37.69 27.48 -41.37
N PHE C 192 37.67 27.46 -42.70
CA PHE C 192 38.39 26.45 -43.46
C PHE C 192 39.85 26.36 -43.01
N TRP C 193 40.47 27.52 -42.74
CA TRP C 193 41.84 27.54 -42.24
C TRP C 193 41.93 27.83 -40.75
N LEU C 194 40.88 28.40 -40.15
CA LEU C 194 40.94 28.75 -38.74
C LEU C 194 40.76 27.53 -37.83
N LYS C 195 40.10 26.48 -38.31
CA LYS C 195 39.82 25.35 -37.44
C LYS C 195 41.11 24.64 -37.03
N TRP C 196 42.07 24.48 -37.97
CA TRP C 196 43.34 23.88 -37.62
C TRP C 196 44.05 24.68 -36.55
N VAL C 197 44.03 26.00 -36.67
CA VAL C 197 44.73 26.86 -35.70
C VAL C 197 44.08 26.75 -34.33
N ILE C 198 42.74 26.80 -34.29
CA ILE C 198 42.05 26.71 -33.00
C ILE C 198 42.31 25.36 -32.35
N TRP C 199 42.24 24.27 -33.12
CA TRP C 199 42.47 22.95 -32.55
C TRP C 199 43.91 22.81 -32.03
N GLY C 200 44.88 23.30 -32.81
CA GLY C 200 46.25 23.25 -32.35
C GLY C 200 46.47 24.05 -31.09
N CYS C 201 45.89 25.25 -31.01
CA CYS C 201 46.01 26.06 -29.80
C CYS C 201 45.37 25.35 -28.61
N LEU C 202 44.22 24.70 -28.82
CA LEU C 202 43.58 23.99 -27.72
C LEU C 202 44.45 22.84 -27.21
N ILE C 203 45.02 22.06 -28.14
CA ILE C 203 45.88 20.96 -27.72
C ILE C 203 47.10 21.48 -26.99
N LEU C 204 47.70 22.57 -27.51
CA LEU C 204 48.87 23.15 -26.85
C LEU C 204 48.53 23.62 -25.45
N GLY C 205 47.37 24.26 -25.29
CA GLY C 205 46.96 24.70 -23.97
C GLY C 205 46.74 23.53 -23.02
N VAL C 206 46.16 22.44 -23.51
CA VAL C 206 45.95 21.27 -22.67
C VAL C 206 47.30 20.70 -22.21
N ILE C 207 48.25 20.59 -23.14
CA ILE C 207 49.56 20.05 -22.78
C ILE C 207 50.25 20.95 -21.77
N LEU C 208 50.18 22.27 -21.99
CA LEU C 208 50.80 23.21 -21.05
C LEU C 208 50.17 23.09 -19.67
N TRP C 209 48.84 23.00 -19.59
CA TRP C 209 48.19 22.84 -18.30
C TRP C 209 48.64 21.56 -17.62
N LEU C 210 48.64 20.45 -18.36
CA LEU C 210 49.07 19.19 -17.76
C LEU C 210 50.47 19.33 -17.16
N VAL C 211 51.42 19.79 -17.97
CA VAL C 211 52.80 19.85 -17.52
C VAL C 211 52.94 20.77 -16.31
N PHE C 212 52.27 21.93 -16.34
CA PHE C 212 52.47 22.92 -15.29
C PHE C 212 51.80 22.52 -13.98
N ASP C 213 50.60 21.92 -14.05
CA ASP C 213 49.81 21.67 -12.86
C ASP C 213 49.80 20.21 -12.43
N THR C 214 49.42 19.29 -13.33
CA THR C 214 49.15 17.92 -12.90
C THR C 214 50.43 17.21 -12.49
N ALA C 215 51.51 17.40 -13.24
CA ALA C 215 52.78 16.79 -12.86
C ALA C 215 53.22 17.25 -11.48
N LYS C 216 53.06 18.54 -11.20
CA LYS C 216 53.40 19.05 -9.87
C LYS C 216 52.49 18.47 -8.80
N LEU C 217 51.22 18.23 -9.13
CA LEU C 217 50.31 17.65 -8.14
C LEU C 217 50.77 16.26 -7.72
N GLY C 218 51.15 15.42 -8.67
CA GLY C 218 51.64 14.10 -8.36
C GLY C 218 51.31 13.12 -9.48
N GLN C 219 51.68 11.87 -9.23
CA GLN C 219 51.47 10.81 -10.21
C GLN C 219 50.01 10.39 -10.28
N GLN C 220 49.29 10.40 -9.16
CA GLN C 220 47.93 9.91 -9.14
C GLN C 220 47.03 10.74 -10.06
N GLN C 221 47.28 12.04 -10.18
CA GLN C 221 46.46 12.87 -11.06
C GLN C 221 46.73 12.54 -12.52
N LEU C 222 48.00 12.27 -12.86
CA LEU C 222 48.30 11.81 -14.21
C LEU C 222 47.61 10.48 -14.49
N VAL C 223 47.58 9.59 -13.50
CA VAL C 223 46.82 8.35 -13.67
C VAL C 223 45.34 8.63 -13.86
N SER C 224 44.81 9.64 -13.17
CA SER C 224 43.40 10.00 -13.35
C SER C 224 43.13 10.44 -14.78
N PHE C 225 44.01 11.27 -15.34
CA PHE C 225 43.84 11.69 -16.73
C PHE C 225 43.95 10.50 -17.68
N GLY C 226 44.92 9.61 -17.43
CA GLY C 226 45.02 8.41 -18.23
C GLY C 226 43.75 7.58 -18.17
N GLY C 227 43.15 7.49 -16.98
CA GLY C 227 41.90 6.77 -16.86
C GLY C 227 40.77 7.44 -17.62
N LEU C 228 40.76 8.77 -17.64
CA LEU C 228 39.79 9.49 -18.46
C LEU C 228 39.92 9.08 -19.93
N ILE C 229 41.15 9.09 -20.43
CA ILE C 229 41.38 8.73 -21.83
C ILE C 229 40.96 7.28 -22.08
N ILE C 230 41.32 6.38 -21.16
CA ILE C 230 40.99 4.97 -21.33
C ILE C 230 39.49 4.76 -21.37
N TYR C 231 38.75 5.44 -20.48
CA TYR C 231 37.30 5.31 -20.49
C TYR C 231 36.72 5.81 -21.81
N THR C 232 37.20 6.96 -22.30
CA THR C 232 36.67 7.48 -23.56
C THR C 232 36.93 6.50 -24.71
N SER C 233 38.16 6.00 -24.80
CA SER C 233 38.48 5.08 -25.89
C SER C 233 37.66 3.80 -25.78
N LEU C 234 37.54 3.25 -24.57
CA LEU C 234 36.79 2.02 -24.39
C LEU C 234 35.33 2.20 -24.75
N THR C 235 34.75 3.34 -24.37
CA THR C 235 33.37 3.60 -24.77
C THR C 235 33.25 3.70 -26.29
N PHE C 236 34.22 4.34 -26.93
CA PHE C 236 34.16 4.44 -28.39
C PHE C 236 34.22 3.08 -29.06
N LEU C 237 35.10 2.20 -28.58
CA LEU C 237 35.30 0.91 -29.25
C LEU C 237 34.01 0.10 -29.27
N PHE C 238 33.38 -0.10 -28.11
CA PHE C 238 32.19 -0.94 -28.01
C PHE C 238 30.95 -0.06 -28.21
N SER C 239 30.89 0.54 -29.41
CA SER C 239 29.85 1.50 -29.75
C SER C 239 28.95 0.93 -30.82
N LYS C 240 27.68 1.35 -30.80
CA LYS C 240 26.70 0.78 -31.71
C LYS C 240 27.08 1.02 -33.17
N HIS C 241 27.50 2.24 -33.49
CA HIS C 241 27.89 2.61 -34.84
C HIS C 241 29.24 3.33 -34.78
N PRO C 242 30.33 2.58 -34.62
CA PRO C 242 31.64 3.24 -34.46
C PRO C 242 31.98 4.18 -35.60
N THR C 243 31.64 3.82 -36.84
CA THR C 243 32.03 4.64 -37.98
C THR C 243 31.30 5.97 -38.00
N LYS C 244 30.00 5.97 -37.68
CA LYS C 244 29.20 7.18 -37.72
C LYS C 244 29.12 7.77 -36.32
N VAL C 245 30.16 8.51 -35.95
CA VAL C 245 30.26 9.15 -34.64
C VAL C 245 30.47 10.63 -34.84
N TYR C 246 29.71 11.45 -34.12
CA TYR C 246 29.82 12.90 -34.16
C TYR C 246 30.65 13.34 -32.97
N TRP C 247 31.84 13.88 -33.24
CA TRP C 247 32.84 14.11 -32.21
C TRP C 247 32.73 15.47 -31.55
N ARG C 248 31.75 16.30 -31.91
CA ARG C 248 31.66 17.62 -31.29
C ARG C 248 31.08 17.53 -29.89
N PRO C 249 29.94 16.86 -29.69
CA PRO C 249 29.40 16.74 -28.34
C PRO C 249 30.33 16.06 -27.34
N VAL C 250 31.24 15.20 -27.77
CA VAL C 250 32.11 14.47 -26.85
C VAL C 250 33.13 15.45 -26.28
N PHE C 251 33.85 16.12 -27.18
CA PHE C 251 34.85 17.09 -26.75
C PHE C 251 34.22 18.22 -25.98
N TRP C 252 33.04 18.69 -26.41
CA TRP C 252 32.41 19.79 -25.68
C TRP C 252 31.92 19.36 -24.31
N GLY C 253 31.42 18.12 -24.17
CA GLY C 253 31.05 17.64 -22.85
C GLY C 253 32.24 17.56 -21.91
N ILE C 254 33.34 16.99 -22.39
CA ILE C 254 34.54 16.90 -21.54
C ILE C 254 35.02 18.30 -21.18
N GLY C 255 34.98 19.23 -22.13
CA GLY C 255 35.42 20.59 -21.84
C GLY C 255 34.56 21.26 -20.80
N LEU C 256 33.23 21.14 -20.91
CA LEU C 256 32.35 21.74 -19.93
C LEU C 256 32.55 21.13 -18.55
N GLN C 257 32.71 19.81 -18.49
CA GLN C 257 32.96 19.19 -17.20
C GLN C 257 34.24 19.72 -16.58
N PHE C 258 35.31 19.82 -17.37
CA PHE C 258 36.57 20.32 -16.82
C PHE C 258 36.43 21.76 -16.36
N LEU C 259 35.75 22.60 -17.15
CA LEU C 259 35.59 24.01 -16.77
C LEU C 259 34.81 24.12 -15.46
N LEU C 260 33.69 23.42 -15.36
CA LEU C 260 32.89 23.50 -14.14
C LEU C 260 33.65 22.99 -12.94
N GLY C 261 34.33 21.85 -13.08
CA GLY C 261 35.11 21.32 -11.98
C GLY C 261 36.21 22.26 -11.55
N LEU C 262 36.90 22.85 -12.51
CA LEU C 262 37.96 23.80 -12.19
C LEU C 262 37.39 25.01 -11.45
N LEU C 263 36.24 25.52 -11.91
CA LEU C 263 35.64 26.68 -11.28
C LEU C 263 35.21 26.39 -9.85
N ILE C 264 34.57 25.24 -9.61
CA ILE C 264 34.02 24.97 -8.30
C ILE C 264 35.09 24.49 -7.32
N LEU C 265 36.02 23.65 -7.78
CA LEU C 265 36.97 23.01 -6.88
C LEU C 265 38.19 23.88 -6.60
N ARG C 266 38.67 24.64 -7.58
CA ARG C 266 39.90 25.39 -7.44
C ARG C 266 39.67 26.86 -7.07
N THR C 267 38.43 27.28 -6.84
CA THR C 267 38.13 28.65 -6.42
C THR C 267 37.31 28.59 -5.13
N GLU C 268 37.75 29.34 -4.11
CA GLU C 268 37.09 29.24 -2.82
C GLU C 268 35.65 29.74 -2.85
N PRO C 269 35.34 30.90 -3.42
CA PRO C 269 33.94 31.37 -3.39
C PRO C 269 32.96 30.39 -4.02
N GLY C 270 33.35 29.76 -5.12
CA GLY C 270 32.49 28.74 -5.70
C GLY C 270 32.32 27.54 -4.79
N PHE C 271 33.40 27.16 -4.09
CA PHE C 271 33.32 26.07 -3.13
C PHE C 271 32.38 26.41 -1.97
N MET C 272 32.36 27.67 -1.55
CA MET C 272 31.46 28.08 -0.48
C MET C 272 30.01 28.13 -0.95
N ALA C 273 29.78 28.55 -2.20
CA ALA C 273 28.41 28.67 -2.68
C ALA C 273 27.70 27.32 -2.68
N PHE C 274 28.38 26.26 -3.12
CA PHE C 274 27.74 24.96 -3.19
C PHE C 274 27.53 24.37 -1.79
N ASP C 275 28.45 24.63 -0.87
CA ASP C 275 28.22 24.24 0.52
C ASP C 275 26.96 24.93 1.06
N TRP C 276 26.81 26.22 0.78
CA TRP C 276 25.64 26.95 1.26
C TRP C 276 24.36 26.35 0.69
N LEU C 277 24.36 26.05 -0.61
CA LEU C 277 23.18 25.42 -1.21
C LEU C 277 22.88 24.07 -0.58
N GLY C 278 23.91 23.27 -0.32
CA GLY C 278 23.69 21.99 0.32
C GLY C 278 23.05 22.13 1.69
N LYS C 279 23.52 23.10 2.48
CA LYS C 279 22.90 23.32 3.79
C LYS C 279 21.44 23.70 3.65
N GLN C 280 21.13 24.58 2.69
CA GLN C 280 19.74 24.97 2.51
C GLN C 280 18.86 23.76 2.16
N VAL C 281 19.36 22.88 1.30
CA VAL C 281 18.58 21.69 0.95
C VAL C 281 18.41 20.79 2.17
N GLN C 282 19.45 20.66 2.99
CA GLN C 282 19.31 19.92 4.24
C GLN C 282 18.11 20.43 5.04
N THR C 283 18.05 21.75 5.24
CA THR C 283 16.96 22.33 6.02
C THR C 283 15.62 22.06 5.38
N PHE C 284 15.54 22.24 4.07
CA PHE C 284 14.27 22.11 3.36
C PHE C 284 13.70 20.71 3.52
N LEU C 285 14.56 19.68 3.47
CA LEU C 285 14.06 18.32 3.65
C LEU C 285 13.87 17.96 5.13
N GLY C 286 14.59 18.62 6.02
CA GLY C 286 14.32 18.43 7.43
C GLY C 286 12.91 18.83 7.79
N TYR C 287 12.36 19.81 7.08
CA TYR C 287 10.95 20.14 7.28
C TYR C 287 10.08 18.89 7.11
N SER C 288 10.31 18.11 6.06
CA SER C 288 9.54 16.89 5.87
C SER C 288 9.81 15.88 6.97
N ASP C 289 11.09 15.69 7.31
CA ASP C 289 11.41 14.75 8.37
C ASP C 289 10.64 15.07 9.65
N ALA C 290 10.42 16.36 9.91
CA ALA C 290 9.61 16.73 11.07
C ALA C 290 8.12 16.48 10.82
N GLY C 291 7.65 16.73 9.61
CA GLY C 291 6.23 16.62 9.32
C GLY C 291 5.69 15.20 9.30
N ALA C 292 6.57 14.20 9.21
CA ALA C 292 6.16 12.79 9.25
C ALA C 292 5.95 12.27 10.66
N SER C 293 6.32 13.05 11.69
CA SER C 293 6.14 12.58 13.06
C SER C 293 4.67 12.46 13.42
N PHE C 294 3.84 13.35 12.89
CA PHE C 294 2.41 13.31 13.21
C PHE C 294 1.79 11.99 12.78
N VAL C 295 2.06 11.55 11.55
CA VAL C 295 1.39 10.35 11.04
C VAL C 295 1.94 9.11 11.72
N PHE C 296 3.25 9.01 11.88
CA PHE C 296 3.89 7.82 12.43
C PHE C 296 4.31 7.99 13.89
N GLY C 297 3.75 8.98 14.58
CA GLY C 297 4.05 9.18 15.99
C GLY C 297 5.41 9.80 16.21
N GLU C 298 5.73 10.03 17.48
CA GLU C 298 7.01 10.62 17.84
C GLU C 298 8.14 9.60 17.88
N LYS C 299 7.84 8.31 17.71
CA LYS C 299 8.84 7.26 17.70
C LYS C 299 9.18 6.79 16.29
N TYR C 300 8.95 7.63 15.28
CA TYR C 300 9.29 7.26 13.91
C TYR C 300 10.78 7.05 13.74
N THR C 301 11.62 7.67 14.58
CA THR C 301 13.05 7.45 14.50
C THR C 301 13.43 6.00 14.78
N ASP C 302 12.55 5.22 15.41
CA ASP C 302 12.85 3.83 15.69
C ASP C 302 13.06 3.04 14.40
N HIS C 303 12.19 3.26 13.42
CA HIS C 303 12.30 2.63 12.11
C HIS C 303 12.83 3.69 11.15
N PHE C 304 14.16 3.87 11.15
CA PHE C 304 14.75 5.01 10.44
C PHE C 304 14.35 5.02 8.98
N PHE C 305 14.69 3.97 8.24
CA PHE C 305 14.47 4.00 6.80
C PHE C 305 13.00 4.26 6.48
N ALA C 306 12.12 3.34 6.84
CA ALA C 306 10.75 3.38 6.34
C ALA C 306 10.03 4.67 6.72
N PHE C 307 10.28 5.18 7.92
CA PHE C 307 9.53 6.31 8.45
C PHE C 307 10.27 7.64 8.38
N LYS C 308 11.49 7.68 7.85
CA LYS C 308 12.17 8.95 7.61
C LYS C 308 12.55 9.15 6.15
N VAL C 309 13.16 8.16 5.51
CA VAL C 309 13.71 8.36 4.18
C VAL C 309 12.62 8.48 3.14
N LEU C 310 11.52 7.76 3.31
CA LEU C 310 10.47 7.74 2.29
C LEU C 310 9.55 8.96 2.37
N PRO C 311 9.20 9.43 3.56
CA PRO C 311 8.49 10.71 3.64
C PRO C 311 9.24 11.83 2.96
N ILE C 312 10.57 11.78 2.95
CA ILE C 312 11.34 12.76 2.20
C ILE C 312 10.98 12.68 0.72
N VAL C 313 10.86 11.46 0.18
CA VAL C 313 10.49 11.30 -1.22
C VAL C 313 9.11 11.90 -1.47
N ILE C 314 8.16 11.62 -0.56
CA ILE C 314 6.81 12.12 -0.76
C ILE C 314 6.79 13.65 -0.77
N PHE C 315 7.47 14.26 0.21
CA PHE C 315 7.48 15.72 0.29
C PHE C 315 8.17 16.34 -0.91
N PHE C 316 9.28 15.74 -1.35
CA PHE C 316 9.96 16.29 -2.52
C PHE C 316 9.08 16.19 -3.75
N SER C 317 8.34 15.09 -3.92
CA SER C 317 7.45 14.98 -5.06
C SER C 317 6.37 16.05 -5.02
N THR C 318 5.80 16.30 -3.83
CA THR C 318 4.79 17.34 -3.71
C THR C 318 5.36 18.71 -4.07
N VAL C 319 6.53 19.04 -3.55
CA VAL C 319 7.14 20.33 -3.85
C VAL C 319 7.45 20.45 -5.34
N MET C 320 7.90 19.35 -5.95
CA MET C 320 8.23 19.39 -7.36
C MET C 320 7.00 19.64 -8.21
N SER C 321 5.88 18.98 -7.90
CA SER C 321 4.65 19.23 -8.65
C SER C 321 4.17 20.66 -8.43
N MET C 322 4.26 21.16 -7.20
CA MET C 322 3.91 22.56 -6.95
C MET C 322 4.70 23.50 -7.84
N LEU C 323 6.03 23.35 -7.83
CA LEU C 323 6.88 24.25 -8.63
C LEU C 323 6.58 24.10 -10.11
N TYR C 324 6.41 22.87 -10.58
CA TYR C 324 6.08 22.66 -12.00
C TYR C 324 4.81 23.40 -12.37
N TYR C 325 3.80 23.35 -11.49
CA TYR C 325 2.58 24.11 -11.73
C TYR C 325 2.86 25.61 -11.79
N LEU C 326 3.65 26.13 -10.84
CA LEU C 326 3.95 27.55 -10.84
C LEU C 326 4.72 27.95 -12.09
N GLY C 327 5.80 27.26 -12.40
CA GLY C 327 6.58 27.51 -13.58
C GLY C 327 8.01 28.00 -13.34
N LEU C 328 8.62 27.69 -12.20
CA LEU C 328 9.99 28.08 -11.94
C LEU C 328 10.99 27.02 -12.42
N MET C 329 10.75 25.76 -12.08
CA MET C 329 11.65 24.71 -12.53
C MET C 329 11.73 24.69 -14.05
N GLN C 330 10.63 25.00 -14.72
CA GLN C 330 10.65 25.09 -16.17
C GLN C 330 11.58 26.20 -16.64
N TRP C 331 11.56 27.35 -15.95
CA TRP C 331 12.45 28.44 -16.28
C TRP C 331 13.91 28.01 -16.17
N ILE C 332 14.27 27.39 -15.04
CA ILE C 332 15.65 26.97 -14.83
C ILE C 332 16.05 25.94 -15.88
N ILE C 333 15.16 24.97 -16.14
CA ILE C 333 15.46 23.92 -17.09
C ILE C 333 15.70 24.50 -18.46
N ARG C 334 14.88 25.47 -18.87
CA ARG C 334 15.08 26.09 -20.17
C ARG C 334 16.44 26.77 -20.25
N LYS C 335 16.82 27.51 -19.21
CA LYS C 335 18.09 28.22 -19.26
C LYS C 335 19.26 27.25 -19.38
N VAL C 336 19.29 26.21 -18.54
CA VAL C 336 20.41 25.27 -18.56
C VAL C 336 20.44 24.50 -19.88
N GLY C 337 19.27 24.07 -20.35
CA GLY C 337 19.21 23.35 -21.61
C GLY C 337 19.70 24.20 -22.76
N TRP C 338 19.37 25.49 -22.77
CA TRP C 338 19.89 26.36 -23.82
C TRP C 338 21.41 26.48 -23.73
N VAL C 339 21.95 26.61 -22.52
CA VAL C 339 23.40 26.71 -22.37
C VAL C 339 24.07 25.48 -22.94
N MET C 340 23.52 24.29 -22.68
CA MET C 340 24.13 23.07 -23.18
C MET C 340 23.92 22.90 -24.69
N LEU C 341 22.78 23.36 -25.20
CA LEU C 341 22.45 23.16 -26.62
C LEU C 341 23.25 24.09 -27.51
N VAL C 342 23.50 25.33 -27.07
CA VAL C 342 24.29 26.24 -27.89
C VAL C 342 25.73 25.74 -28.03
N THR C 343 26.26 25.12 -26.98
CA THR C 343 27.63 24.64 -27.01
C THR C 343 27.72 23.28 -27.71
N MET C 344 27.14 22.24 -27.11
CA MET C 344 27.31 20.89 -27.64
C MET C 344 26.66 20.75 -29.01
N GLY C 345 25.42 21.19 -29.14
CA GLY C 345 24.67 20.97 -30.36
C GLY C 345 23.81 19.75 -30.36
N THR C 346 23.45 19.21 -29.19
CA THR C 346 22.59 18.04 -29.11
C THR C 346 21.17 18.41 -29.52
N SER C 347 20.29 17.41 -29.53
CA SER C 347 18.91 17.62 -29.90
C SER C 347 18.15 18.34 -28.79
N PRO C 348 17.03 18.98 -29.11
CA PRO C 348 16.30 19.73 -28.07
C PRO C 348 15.74 18.84 -26.97
N VAL C 349 15.07 17.75 -27.31
CA VAL C 349 14.41 16.93 -26.29
C VAL C 349 15.44 16.34 -25.34
N GLU C 350 16.53 15.77 -25.88
CA GLU C 350 17.51 15.14 -25.02
C GLU C 350 18.25 16.18 -24.18
N SER C 351 18.52 17.36 -24.74
CA SER C 351 19.14 18.42 -23.95
C SER C 351 18.24 18.85 -22.80
N VAL C 352 16.95 19.03 -23.07
CA VAL C 352 16.03 19.43 -22.00
C VAL C 352 15.95 18.36 -20.93
N VAL C 353 15.90 17.08 -21.33
CA VAL C 353 15.80 16.01 -20.36
C VAL C 353 17.08 15.90 -19.53
N ALA C 354 18.23 15.98 -20.17
CA ALA C 354 19.50 15.88 -19.46
C ALA C 354 19.86 17.13 -18.68
N SER C 355 19.17 18.24 -18.92
CA SER C 355 19.35 19.46 -18.14
C SER C 355 18.31 19.61 -17.04
N GLY C 356 17.28 18.78 -17.02
CA GLY C 356 16.27 18.80 -15.99
C GLY C 356 16.32 17.60 -15.06
N ASN C 357 17.36 16.78 -15.15
CA ASN C 357 17.56 15.68 -14.22
C ASN C 357 18.46 16.04 -13.05
N ILE C 358 19.13 17.18 -13.11
CA ILE C 358 20.04 17.57 -12.04
C ILE C 358 19.30 17.59 -10.70
N PHE C 359 18.00 17.86 -10.71
CA PHE C 359 17.19 17.88 -9.50
C PHE C 359 15.95 17.00 -9.55
N ILE C 360 15.59 16.46 -10.71
CA ILE C 360 14.42 15.58 -10.85
C ILE C 360 14.89 14.14 -10.94
N GLY C 361 14.11 13.23 -10.38
CA GLY C 361 14.44 11.82 -10.45
C GLY C 361 14.35 11.28 -11.87
N GLN C 362 14.79 10.04 -12.04
CA GLN C 362 14.76 9.42 -13.36
C GLN C 362 13.35 9.03 -13.77
N THR C 363 12.51 8.62 -12.81
CA THR C 363 11.17 8.16 -13.16
C THR C 363 10.30 9.30 -13.65
N GLU C 364 10.50 10.50 -13.12
CA GLU C 364 9.64 11.64 -13.41
C GLU C 364 10.23 12.61 -14.42
N SER C 365 11.51 12.49 -14.78
CA SER C 365 12.10 13.44 -15.71
C SER C 365 11.48 13.38 -17.10
N PRO C 366 11.18 12.22 -17.68
CA PRO C 366 10.60 12.21 -19.04
C PRO C 366 9.24 12.88 -19.13
N LEU C 367 8.54 13.07 -18.02
CA LEU C 367 7.26 13.78 -18.07
C LEU C 367 7.41 15.16 -18.69
N LEU C 368 8.62 15.73 -18.64
CA LEU C 368 8.86 17.02 -19.27
C LEU C 368 8.56 17.00 -20.77
N VAL C 369 8.82 15.88 -21.43
CA VAL C 369 8.60 15.76 -22.88
C VAL C 369 7.66 14.59 -23.16
N ARG C 370 6.86 14.21 -22.18
CA ARG C 370 5.91 13.12 -22.36
C ARG C 370 5.12 13.19 -23.66
N PRO C 371 4.60 14.34 -24.10
CA PRO C 371 3.81 14.36 -25.33
C PRO C 371 4.59 13.91 -26.56
N TYR C 372 5.91 14.12 -26.59
CA TYR C 372 6.73 13.84 -27.77
C TYR C 372 7.51 12.55 -27.65
N LEU C 373 7.31 11.78 -26.59
CA LEU C 373 8.05 10.53 -26.44
C LEU C 373 7.85 9.57 -27.60
N PRO C 374 6.64 9.36 -28.12
CA PRO C 374 6.47 8.40 -29.23
C PRO C 374 7.22 8.79 -30.50
N TYR C 375 7.64 10.04 -30.65
CA TYR C 375 8.28 10.51 -31.87
C TYR C 375 9.78 10.65 -31.75
N VAL C 376 10.37 10.37 -30.58
CA VAL C 376 11.81 10.50 -30.41
C VAL C 376 12.52 9.39 -31.18
N THR C 377 13.70 9.71 -31.70
CA THR C 377 14.52 8.72 -32.38
C THR C 377 15.07 7.71 -31.38
N LYS C 378 15.69 6.65 -31.90
CA LYS C 378 16.29 5.65 -31.02
C LYS C 378 17.45 6.26 -30.24
N SER C 379 18.29 7.06 -30.90
CA SER C 379 19.43 7.65 -30.21
C SER C 379 18.98 8.59 -29.11
N GLU C 380 17.95 9.40 -29.36
CA GLU C 380 17.47 10.31 -28.34
C GLU C 380 16.79 9.55 -27.20
N LEU C 381 16.13 8.44 -27.49
CA LEU C 381 15.59 7.60 -26.42
C LEU C 381 16.72 7.06 -25.55
N HIS C 382 17.81 6.60 -26.17
CA HIS C 382 18.96 6.14 -25.40
C HIS C 382 19.55 7.27 -24.56
N ALA C 383 19.62 8.48 -25.12
CA ALA C 383 20.15 9.60 -24.37
C ALA C 383 19.25 9.92 -23.18
N ILE C 384 17.94 9.82 -23.35
CA ILE C 384 17.03 10.02 -22.22
C ILE C 384 17.29 8.99 -21.14
N MET C 385 17.42 7.72 -21.53
CA MET C 385 17.68 6.68 -20.55
C MET C 385 19.00 6.92 -19.81
N THR C 386 20.05 7.29 -20.55
CA THR C 386 21.35 7.52 -19.95
C THR C 386 21.32 8.68 -18.97
N ALA C 387 20.75 9.82 -19.40
CA ALA C 387 20.64 10.96 -18.49
C ALA C 387 19.82 10.58 -17.26
N GLY C 388 18.87 9.68 -17.40
CA GLY C 388 18.17 9.17 -16.23
C GLY C 388 19.09 8.42 -15.29
N PHE C 389 19.93 7.55 -15.84
CA PHE C 389 20.70 6.64 -14.99
C PHE C 389 21.94 7.27 -14.37
N SER C 390 22.38 8.44 -14.82
CA SER C 390 23.66 8.99 -14.39
C SER C 390 23.51 10.18 -13.45
N THR C 391 22.33 10.42 -12.89
CA THR C 391 22.13 11.55 -11.99
C THR C 391 21.22 11.11 -10.84
N ILE C 392 21.33 11.82 -9.72
CA ILE C 392 20.49 11.57 -8.56
C ILE C 392 19.46 12.68 -8.44
N ALA C 393 18.41 12.39 -7.69
CA ALA C 393 17.35 13.37 -7.45
C ALA C 393 17.72 14.27 -6.28
N GLY C 394 16.95 15.35 -6.11
CA GLY C 394 17.16 16.26 -5.01
C GLY C 394 16.56 15.80 -3.70
N SER C 395 15.64 14.84 -3.75
CA SER C 395 15.07 14.30 -2.51
C SER C 395 16.15 13.60 -1.69
N VAL C 396 17.02 12.85 -2.33
CA VAL C 396 18.04 12.09 -1.62
C VAL C 396 19.25 12.93 -1.24
N LEU C 397 19.36 14.15 -1.73
CA LEU C 397 20.52 14.99 -1.42
C LEU C 397 20.61 15.24 0.08
N GLY C 398 19.50 15.56 0.72
CA GLY C 398 19.54 15.85 2.15
C GLY C 398 20.03 14.68 2.96
N ALA C 399 19.51 13.48 2.68
CA ALA C 399 19.92 12.31 3.44
C ALA C 399 21.41 12.01 3.28
N TYR C 400 21.90 12.09 2.04
CA TYR C 400 23.32 11.80 1.81
C TYR C 400 24.21 12.83 2.48
N ILE C 401 23.81 14.11 2.46
CA ILE C 401 24.62 15.10 3.16
C ILE C 401 24.57 14.86 4.66
N SER C 402 23.43 14.38 5.18
CA SER C 402 23.32 14.13 6.62
C SER C 402 24.26 13.02 7.06
N PHE C 403 24.45 11.99 6.24
CA PHE C 403 25.34 10.90 6.60
C PHE C 403 26.77 11.38 6.86
N GLY C 404 27.14 12.54 6.33
CA GLY C 404 28.51 13.01 6.38
C GLY C 404 29.16 13.19 5.03
N VAL C 405 28.48 12.89 3.93
CA VAL C 405 29.04 13.11 2.60
C VAL C 405 29.15 14.59 2.34
N SER C 406 30.25 14.99 1.69
CA SER C 406 30.45 16.41 1.40
C SER C 406 29.34 16.93 0.51
N SER C 407 28.81 18.11 0.85
CA SER C 407 27.74 18.69 0.05
C SER C 407 28.26 19.29 -1.25
N SER C 408 29.42 19.95 -1.19
CA SER C 408 29.98 20.54 -2.40
C SER C 408 30.23 19.49 -3.46
N HIS C 409 30.81 18.36 -3.07
CA HIS C 409 31.09 17.30 -4.04
C HIS C 409 29.81 16.69 -4.57
N LEU C 410 28.81 16.50 -3.72
CA LEU C 410 27.53 15.95 -4.20
C LEU C 410 26.92 16.87 -5.25
N LEU C 411 26.83 18.17 -4.96
CA LEU C 411 26.22 19.08 -5.92
C LEU C 411 27.07 19.20 -7.19
N THR C 412 28.39 19.22 -7.05
CA THR C 412 29.25 19.30 -8.23
C THR C 412 29.08 18.07 -9.11
N ALA C 413 29.01 16.89 -8.50
CA ALA C 413 28.79 15.68 -9.28
C ALA C 413 27.43 15.71 -9.97
N SER C 414 26.39 16.16 -9.26
CA SER C 414 25.08 16.23 -9.87
C SER C 414 25.07 17.16 -11.07
N VAL C 415 25.74 18.31 -10.97
CA VAL C 415 25.77 19.25 -12.08
C VAL C 415 26.63 18.70 -13.23
N MET C 416 27.77 18.09 -12.91
CA MET C 416 28.66 17.59 -13.96
C MET C 416 28.13 16.36 -14.66
N SER C 417 27.21 15.61 -14.04
CA SER C 417 26.78 14.35 -14.63
C SER C 417 26.06 14.57 -15.96
N ALA C 418 25.29 15.66 -16.08
CA ALA C 418 24.51 15.87 -17.29
C ALA C 418 25.37 15.99 -18.54
N PRO C 419 26.39 16.87 -18.59
CA PRO C 419 27.26 16.86 -19.78
C PRO C 419 27.94 15.52 -20.03
N ALA C 420 28.40 14.85 -18.98
CA ALA C 420 28.97 13.52 -19.16
C ALA C 420 27.94 12.55 -19.71
N ALA C 421 26.71 12.62 -19.19
CA ALA C 421 25.66 11.73 -19.68
C ALA C 421 25.45 11.92 -21.18
N LEU C 422 25.32 13.17 -21.62
CA LEU C 422 25.09 13.42 -23.05
C LEU C 422 26.29 13.01 -23.89
N ALA C 423 27.51 13.35 -23.45
CA ALA C 423 28.68 13.00 -24.25
C ALA C 423 28.80 11.49 -24.41
N ILE C 424 28.59 10.75 -23.32
CA ILE C 424 28.70 9.30 -23.38
C ILE C 424 27.57 8.70 -24.22
N SER C 425 26.37 9.27 -24.13
CA SER C 425 25.28 8.77 -24.96
C SER C 425 25.57 8.99 -26.43
N LYS C 426 26.16 10.13 -26.78
CA LYS C 426 26.46 10.41 -28.17
C LYS C 426 27.64 9.61 -28.68
N LEU C 427 28.56 9.23 -27.80
CA LEU C 427 29.65 8.35 -28.22
C LEU C 427 29.21 6.91 -28.34
N PHE C 428 28.39 6.44 -27.39
CA PHE C 428 28.02 5.04 -27.32
C PHE C 428 27.01 4.67 -28.41
N TRP C 429 26.00 5.51 -28.61
CA TRP C 429 24.91 5.26 -29.55
C TRP C 429 24.70 6.49 -30.40
N PRO C 430 25.59 6.76 -31.36
CA PRO C 430 25.45 7.97 -32.17
C PRO C 430 24.20 7.91 -33.03
N GLU C 431 23.68 9.10 -33.38
CA GLU C 431 22.44 9.20 -34.12
C GLU C 431 22.67 8.96 -35.60
N THR C 432 21.78 8.19 -36.22
CA THR C 432 21.87 7.87 -37.64
C THR C 432 20.61 8.25 -38.41
N GLU C 433 19.65 8.92 -37.78
CA GLU C 433 18.43 9.34 -38.44
C GLU C 433 18.09 10.76 -38.02
N THR C 434 17.27 11.42 -38.84
CA THR C 434 16.96 12.84 -38.63
C THR C 434 15.84 12.99 -37.59
N PRO C 435 16.03 13.78 -36.55
CA PRO C 435 14.95 13.97 -35.57
C PRO C 435 13.78 14.74 -36.16
N LYS C 436 12.60 14.50 -35.58
CA LYS C 436 11.36 15.12 -36.06
C LYS C 436 10.70 15.99 -34.99
N ILE C 437 11.47 16.49 -34.02
CA ILE C 437 10.93 17.32 -32.94
C ILE C 437 11.53 18.71 -33.05
N ASN C 438 10.66 19.72 -33.08
CA ASN C 438 11.09 21.10 -33.20
C ASN C 438 11.59 21.63 -31.86
N LEU C 439 12.48 22.62 -31.92
CA LEU C 439 13.02 23.20 -30.70
C LEU C 439 11.94 23.91 -29.90
N LYS C 440 11.06 24.65 -30.58
CA LYS C 440 10.00 25.37 -29.89
C LYS C 440 9.06 24.40 -29.17
N ASN C 441 8.71 23.30 -29.82
CA ASN C 441 7.86 22.29 -29.19
C ASN C 441 8.56 21.65 -28.00
N ALA C 442 9.84 21.30 -28.16
CA ALA C 442 10.55 20.61 -27.08
C ALA C 442 10.71 21.51 -25.86
N MET C 443 11.15 22.76 -26.07
CA MET C 443 11.37 23.65 -24.93
C MET C 443 10.06 23.98 -24.22
N LYS C 444 8.96 24.01 -24.95
CA LYS C 444 7.66 24.16 -24.32
C LYS C 444 7.42 23.02 -23.34
N MET C 445 6.97 23.36 -22.13
CA MET C 445 6.63 22.37 -21.12
C MET C 445 5.25 22.72 -20.58
N GLU C 446 4.26 21.89 -20.90
CA GLU C 446 2.90 22.16 -20.48
C GLU C 446 2.83 22.20 -18.96
N SER C 447 2.19 23.24 -18.43
CA SER C 447 2.06 23.38 -16.99
C SER C 447 1.05 22.36 -16.45
N GLY C 448 1.07 22.18 -15.14
CA GLY C 448 0.14 21.25 -14.53
C GLY C 448 -1.30 21.62 -14.82
N ASP C 449 -2.11 20.61 -15.11
CA ASP C 449 -3.54 20.81 -15.33
C ASP C 449 -4.29 21.14 -14.03
N SER C 450 -3.63 21.03 -12.88
CA SER C 450 -4.29 21.25 -11.61
C SER C 450 -4.98 22.60 -11.58
N ARG C 451 -6.21 22.62 -11.08
CA ARG C 451 -6.98 23.87 -11.03
C ARG C 451 -6.28 24.90 -10.16
N ASN C 452 -5.77 24.46 -9.00
CA ASN C 452 -5.10 25.35 -8.06
C ASN C 452 -3.80 24.70 -7.61
N LEU C 453 -3.05 25.44 -6.78
CA LEU C 453 -1.77 24.94 -6.29
C LEU C 453 -1.94 23.68 -5.46
N LEU C 454 -2.97 23.67 -4.60
CA LEU C 454 -3.16 22.55 -3.70
C LEU C 454 -3.56 21.27 -4.44
N GLU C 455 -4.30 21.39 -5.55
CA GLU C 455 -4.58 20.22 -6.36
C GLU C 455 -3.30 19.63 -6.93
N ALA C 456 -2.37 20.48 -7.37
CA ALA C 456 -1.08 19.98 -7.86
C ALA C 456 -0.32 19.27 -6.73
N ALA C 457 -0.34 19.86 -5.54
CA ALA C 457 0.32 19.20 -4.42
C ALA C 457 -0.27 17.83 -4.15
N THR C 458 -1.61 17.74 -4.15
CA THR C 458 -2.27 16.46 -3.92
C THR C 458 -1.91 15.46 -5.01
N GLN C 459 -1.83 15.91 -6.26
CA GLN C 459 -1.50 15.02 -7.36
C GLN C 459 -0.11 14.44 -7.18
N GLY C 460 0.87 15.29 -6.82
CA GLY C 460 2.21 14.78 -6.58
C GLY C 460 2.26 13.79 -5.44
N ALA C 461 1.58 14.12 -4.34
CA ALA C 461 1.57 13.21 -3.19
C ALA C 461 0.97 11.87 -3.57
N SER C 462 -0.14 11.87 -4.33
CA SER C 462 -0.74 10.61 -4.75
C SER C 462 0.16 9.84 -5.70
N SER C 463 0.94 10.55 -6.52
CA SER C 463 1.84 9.86 -7.43
C SER C 463 2.96 9.13 -6.70
N SER C 464 3.44 9.68 -5.59
CA SER C 464 4.63 9.12 -4.93
C SER C 464 4.44 7.69 -4.37
N ILE C 465 3.20 7.20 -4.27
CA ILE C 465 2.95 5.95 -3.55
C ILE C 465 3.66 4.77 -4.23
N SER C 466 3.47 4.63 -5.54
CA SER C 466 4.04 3.47 -6.23
C SER C 466 5.55 3.49 -6.13
N LEU C 467 6.16 4.67 -6.26
CA LEU C 467 7.61 4.76 -6.16
C LEU C 467 8.09 4.27 -4.80
N VAL C 468 7.46 4.76 -3.71
CA VAL C 468 7.93 4.35 -2.39
C VAL C 468 7.74 2.84 -2.20
N ALA C 469 6.61 2.30 -2.64
CA ALA C 469 6.35 0.88 -2.46
C ALA C 469 7.38 0.02 -3.19
N ASN C 470 7.63 0.36 -4.46
CA ASN C 470 8.60 -0.41 -5.23
C ASN C 470 9.99 -0.31 -4.62
N ILE C 471 10.39 0.87 -4.18
CA ILE C 471 11.71 1.02 -3.55
C ILE C 471 11.81 0.06 -2.37
N ALA C 472 10.81 0.09 -1.48
CA ALA C 472 10.89 -0.72 -0.27
C ALA C 472 10.98 -2.20 -0.60
N VAL C 473 10.11 -2.68 -1.49
CA VAL C 473 10.03 -4.12 -1.72
C VAL C 473 11.24 -4.61 -2.49
N ASN C 474 11.75 -3.83 -3.43
CA ASN C 474 12.99 -4.21 -4.11
C ASN C 474 14.14 -4.30 -3.12
N LEU C 475 14.24 -3.34 -2.19
CA LEU C 475 15.29 -3.42 -1.18
C LEU C 475 15.17 -4.71 -0.39
N ILE C 476 13.96 -5.05 0.07
CA ILE C 476 13.79 -6.26 0.87
C ILE C 476 14.26 -7.49 0.09
N ALA C 477 13.75 -7.65 -1.13
CA ALA C 477 14.05 -8.85 -1.89
C ALA C 477 15.54 -8.96 -2.18
N PHE C 478 16.17 -7.86 -2.62
CA PHE C 478 17.56 -7.93 -3.03
C PHE C 478 18.49 -8.14 -1.85
N LEU C 479 18.19 -7.53 -0.70
CA LEU C 479 19.04 -7.78 0.46
C LEU C 479 18.87 -9.20 0.98
N ALA C 480 17.66 -9.77 0.89
CA ALA C 480 17.51 -11.19 1.24
C ALA C 480 18.35 -12.07 0.31
N LEU C 481 18.32 -11.79 -0.99
CA LEU C 481 19.16 -12.55 -1.92
C LEU C 481 20.64 -12.37 -1.60
N LEU C 482 21.04 -11.17 -1.20
CA LEU C 482 22.44 -10.96 -0.81
C LEU C 482 22.81 -11.84 0.37
N SER C 483 21.94 -11.90 1.38
CA SER C 483 22.24 -12.73 2.54
C SER C 483 22.38 -14.19 2.14
N PHE C 484 21.48 -14.68 1.28
CA PHE C 484 21.59 -16.06 0.82
C PHE C 484 22.89 -16.29 0.07
N MET C 485 23.25 -15.35 -0.81
CA MET C 485 24.48 -15.51 -1.59
C MET C 485 25.70 -15.55 -0.68
N ASN C 486 25.74 -14.68 0.33
CA ASN C 486 26.88 -14.68 1.24
C ASN C 486 26.96 -15.98 2.01
N SER C 487 25.83 -16.50 2.48
CA SER C 487 25.84 -17.76 3.22
C SER C 487 26.35 -18.90 2.34
N ALA C 488 25.86 -18.98 1.10
CA ALA C 488 26.30 -20.04 0.21
C ALA C 488 27.77 -19.92 -0.13
N LEU C 489 28.25 -18.70 -0.38
CA LEU C 489 29.65 -18.50 -0.69
C LEU C 489 30.54 -18.90 0.48
N SER C 490 30.16 -18.52 1.70
CA SER C 490 30.94 -18.93 2.86
C SER C 490 30.94 -20.45 3.02
N TRP C 491 29.79 -21.08 2.79
CA TRP C 491 29.72 -22.54 2.87
C TRP C 491 30.66 -23.20 1.87
N LEU C 492 30.67 -22.70 0.64
CA LEU C 492 31.58 -23.26 -0.37
C LEU C 492 33.03 -23.01 0.02
N GLY C 493 33.36 -21.80 0.47
CA GLY C 493 34.73 -21.47 0.78
C GLY C 493 35.27 -22.23 1.98
N ASN C 494 34.39 -22.61 2.90
CA ASN C 494 34.84 -23.38 4.05
C ASN C 494 35.51 -24.68 3.62
N MET C 495 35.14 -25.21 2.45
CA MET C 495 35.71 -26.46 1.99
C MET C 495 37.19 -26.31 1.63
N PHE C 496 37.61 -25.13 1.21
CA PHE C 496 39.01 -24.85 0.88
C PHE C 496 39.73 -24.12 2.00
N ASP C 497 39.26 -24.24 3.23
CA ASP C 497 39.88 -23.60 4.40
C ASP C 497 39.85 -22.07 4.30
N TYR C 498 38.91 -21.53 3.53
CA TYR C 498 38.76 -20.07 3.37
C TYR C 498 37.29 -19.72 3.57
N PRO C 499 36.78 -19.82 4.79
CA PRO C 499 35.39 -19.40 5.06
C PRO C 499 35.18 -17.90 4.98
N GLN C 500 36.24 -17.09 4.95
CA GLN C 500 36.10 -15.66 4.84
C GLN C 500 35.51 -15.23 3.49
N LEU C 501 35.45 -16.13 2.52
CA LEU C 501 34.92 -15.77 1.21
C LEU C 501 33.50 -15.23 1.34
N SER C 502 33.19 -14.19 0.58
CA SER C 502 31.88 -13.56 0.60
C SER C 502 31.72 -12.71 -0.65
N PHE C 503 30.60 -11.98 -0.71
CA PHE C 503 30.30 -11.17 -1.89
C PHE C 503 31.26 -9.99 -2.01
N GLU C 504 31.56 -9.31 -0.90
CA GLU C 504 32.44 -8.16 -0.94
C GLU C 504 33.90 -8.55 -1.15
N VAL C 505 34.31 -9.73 -0.70
CA VAL C 505 35.67 -10.20 -0.94
C VAL C 505 35.87 -10.64 -2.39
N ILE C 506 34.80 -10.72 -3.17
CA ILE C 506 34.91 -10.90 -4.61
C ILE C 506 34.78 -9.58 -5.34
N CYS C 507 33.89 -8.71 -4.86
CA CYS C 507 33.77 -7.39 -5.47
C CYS C 507 35.08 -6.62 -5.36
N SER C 508 35.81 -6.76 -4.26
CA SER C 508 37.03 -6.00 -4.11
C SER C 508 38.01 -6.29 -5.23
N TYR C 509 38.15 -7.56 -5.62
CA TYR C 509 39.05 -7.92 -6.72
C TYR C 509 38.43 -7.67 -8.09
N VAL C 510 37.12 -7.84 -8.23
CA VAL C 510 36.50 -7.72 -9.55
C VAL C 510 36.59 -6.28 -10.06
N PHE C 511 36.25 -5.31 -9.22
CA PHE C 511 36.14 -3.92 -9.65
C PHE C 511 37.42 -3.11 -9.38
N MET C 512 38.50 -3.77 -8.98
CA MET C 512 39.71 -3.03 -8.65
C MET C 512 40.25 -2.21 -9.83
N PRO C 513 40.31 -2.74 -11.05
CA PRO C 513 40.87 -1.93 -12.15
C PRO C 513 40.15 -0.61 -12.37
N PHE C 514 38.82 -0.61 -12.27
CA PHE C 514 38.07 0.63 -12.47
C PHE C 514 38.43 1.67 -11.42
N ALA C 515 38.52 1.25 -10.16
CA ALA C 515 38.91 2.18 -9.11
C ALA C 515 40.33 2.69 -9.31
N PHE C 516 41.24 1.81 -9.73
CA PHE C 516 42.62 2.24 -9.94
C PHE C 516 42.71 3.27 -11.07
N MET C 517 42.00 3.04 -12.17
CA MET C 517 42.05 3.99 -13.28
C MET C 517 41.46 5.34 -12.90
N MET C 518 40.49 5.35 -11.98
CA MET C 518 39.85 6.60 -11.60
C MET C 518 40.80 7.56 -10.91
N GLY C 519 41.97 7.09 -10.48
CA GLY C 519 42.95 7.93 -9.82
C GLY C 519 43.23 7.56 -8.37
N VAL C 520 42.45 6.64 -7.80
CA VAL C 520 42.71 6.20 -6.44
C VAL C 520 44.02 5.44 -6.39
N ASP C 521 44.73 5.57 -5.26
CA ASP C 521 46.00 4.87 -5.11
C ASP C 521 45.77 3.37 -5.03
N TRP C 522 46.86 2.61 -5.07
CA TRP C 522 46.75 1.15 -5.09
C TRP C 522 46.10 0.64 -3.80
N GLN C 523 46.57 1.10 -2.65
CA GLN C 523 46.14 0.53 -1.38
C GLN C 523 44.65 0.74 -1.15
N ASP C 524 44.14 1.92 -1.50
CA ASP C 524 42.76 2.28 -1.22
C ASP C 524 41.80 1.93 -2.37
N SER C 525 42.28 1.27 -3.42
CA SER C 525 41.42 0.96 -4.55
C SER C 525 40.47 -0.17 -4.24
N PHE C 526 40.83 -1.07 -3.31
CA PHE C 526 39.96 -2.20 -3.00
C PHE C 526 38.70 -1.75 -2.26
N MET C 527 38.83 -0.81 -1.34
CA MET C 527 37.64 -0.34 -0.63
C MET C 527 36.69 0.39 -1.56
N VAL C 528 37.22 1.25 -2.43
CA VAL C 528 36.39 1.90 -3.44
C VAL C 528 35.78 0.86 -4.37
N ALA C 529 36.49 -0.23 -4.63
CA ALA C 529 35.93 -1.30 -5.45
C ALA C 529 34.74 -1.95 -4.77
N LYS C 530 34.84 -2.21 -3.47
CA LYS C 530 33.69 -2.75 -2.75
C LYS C 530 32.51 -1.81 -2.82
N LEU C 531 32.76 -0.50 -2.65
CA LEU C 531 31.68 0.48 -2.73
C LEU C 531 31.03 0.47 -4.12
N ILE C 532 31.85 0.40 -5.16
CA ILE C 532 31.33 0.38 -6.51
C ILE C 532 30.47 -0.85 -6.75
N GLY C 533 30.90 -2.01 -6.23
CA GLY C 533 30.10 -3.21 -6.37
C GLY C 533 28.77 -3.09 -5.66
N TYR C 534 28.78 -2.60 -4.42
CA TYR C 534 27.53 -2.39 -3.69
C TYR C 534 26.59 -1.48 -4.47
N LYS C 535 27.14 -0.41 -5.06
CA LYS C 535 26.28 0.53 -5.79
C LYS C 535 25.77 -0.09 -7.09
N THR C 536 26.58 -0.92 -7.75
CA THR C 536 26.15 -1.50 -9.01
C THR C 536 25.03 -2.51 -8.80
N PHE C 537 25.19 -3.41 -7.83
CA PHE C 537 24.17 -4.44 -7.64
C PHE C 537 23.00 -3.93 -6.81
N PHE C 538 23.30 -3.24 -5.71
CA PHE C 538 22.29 -2.62 -4.85
C PHE C 538 22.36 -1.11 -5.02
N ASN C 539 21.31 -0.43 -4.58
CA ASN C 539 21.19 0.99 -4.87
C ASN C 539 22.30 1.77 -4.15
N GLU C 540 22.49 3.02 -4.58
CA GLU C 540 23.55 3.85 -4.05
C GLU C 540 23.35 4.23 -2.59
N PHE C 541 22.17 3.99 -2.03
CA PHE C 541 21.94 4.30 -0.62
C PHE C 541 22.89 3.50 0.27
N VAL C 542 23.00 2.20 0.01
CA VAL C 542 23.85 1.36 0.86
C VAL C 542 25.32 1.71 0.65
N ALA C 543 25.71 2.00 -0.59
CA ALA C 543 27.10 2.38 -0.85
C ALA C 543 27.45 3.66 -0.12
N TYR C 544 26.56 4.65 -0.15
CA TYR C 544 26.81 5.88 0.59
C TYR C 544 26.82 5.64 2.09
N GLN C 545 26.04 4.69 2.58
CA GLN C 545 26.08 4.35 3.99
C GLN C 545 27.45 3.81 4.39
N GLN C 546 27.99 2.89 3.58
CA GLN C 546 29.33 2.37 3.87
C GLN C 546 30.35 3.50 3.81
N LEU C 547 30.23 4.38 2.81
CA LEU C 547 31.17 5.49 2.69
C LEU C 547 31.09 6.40 3.91
N SER C 548 29.88 6.66 4.41
CA SER C 548 29.74 7.49 5.60
C SER C 548 30.41 6.84 6.79
N LYS C 549 30.29 5.52 6.93
CA LYS C 549 30.95 4.83 8.02
C LYS C 549 32.46 4.98 7.93
N LEU C 550 33.03 4.83 6.73
CA LEU C 550 34.47 4.98 6.58
C LEU C 550 34.91 6.42 6.87
N ILE C 551 34.13 7.40 6.42
CA ILE C 551 34.47 8.80 6.70
C ILE C 551 34.41 9.06 8.20
N SER C 552 33.41 8.51 8.88
CA SER C 552 33.33 8.65 10.33
C SER C 552 34.53 8.01 11.01
N LEU C 553 34.94 6.82 10.54
CA LEU C 553 36.11 6.18 11.11
C LEU C 553 37.35 7.04 10.93
N ARG C 554 37.53 7.64 9.75
CA ARG C 554 38.67 8.51 9.56
C ARG C 554 38.60 9.72 10.48
N GLN C 555 37.45 10.39 10.55
CA GLN C 555 37.34 11.61 11.33
C GLN C 555 37.59 11.35 12.80
N VAL C 556 37.06 10.25 13.33
CA VAL C 556 37.27 9.94 14.74
C VAL C 556 38.75 9.73 15.03
N GLY C 557 39.50 9.21 14.06
CA GLY C 557 40.90 8.92 14.27
C GLY C 557 41.09 7.50 14.76
N GLY C 558 42.35 7.20 15.08
CA GLY C 558 42.72 5.87 15.52
C GLY C 558 43.67 5.20 14.55
N PRO C 559 44.00 3.94 14.80
CA PRO C 559 44.99 3.25 13.96
C PRO C 559 44.50 3.14 12.52
N LYS C 560 45.41 3.43 11.59
CA LYS C 560 45.08 3.24 10.18
C LYS C 560 44.82 1.76 9.88
N PHE C 561 45.65 0.88 10.43
CA PHE C 561 45.51 -0.56 10.27
C PHE C 561 45.43 -1.17 11.67
N VAL C 562 44.20 -1.45 12.13
CA VAL C 562 44.04 -2.15 13.40
C VAL C 562 44.63 -3.55 13.29
N ASP C 563 44.52 -4.16 12.12
CA ASP C 563 45.04 -5.49 11.86
C ASP C 563 45.47 -5.52 10.39
N GLY C 564 45.58 -6.72 9.83
CA GLY C 564 45.86 -6.83 8.40
C GLY C 564 44.73 -6.31 7.54
N VAL C 565 43.68 -5.75 8.15
CA VAL C 565 42.56 -5.14 7.45
C VAL C 565 42.58 -3.65 7.68
N GLN C 566 42.52 -2.88 6.60
CA GLN C 566 42.50 -1.42 6.70
C GLN C 566 41.15 -0.95 7.22
N GLN C 567 41.17 0.14 7.98
CA GLN C 567 39.96 0.68 8.61
C GLN C 567 39.35 1.82 7.83
N TYR C 568 40.12 2.85 7.51
CA TYR C 568 39.61 4.01 6.78
C TYR C 568 40.61 4.41 5.70
N MET C 569 40.11 5.13 4.71
CA MET C 569 40.90 5.52 3.55
C MET C 569 41.08 7.04 3.51
N SER C 570 41.97 7.48 2.61
CA SER C 570 42.37 8.86 2.54
C SER C 570 41.19 9.78 2.21
N MET C 571 41.45 11.09 2.25
CA MET C 571 40.42 12.06 1.96
C MET C 571 40.13 12.15 0.46
N ARG C 572 41.18 12.17 -0.36
CA ARG C 572 40.98 12.28 -1.80
C ARG C 572 40.23 11.08 -2.35
N SER C 573 40.50 9.89 -1.81
CA SER C 573 39.74 8.72 -2.20
C SER C 573 38.27 8.88 -1.84
N GLU C 574 37.99 9.54 -0.70
CA GLU C 574 36.60 9.78 -0.33
C GLU C 574 35.92 10.73 -1.30
N ALA C 575 36.60 11.78 -1.73
CA ALA C 575 36.01 12.66 -2.73
C ALA C 575 35.77 11.92 -4.05
N ILE C 576 36.74 11.13 -4.48
CA ILE C 576 36.60 10.41 -5.74
C ILE C 576 35.46 9.41 -5.67
N SER C 577 35.33 8.71 -4.54
CA SER C 577 34.21 7.79 -4.37
C SER C 577 32.88 8.52 -4.28
N THR C 578 32.88 9.73 -3.71
CA THR C 578 31.67 10.55 -3.72
C THR C 578 31.24 10.84 -5.15
N TYR C 579 32.19 11.19 -6.00
CA TYR C 579 31.87 11.48 -7.40
C TYR C 579 31.41 10.23 -8.14
N ALA C 580 32.08 9.10 -7.92
CA ALA C 580 31.80 7.90 -8.71
C ALA C 580 30.45 7.28 -8.38
N LEU C 581 29.98 7.41 -7.14
CA LEU C 581 28.75 6.76 -6.72
C LEU C 581 27.51 7.61 -6.97
N CYS C 582 27.65 8.83 -7.47
CA CYS C 582 26.52 9.76 -7.57
C CYS C 582 25.71 9.44 -8.81
N GLY C 583 24.84 8.43 -8.69
CA GLY C 583 24.00 8.01 -9.80
C GLY C 583 22.91 7.09 -9.34
N PHE C 584 22.04 6.73 -10.28
CA PHE C 584 20.94 5.79 -10.05
C PHE C 584 21.07 4.53 -10.89
N ALA C 585 22.27 4.20 -11.36
CA ALA C 585 22.46 3.02 -12.21
C ALA C 585 22.49 1.78 -11.33
N ASN C 586 21.42 0.99 -11.38
CA ASN C 586 21.32 -0.26 -10.63
C ASN C 586 20.72 -1.33 -11.52
N PHE C 587 21.06 -2.58 -11.21
CA PHE C 587 20.34 -3.70 -11.82
C PHE C 587 18.89 -3.72 -11.38
N GLY C 588 18.64 -3.41 -10.10
CA GLY C 588 17.29 -3.39 -9.60
C GLY C 588 16.41 -2.31 -10.22
N SER C 589 17.01 -1.16 -10.56
CA SER C 589 16.27 -0.07 -11.18
C SER C 589 16.18 -0.20 -12.69
N LEU C 590 16.89 -1.16 -13.29
CA LEU C 590 16.76 -1.39 -14.72
C LEU C 590 15.34 -1.74 -15.12
N GLY C 591 14.59 -2.36 -14.22
CA GLY C 591 13.23 -2.76 -14.53
C GLY C 591 12.23 -1.62 -14.40
N ILE C 592 12.33 -0.87 -13.30
CA ILE C 592 11.34 0.16 -13.00
C ILE C 592 11.35 1.24 -14.07
N VAL C 593 12.53 1.63 -14.52
CA VAL C 593 12.63 2.64 -15.57
C VAL C 593 11.90 2.19 -16.83
N ILE C 594 12.16 0.95 -17.25
CA ILE C 594 11.48 0.40 -18.42
C ILE C 594 9.98 0.40 -18.19
N GLY C 595 9.55 -0.11 -17.03
CA GLY C 595 8.13 -0.17 -16.74
C GLY C 595 7.46 1.19 -16.80
N GLY C 596 8.12 2.22 -16.30
CA GLY C 596 7.52 3.55 -16.36
C GLY C 596 7.50 4.10 -17.78
N LEU C 597 8.64 4.00 -18.46
CA LEU C 597 8.77 4.63 -19.78
C LEU C 597 7.86 3.97 -20.81
N THR C 598 7.68 2.65 -20.73
CA THR C 598 6.69 2.00 -21.59
C THR C 598 5.28 2.45 -21.25
N SER C 599 5.01 2.74 -19.97
CA SER C 599 3.70 3.28 -19.61
C SER C 599 3.50 4.66 -20.25
N MET C 600 4.56 5.46 -20.32
CA MET C 600 4.44 6.78 -20.94
C MET C 600 4.21 6.67 -22.44
N ALA C 601 4.94 5.79 -23.12
CA ALA C 601 4.88 5.62 -24.57
C ALA C 601 4.78 4.15 -24.93
N PRO C 602 3.59 3.56 -24.87
CA PRO C 602 3.47 2.12 -25.19
C PRO C 602 3.99 1.77 -26.57
N SER C 603 3.75 2.61 -27.57
CA SER C 603 4.12 2.27 -28.94
C SER C 603 5.62 2.01 -29.06
N ARG C 604 6.43 2.58 -28.17
CA ARG C 604 7.87 2.47 -28.22
C ARG C 604 8.41 1.30 -27.40
N LYS C 605 7.53 0.42 -26.92
CA LYS C 605 7.99 -0.63 -26.01
C LYS C 605 9.15 -1.42 -26.59
N ARG C 606 9.00 -1.93 -27.81
CA ARG C 606 10.05 -2.74 -28.41
C ARG C 606 11.38 -1.99 -28.43
N ASP C 607 11.35 -0.67 -28.59
CA ASP C 607 12.60 0.10 -28.60
C ASP C 607 13.16 0.27 -27.20
N ILE C 608 12.28 0.46 -26.21
CA ILE C 608 12.74 0.75 -24.85
C ILE C 608 13.58 -0.40 -24.32
N THR C 609 13.07 -1.63 -24.46
CA THR C 609 13.78 -2.79 -23.93
C THR C 609 15.07 -3.07 -24.68
N ALA C 610 15.22 -2.55 -25.89
CA ALA C 610 16.43 -2.79 -26.66
C ALA C 610 17.61 -1.99 -26.10
N GLY C 611 17.39 -0.72 -25.75
CA GLY C 611 18.46 0.15 -25.34
C GLY C 611 18.52 0.42 -23.85
N ALA C 612 18.13 -0.55 -23.02
CA ALA C 612 18.14 -0.34 -21.58
C ALA C 612 19.52 -0.65 -20.98
N MET C 613 20.05 -1.84 -21.24
CA MET C 613 21.32 -2.22 -20.63
C MET C 613 22.46 -1.34 -21.13
N ARG C 614 22.48 -1.02 -22.42
CA ARG C 614 23.48 -0.09 -22.92
C ARG C 614 23.35 1.26 -22.23
N ALA C 615 22.12 1.71 -21.99
CA ALA C 615 21.94 2.96 -21.27
C ALA C 615 22.50 2.88 -19.85
N LEU C 616 22.29 1.75 -19.19
CA LEU C 616 22.82 1.58 -17.83
C LEU C 616 24.34 1.64 -17.82
N ILE C 617 24.98 0.94 -18.78
CA ILE C 617 26.44 0.96 -18.86
C ILE C 617 26.94 2.37 -19.18
N ALA C 618 26.22 3.08 -20.07
CA ALA C 618 26.60 4.45 -20.38
C ALA C 618 26.50 5.34 -19.16
N GLY C 619 25.48 5.14 -18.33
CA GLY C 619 25.36 5.92 -17.11
C GLY C 619 26.50 5.66 -16.15
N THR C 620 26.86 4.39 -15.96
CA THR C 620 28.00 4.09 -15.09
C THR C 620 29.28 4.70 -15.62
N ILE C 621 29.50 4.65 -16.94
CA ILE C 621 30.71 5.23 -17.50
C ILE C 621 30.71 6.75 -17.31
N ALA C 622 29.53 7.38 -17.40
CA ALA C 622 29.45 8.81 -17.13
C ALA C 622 29.83 9.14 -15.70
N CYS C 623 29.36 8.33 -14.75
CA CYS C 623 29.78 8.51 -13.36
C CYS C 623 31.28 8.40 -13.23
N PHE C 624 31.88 7.40 -13.88
CA PHE C 624 33.33 7.23 -13.79
C PHE C 624 34.07 8.41 -14.41
N LEU C 625 33.56 8.96 -15.52
CA LEU C 625 34.20 10.13 -16.12
C LEU C 625 34.17 11.32 -15.17
N THR C 626 33.03 11.55 -14.52
CA THR C 626 32.98 12.65 -13.56
C THR C 626 33.99 12.42 -12.45
N ALA C 627 34.11 11.18 -11.98
CA ALA C 627 35.07 10.89 -10.92
C ALA C 627 36.51 11.13 -11.39
N CYS C 628 36.83 10.75 -12.63
CA CYS C 628 38.17 10.98 -13.14
C CYS C 628 38.48 12.48 -13.22
N ILE C 629 37.55 13.26 -13.73
CA ILE C 629 37.78 14.71 -13.83
C ILE C 629 37.93 15.31 -12.44
N ALA C 630 37.14 14.85 -11.48
CA ALA C 630 37.27 15.35 -10.12
C ALA C 630 38.63 14.97 -9.51
N GLY C 631 39.06 13.73 -9.73
CA GLY C 631 40.33 13.30 -9.17
C GLY C 631 41.52 13.98 -9.80
N MET C 632 41.40 14.39 -11.06
CA MET C 632 42.51 15.09 -11.71
C MET C 632 42.74 16.48 -11.12
N LEU C 633 41.75 17.04 -10.42
CA LEU C 633 41.82 18.41 -9.91
C LEU C 633 41.95 18.49 -8.40
N THR C 634 42.07 17.35 -7.72
CA THR C 634 42.12 17.31 -6.26
C THR C 634 43.51 16.93 -5.81
N ASN C 635 44.10 17.78 -4.97
CA ASN C 635 45.46 17.55 -4.48
C ASN C 635 45.44 16.59 -3.30
N THR C 636 46.49 15.77 -3.21
CA THR C 636 46.54 14.77 -2.15
C THR C 636 46.67 15.45 -0.80
N PRO C 637 46.06 14.89 0.26
CA PRO C 637 46.15 15.50 1.58
C PRO C 637 47.55 15.39 2.20
C10 XMO D . -1.45 -17.75 11.19
C11 XMO D . -0.58 -16.79 11.16
C01 XMO D . 0.67 -13.94 15.20
C02 XMO D . 2.05 -14.58 15.05
C03 XMO D . 2.99 -14.09 16.10
C04 XMO D . 1.93 -16.12 15.04
C07 XMO D . 0.24 -17.83 14.53
C08 XMO D . -0.78 -17.27 13.54
C09 XMO D . -1.33 -18.40 12.64
C14 XMO D . 1.86 -17.40 11.23
C15 XMO D . 3.12 -17.80 10.52
C16 XMO D . 3.11 -17.99 9.03
C18 XMO D . 0.63 -17.38 8.99
N13 XMO D . 0.63 -17.19 10.47
N17 XMO D . 1.89 -17.78 8.28
N20 XMO D . 4.31 -18.38 8.36
O05 XMO D . 2.85 -16.76 14.74
O06 XMO D . 0.64 -16.75 15.41
O12 XMO D . -0.20 -16.40 12.75
O19 XMO D . -0.34 -17.21 8.39
O21 XMO D . 5.51 -18.59 9.11
O22 XMO D . -2.78 -17.19 11.04
O23 XMO D . -2.52 -18.79 13.05
C1 LBN E . -6.16 -49.64 -7.82
P1 LBN E . -7.89 -48.55 -9.50
C2 LBN E . -6.30 -50.29 -6.43
C3 LBN E . -5.12 -51.21 -6.21
C5 LBN E . 0.98 -48.34 1.98
O1 LBN E . -7.20 -48.70 -7.98
O2 LBN E . -8.90 -49.64 -9.70
O3 LBN E . -8.56 -47.20 -9.60
O4 LBN E . -6.72 -48.68 -10.65
C25 LBN E . -2.83 -51.05 -5.75
O5 LBN E . -4.11 -50.49 -5.56
C26 LBN E . -2.33 -52.17 -4.84
O6 LBN E . -2.14 -50.63 -6.62
C27 LBN E . -2.22 -51.74 -3.37
C28 LBN E . -1.65 -52.86 -2.46
C29 LBN E . -0.14 -52.71 -2.22
C30 LBN E . 0.18 -51.86 -0.98
C31 LBN E . 1.64 -52.05 -0.51
C34 LBN E . -7.26 -49.58 -4.38
O7 LBN E . -6.33 -49.30 -5.43
C35 LBN E . -6.76 -50.22 -3.06
O8 LBN E . -8.41 -49.36 -4.54
C36 LBN E . -5.81 -49.30 -2.25
C37 LBN E . -5.51 -49.88 -0.88
C38 LBN E . -4.42 -49.12 -0.11
C39 LBN E . -3.01 -49.63 -0.41
C40 LBN E . -1.94 -48.67 0.14
C41 LBN E . -1.33 -49.14 1.48
C42 LBN E . -0.33 -48.08 1.97
C10 XMO F . -11.92 12.51 3.64
C11 XMO F . -11.31 11.38 3.68
C01 XMO F . -7.44 9.46 8.93
C02 XMO F . -8.87 9.87 8.63
C03 XMO F . -9.76 9.55 9.78
C04 XMO F . -8.94 11.36 8.24
C07 XMO F . -9.51 13.00 6.50
C08 XMO F . -9.85 12.75 5.03
C09 XMO F . -11.14 13.52 4.60
C14 XMO F . -12.13 9.68 5.35
C15 XMO F . -13.06 8.57 5.72
C16 XMO F . -14.09 8.11 4.72
C18 XMO F . -13.23 9.85 3.06
N13 XMO F . -12.22 10.32 4.03
N17 XMO F . -14.17 8.74 3.43
N20 XMO F . -15.00 7.05 5.07
O05 XMO F . -8.21 12.11 8.73
O06 XMO F . -9.93 11.83 7.24
O12 XMO F . -10.13 11.48 4.87
O19 XMO F . -13.30 10.35 2.01
O21 XMO F . -14.92 6.41 6.35
O22 XMO F . -11.87 13.04 2.28
O23 XMO F . -10.81 14.60 3.92
C10 XMO G . 16.34 4.61 -7.74
C11 XMO G . 15.19 4.69 -7.17
C01 XMO G . 15.46 5.18 -0.05
C02 XMO G . 15.54 5.99 -1.35
C03 XMO G . 15.65 7.45 -1.06
C04 XMO G . 16.71 5.51 -2.25
C07 XMO G . 17.12 3.97 -4.10
C08 XMO G . 16.55 3.61 -5.48
C09 XMO G . 17.40 4.25 -6.62
C14 XMO G . 14.93 6.84 -5.93
C15 XMO G . 14.44 8.25 -5.87
C16 XMO G . 13.75 8.85 -7.06
C18 XMO G . 14.03 6.64 -8.30
N13 XMO G . 14.73 6.05 -7.13
N17 XMO G . 13.55 8.06 -8.25
N20 XMO G . 13.28 10.21 -7.00
O05 XMO G . 17.77 5.40 -1.81
O06 XMO G . 16.45 5.19 -3.66
O12 XMO G . 15.36 4.11 -5.61
O19 XMO G . 13.88 6.00 -9.26
O21 XMO G . 13.49 10.99 -5.81
O22 XMO G . 16.33 3.52 -8.72
O23 XMO G . 18.26 3.38 -7.09
#